data_8QMO
#
_entry.id   8QMO
#
_cell.length_a   1.00
_cell.length_b   1.00
_cell.length_c   1.00
_cell.angle_alpha   90.00
_cell.angle_beta   90.00
_cell.angle_gamma   90.00
#
_symmetry.space_group_name_H-M   'P 1'
#
loop_
_entity.id
_entity.type
_entity.pdbx_description
1 polymer 'Heat shock protein HSP 90-beta'
2 polymer 'AH receptor-interacting protein'
3 polymer 'Aryl hydrocarbon receptor'
4 non-polymer 'MOLYBDATE ION'
5 non-polymer "ADENOSINE-5'-DIPHOSPHATE"
6 non-polymer 'MAGNESIUM ION'
7 non-polymer benzo[a]pyrene
#
loop_
_entity_poly.entity_id
_entity_poly.type
_entity_poly.pdbx_seq_one_letter_code
_entity_poly.pdbx_strand_id
1 'polypeptide(L)'
;MHHHHHHPEEVHHGEEEVETFAFQAEIAQLMSLIINTFYSNKEIFLRELISNASDALDKIRYESLTDPSKLDSGKELKID
IIPNPQERTLTLVDTGIGMTKADLINNLGTIAKSGTKAFMEALQAGADISMIGQFGVGFYSAYLVAEKVVVITKHNDDEQ
YAWESSAGGSFTVRADHGEPIGRGTKVILHLKEDQTEYLEERRVKEVVKKHSQFIGYPITLYLEKEREKEISDDEAEEEK
GEKEEEDKDDEEKPKIEDVGSDEEDDSGKDKKKKTKKIKEKYIDQEELNKTKPIWTRNPDDITQEEYGEFYKSLTNDWED
HLAVKHFSVEGQLEFRALLFIPRRAPFDLFENKKKKNNIKLYVRRVFIMDSCDELIPEYLNFIRGVVDSEDLPLNISREM
LQQSKILKVIRKNIVKKCLELFSELAEDKENYKKFYEAFSKNLKLGIHEDSTNRRRLSELLRYHTSQSGDEMTSLSEYVS
RMKETQKSIYYITGESKEQVANSAFVERVRKRGFEVVYMTEPIDEYCVQQLKEFDGKSLVSVTKEGLELPEDEEEKKKME
ESKAKFENLCKLMKEILDKKVEKVTISNRLVSSPCCIVTSTYGWTANMERIMKAQALRDNSTMGYMMAKKHLEINPDHPI
VETLRQKAEADKNDKAVKDLVVLLFETALLSSGFSLEDPQTHSNRIYRMIKLGLGIDEDEVAAEEPNAAVPDEIPPLEGD
EDASRMEEVD
;
A,B
2 'polypeptide(L)'
;MADIIARLREDGIQKRVIQEGRGELPDFQDGTKATFHYRTLHSDDEGTVLDDSRARGKPMELIIGKKFKLPVWETIVCTM
REGEIAQFLCDIKHVVLYPLVAKSLRNIAVGKDPLEGQRHCCGVAQMREHSSLGHADLDALQQNPQPLIFHMEMLKVESP
GTYQQDPWAMTDEEKAKAVPLIHQEGNRLYREGHVKEAAAKYYDAIACLKNLQMKEQPGSPEWIQLDQQITPLLLNYCQC
KLVVEEYYEVLDHCSSILNKYDDNVKAYFKRGKAHAAVWNAQEAQADFAKVLELDPALAPVVSRELQALEARIRQKDEED
KARFRGIFSH
;
C
3 'polypeptide(L)'
;GAPNSSSANITYASRKRRKPVQKTVKPIPAEGIKSNPSKRHRDRLNTELDRLASLLPFPQDVINKLDKLSVLRLSVSYLR
AKSFFDVALKSSPTERNGGQDNCRAANFREGLNLQEGEFLLQALNGFVLVVTTDALVFYASSTIQDYLGFQQSDVIHQSV
YELIHTEDRAEFQRQLHWALNPSQCTESGQGIEEATGLPQTVVCYNPDQIPPENSPLMERCFICRLRCLLDNSSGFLAMN
FQGKLKYLHGQKKKGKDGSILPPQLALFAIATPLQPPSILEIRTKNFIFRTKHKLDFTPIGCDAKGRIVLGYTEAELCTR
GSGYQFIHAADMLYCAESHIRMIKTGESGMIVFRLLTKNNRWTWVQSNARLLYKNGRPDYIIVTQRPLTDEEGTEHLRKR
NTKLPFMFTTGEAVLYEATNPFPAIMDPLPLRTKNGTSG
;
D
#
# COMPACT_ATOMS: atom_id res chain seq x y z
N GLU A 17 1.44 -52.38 -54.72
CA GLU A 17 2.45 -51.35 -54.94
C GLU A 17 2.30 -50.21 -53.94
N VAL A 18 3.36 -49.44 -53.76
CA VAL A 18 3.41 -48.36 -52.78
C VAL A 18 3.79 -47.08 -53.50
N GLU A 19 2.91 -46.08 -53.44
CA GLU A 19 3.19 -44.78 -54.01
C GLU A 19 3.90 -43.90 -52.99
N THR A 20 4.62 -42.90 -53.50
CA THR A 20 5.36 -41.96 -52.66
C THR A 20 5.07 -40.55 -53.12
N PHE A 21 4.83 -39.67 -52.16
CA PHE A 21 4.56 -38.27 -52.43
C PHE A 21 5.39 -37.40 -51.49
N ALA A 22 5.61 -36.16 -51.90
CA ALA A 22 6.23 -35.15 -51.06
C ALA A 22 5.16 -34.33 -50.36
N PHE A 23 5.55 -33.66 -49.29
CA PHE A 23 4.64 -32.79 -48.57
C PHE A 23 4.49 -31.46 -49.29
N GLN A 24 3.26 -30.97 -49.34
CA GLN A 24 2.93 -29.71 -50.00
C GLN A 24 2.50 -28.68 -48.96
N ALA A 25 2.15 -27.49 -49.44
CA ALA A 25 1.64 -26.43 -48.58
C ALA A 25 0.67 -25.57 -49.38
N GLU A 26 -0.39 -25.11 -48.71
CA GLU A 26 -1.35 -24.20 -49.30
C GLU A 26 -0.93 -22.78 -48.93
N ILE A 27 -0.45 -22.03 -49.91
CA ILE A 27 0.26 -20.77 -49.62
C ILE A 27 -0.69 -19.75 -49.01
N ALA A 28 -1.88 -19.58 -49.60
CA ALA A 28 -2.77 -18.53 -49.13
C ALA A 28 -3.20 -18.76 -47.68
N GLN A 29 -3.58 -19.98 -47.35
CA GLN A 29 -3.97 -20.29 -45.99
C GLN A 29 -2.80 -20.19 -45.03
N LEU A 30 -1.59 -20.56 -45.48
CA LEU A 30 -0.42 -20.40 -44.64
C LEU A 30 -0.17 -18.93 -44.30
N MET A 31 -0.28 -18.06 -45.31
CA MET A 31 -0.14 -16.63 -45.06
C MET A 31 -1.22 -16.14 -44.10
N SER A 32 -2.45 -16.59 -44.29
CA SER A 32 -3.53 -16.18 -43.40
C SER A 32 -3.24 -16.60 -41.97
N LEU A 33 -2.76 -17.83 -41.77
CA LEU A 33 -2.41 -18.28 -40.44
C LEU A 33 -1.30 -17.43 -39.83
N ILE A 34 -0.26 -17.14 -40.62
CA ILE A 34 0.84 -16.33 -40.10
C ILE A 34 0.33 -14.97 -39.66
N ILE A 35 -0.57 -14.38 -40.44
CA ILE A 35 -1.00 -13.01 -40.14
C ILE A 35 -2.09 -12.95 -39.09
N ASN A 36 -2.81 -14.04 -38.85
CA ASN A 36 -4.00 -13.98 -38.00
C ASN A 36 -3.93 -14.83 -36.73
N THR A 37 -2.97 -15.75 -36.60
CA THR A 37 -2.97 -16.68 -35.48
C THR A 37 -1.64 -16.83 -34.76
N PHE A 38 -0.58 -16.18 -35.22
CA PHE A 38 0.74 -16.39 -34.64
C PHE A 38 1.01 -15.43 -33.48
N TYR A 39 0.63 -14.16 -33.60
CA TYR A 39 0.94 -13.14 -32.62
C TYR A 39 -0.34 -12.51 -32.11
N SER A 40 -0.49 -12.47 -30.79
CA SER A 40 -1.67 -11.86 -30.17
C SER A 40 -1.51 -10.36 -29.92
N ASN A 41 -0.30 -9.83 -30.08
CA ASN A 41 -0.04 -8.41 -29.88
CA ASN A 41 -0.04 -8.41 -29.88
C ASN A 41 0.46 -7.82 -31.18
N LYS A 42 -0.20 -6.76 -31.64
CA LYS A 42 0.17 -6.14 -32.91
C LYS A 42 1.45 -5.32 -32.80
N GLU A 43 1.84 -4.91 -31.60
CA GLU A 43 3.02 -4.06 -31.43
C GLU A 43 4.33 -4.80 -31.66
N ILE A 44 4.30 -6.13 -31.70
CA ILE A 44 5.53 -6.90 -31.89
C ILE A 44 6.07 -6.82 -33.31
N PHE A 45 5.36 -6.14 -34.22
CA PHE A 45 5.87 -5.98 -35.58
C PHE A 45 7.15 -5.15 -35.58
N LEU A 46 7.22 -4.11 -34.75
CA LEU A 46 8.42 -3.28 -34.69
C LEU A 46 9.59 -4.07 -34.12
N ARG A 47 9.33 -4.94 -33.15
CA ARG A 47 10.39 -5.78 -32.61
C ARG A 47 10.99 -6.65 -33.70
N GLU A 48 10.14 -7.25 -34.54
CA GLU A 48 10.64 -8.13 -35.59
C GLU A 48 11.49 -7.37 -36.59
N LEU A 49 11.04 -6.18 -37.01
CA LEU A 49 11.80 -5.41 -37.99
C LEU A 49 13.13 -4.95 -37.41
N ILE A 50 13.13 -4.51 -36.15
CA ILE A 50 14.38 -4.07 -35.53
C ILE A 50 15.33 -5.26 -35.37
N SER A 51 14.79 -6.44 -35.05
CA SER A 51 15.63 -7.63 -34.98
C SER A 51 16.25 -7.96 -36.34
N ASN A 52 15.45 -7.83 -37.41
CA ASN A 52 15.99 -8.07 -38.75
C ASN A 52 17.09 -7.07 -39.09
N ALA A 53 16.88 -5.80 -38.75
CA ALA A 53 17.90 -4.79 -39.01
C ALA A 53 19.17 -5.08 -38.22
N SER A 54 19.03 -5.49 -36.96
CA SER A 54 20.20 -5.85 -36.17
C SER A 54 20.93 -7.04 -36.77
N ASP A 55 20.19 -8.04 -37.26
CA ASP A 55 20.82 -9.17 -37.91
C ASP A 55 21.60 -8.74 -39.14
N ALA A 56 21.02 -7.85 -39.96
CA ALA A 56 21.71 -7.39 -41.15
C ALA A 56 22.97 -6.61 -40.79
N LEU A 57 22.90 -5.77 -39.75
CA LEU A 57 24.07 -5.03 -39.31
C LEU A 57 25.15 -5.98 -38.80
N ASP A 58 24.73 -7.04 -38.13
CA ASP A 58 25.67 -8.04 -37.63
C ASP A 58 26.35 -8.72 -38.81
N LYS A 59 25.58 -9.03 -39.85
CA LYS A 59 26.11 -9.71 -41.03
C LYS A 59 27.14 -8.83 -41.74
N ILE A 60 26.84 -7.55 -41.91
CA ILE A 60 27.80 -6.69 -42.61
C ILE A 60 29.03 -6.46 -41.74
N ARG A 61 28.85 -6.30 -40.43
CA ARG A 61 30.00 -6.08 -39.57
C ARG A 61 30.95 -7.28 -39.57
N TYR A 62 30.39 -8.50 -39.55
CA TYR A 62 31.23 -9.69 -39.56
C TYR A 62 32.04 -9.78 -40.85
N GLU A 63 31.40 -9.48 -42.00
CA GLU A 63 32.10 -9.61 -43.27
C GLU A 63 33.27 -8.66 -43.37
N SER A 64 33.11 -7.44 -42.87
CA SER A 64 34.17 -6.44 -42.94
C SER A 64 35.37 -6.77 -42.06
N LEU A 65 35.22 -7.70 -41.11
CA LEU A 65 36.33 -8.04 -40.23
C LEU A 65 37.51 -8.57 -41.02
N THR A 66 37.25 -9.46 -41.98
CA THR A 66 38.29 -10.05 -42.82
C THR A 66 38.46 -9.34 -44.14
N ASP A 67 37.67 -8.29 -44.42
CA ASP A 67 37.73 -7.56 -45.67
C ASP A 67 37.19 -6.16 -45.44
N PRO A 68 38.03 -5.24 -44.96
CA PRO A 68 37.53 -3.90 -44.61
C PRO A 68 36.93 -3.14 -45.78
N SER A 69 37.24 -3.53 -47.02
CA SER A 69 36.73 -2.82 -48.18
C SER A 69 35.21 -2.92 -48.31
N LYS A 70 34.57 -3.83 -47.58
CA LYS A 70 33.11 -3.95 -47.66
C LYS A 70 32.43 -2.66 -47.21
N LEU A 71 32.97 -2.02 -46.17
CA LEU A 71 32.35 -0.82 -45.60
C LEU A 71 32.78 0.44 -46.37
N ASP A 72 32.61 0.41 -47.69
CA ASP A 72 32.92 1.55 -48.54
C ASP A 72 31.70 2.38 -48.88
N SER A 73 30.50 1.81 -48.82
CA SER A 73 29.27 2.55 -49.04
C SER A 73 28.75 3.23 -47.78
N GLY A 74 29.56 3.28 -46.73
CA GLY A 74 29.17 3.87 -45.46
C GLY A 74 29.76 3.10 -44.30
N LYS A 75 30.39 3.81 -43.37
CA LYS A 75 31.08 3.18 -42.26
C LYS A 75 30.22 3.03 -41.01
N GLU A 76 29.16 3.83 -40.89
CA GLU A 76 28.35 3.84 -39.69
C GLU A 76 27.22 2.80 -39.79
N LEU A 77 27.03 2.03 -38.73
CA LEU A 77 26.00 1.02 -38.65
C LEU A 77 24.93 1.51 -37.69
N LYS A 78 23.75 1.83 -38.22
CA LYS A 78 22.71 2.47 -37.43
C LYS A 78 21.34 2.03 -37.92
N ILE A 79 20.33 2.33 -37.11
CA ILE A 79 18.93 2.09 -37.44
C ILE A 79 18.16 3.39 -37.26
N ASP A 80 17.28 3.70 -38.21
CA ASP A 80 16.48 4.92 -38.17
C ASP A 80 15.01 4.58 -38.31
N ILE A 81 14.17 5.31 -37.58
CA ILE A 81 12.72 5.17 -37.63
C ILE A 81 12.13 6.52 -38.02
N ILE A 82 11.31 6.54 -39.06
CA ILE A 82 10.83 7.80 -39.64
C ILE A 82 9.33 7.74 -39.86
N PRO A 83 8.52 8.13 -38.88
CA PRO A 83 7.07 8.22 -39.12
C PRO A 83 6.74 9.32 -40.12
N ASN A 84 5.70 9.08 -40.92
CA ASN A 84 5.21 10.04 -41.90
C ASN A 84 3.71 10.17 -41.73
N PRO A 85 3.25 11.00 -40.80
CA PRO A 85 1.80 11.13 -40.58
C PRO A 85 1.04 11.59 -41.81
N GLN A 86 1.63 12.43 -42.64
CA GLN A 86 0.93 12.89 -43.84
C GLN A 86 0.67 11.73 -44.79
N GLU A 87 1.72 10.98 -45.12
CA GLU A 87 1.57 9.81 -45.99
C GLU A 87 0.96 8.62 -45.26
N ARG A 88 0.96 8.64 -43.93
CA ARG A 88 0.46 7.52 -43.14
C ARG A 88 1.36 6.29 -43.30
N THR A 89 2.67 6.52 -43.35
CA THR A 89 3.63 5.47 -43.56
C THR A 89 4.70 5.50 -42.46
N LEU A 90 5.22 4.32 -42.13
CA LEU A 90 6.29 4.16 -41.17
C LEU A 90 7.48 3.51 -41.86
N THR A 91 8.64 4.13 -41.76
CA THR A 91 9.84 3.67 -42.45
C THR A 91 10.90 3.28 -41.43
N LEU A 92 11.50 2.12 -41.63
CA LEU A 92 12.64 1.66 -40.85
C LEU A 92 13.84 1.52 -41.79
N VAL A 93 14.82 2.40 -41.64
CA VAL A 93 16.01 2.42 -42.47
C VAL A 93 17.17 1.87 -41.66
N ASP A 94 17.81 0.83 -42.17
CA ASP A 94 19.00 0.26 -41.56
C ASP A 94 20.11 0.18 -42.60
N THR A 95 21.36 0.26 -42.12
CA THR A 95 22.53 0.30 -42.98
C THR A 95 23.23 -1.06 -43.02
N GLY A 96 22.45 -2.13 -43.00
CA GLY A 96 22.98 -3.47 -42.96
C GLY A 96 23.62 -3.89 -44.26
N ILE A 97 23.68 -5.21 -44.45
CA ILE A 97 24.35 -5.78 -45.61
C ILE A 97 23.52 -5.65 -46.88
N GLY A 98 22.20 -5.56 -46.76
CA GLY A 98 21.34 -5.55 -47.93
C GLY A 98 21.23 -6.93 -48.54
N MET A 99 20.35 -7.06 -49.51
CA MET A 99 20.15 -8.33 -50.20
C MET A 99 20.02 -8.09 -51.69
N THR A 100 20.45 -9.09 -52.46
CA THR A 100 20.42 -9.03 -53.92
C THR A 100 19.04 -9.41 -54.44
N LYS A 101 18.89 -9.43 -55.76
CA LYS A 101 17.64 -9.85 -56.37
C LYS A 101 17.31 -11.30 -56.02
N ALA A 102 18.29 -12.19 -56.20
CA ALA A 102 18.08 -13.58 -55.84
C ALA A 102 17.81 -13.73 -54.35
N ASP A 103 18.58 -13.02 -53.52
CA ASP A 103 18.33 -13.05 -52.08
C ASP A 103 16.95 -12.51 -51.76
N LEU A 104 16.57 -11.39 -52.38
CA LEU A 104 15.20 -10.90 -52.22
C LEU A 104 14.19 -12.00 -52.49
N ILE A 105 14.18 -12.55 -53.70
CA ILE A 105 13.20 -13.57 -54.06
C ILE A 105 13.22 -14.69 -53.02
N ASN A 106 14.36 -15.35 -52.84
CA ASN A 106 14.41 -16.55 -52.02
C ASN A 106 14.01 -16.27 -50.58
N ASN A 107 14.62 -15.27 -49.94
CA ASN A 107 14.40 -15.06 -48.52
C ASN A 107 13.04 -14.43 -48.23
N LEU A 108 12.72 -13.34 -48.93
CA LEU A 108 11.52 -12.57 -48.60
C LEU A 108 10.28 -13.10 -49.30
N GLY A 109 10.40 -14.05 -50.23
CA GLY A 109 9.25 -14.58 -50.92
C GLY A 109 8.90 -15.99 -50.52
N THR A 110 9.77 -16.64 -49.76
CA THR A 110 9.58 -18.01 -49.31
C THR A 110 9.23 -18.02 -47.82
N ILE A 111 8.10 -18.64 -47.49
CA ILE A 111 7.68 -18.76 -46.10
C ILE A 111 8.54 -19.82 -45.40
N ALA A 112 8.98 -19.50 -44.19
CA ALA A 112 9.81 -20.37 -43.37
C ALA A 112 11.22 -20.52 -43.91
N LYS A 113 11.64 -19.62 -44.79
CA LYS A 113 13.02 -19.59 -45.30
C LYS A 113 13.78 -18.51 -44.56
N SER A 114 14.88 -18.89 -43.92
CA SER A 114 15.69 -17.98 -43.10
C SER A 114 17.07 -17.88 -43.70
N GLY A 115 17.42 -16.68 -44.18
CA GLY A 115 18.79 -16.46 -44.65
C GLY A 115 19.77 -16.29 -43.50
N THR A 116 19.29 -15.86 -42.33
CA THR A 116 20.14 -15.74 -41.17
C THR A 116 20.65 -17.11 -40.71
N LYS A 117 19.75 -18.11 -40.71
CA LYS A 117 20.15 -19.45 -40.33
C LYS A 117 21.17 -20.01 -41.32
N ALA A 118 20.97 -19.80 -42.61
CA ALA A 118 21.95 -20.24 -43.59
C ALA A 118 23.28 -19.53 -43.39
N PHE A 119 23.24 -18.25 -43.08
CA PHE A 119 24.47 -17.51 -42.81
C PHE A 119 25.22 -18.12 -41.64
N MET A 120 24.52 -18.41 -40.54
CA MET A 120 25.18 -19.08 -39.42
C MET A 120 25.77 -20.41 -39.83
N GLU A 121 24.96 -21.28 -40.45
CA GLU A 121 25.41 -22.62 -40.76
C GLU A 121 26.57 -22.62 -41.76
N ALA A 122 26.71 -21.56 -42.56
CA ALA A 122 27.83 -21.48 -43.48
C ALA A 122 29.14 -21.13 -42.77
N LEU A 123 29.07 -20.42 -41.65
CA LEU A 123 30.27 -19.97 -40.97
C LEU A 123 31.03 -21.17 -40.39
N GLN A 124 32.17 -20.88 -39.79
CA GLN A 124 32.97 -21.88 -39.10
C GLN A 124 32.50 -21.99 -37.66
N ALA A 125 33.28 -22.69 -36.83
CA ALA A 125 33.02 -22.75 -35.40
C ALA A 125 33.77 -21.62 -34.69
N GLY A 126 33.33 -21.32 -33.47
CA GLY A 126 33.97 -20.30 -32.68
C GLY A 126 33.87 -18.91 -33.29
N ALA A 127 32.67 -18.54 -33.76
CA ALA A 127 32.42 -17.24 -34.35
C ALA A 127 31.77 -16.32 -33.32
N ASP A 128 32.26 -15.08 -33.26
CA ASP A 128 31.74 -14.12 -32.29
C ASP A 128 30.47 -13.45 -32.82
N ILE A 129 29.52 -14.26 -33.29
CA ILE A 129 28.30 -13.76 -33.89
C ILE A 129 27.11 -14.48 -33.27
N SER A 130 26.11 -13.72 -32.85
CA SER A 130 24.89 -14.28 -32.27
C SER A 130 23.72 -13.44 -32.77
N MET A 131 22.93 -14.01 -33.68
CA MET A 131 21.91 -13.27 -34.40
C MET A 131 20.53 -13.82 -34.06
N ILE A 132 19.58 -12.91 -33.93
CA ILE A 132 18.19 -13.29 -33.74
C ILE A 132 17.62 -13.79 -35.07
N GLY A 133 16.57 -14.61 -34.99
CA GLY A 133 15.87 -15.02 -36.18
C GLY A 133 16.32 -16.35 -36.73
N GLN A 134 15.45 -17.36 -36.64
CA GLN A 134 15.75 -18.66 -37.22
C GLN A 134 14.52 -19.35 -37.82
N PHE A 135 13.36 -18.71 -37.83
CA PHE A 135 12.14 -19.35 -38.32
C PHE A 135 11.77 -18.95 -39.73
N GLY A 136 12.16 -17.75 -40.17
CA GLY A 136 11.83 -17.32 -41.52
C GLY A 136 10.41 -16.85 -41.71
N VAL A 137 9.71 -16.46 -40.65
CA VAL A 137 8.35 -15.97 -40.75
C VAL A 137 8.16 -14.62 -40.08
N GLY A 138 9.18 -14.08 -39.42
CA GLY A 138 8.99 -12.87 -38.65
C GLY A 138 8.60 -11.68 -39.50
N PHE A 139 9.19 -11.55 -40.69
CA PHE A 139 8.96 -10.37 -41.51
C PHE A 139 7.49 -10.18 -41.85
N TYR A 140 6.72 -11.27 -41.95
CA TYR A 140 5.32 -11.17 -42.33
C TYR A 140 4.45 -10.63 -41.22
N SER A 141 5.00 -10.39 -40.03
CA SER A 141 4.25 -9.69 -38.99
C SER A 141 3.97 -8.24 -39.36
N ALA A 142 4.68 -7.70 -40.35
CA ALA A 142 4.43 -6.33 -40.79
C ALA A 142 2.99 -6.15 -41.25
N TYR A 143 2.36 -7.20 -41.77
CA TYR A 143 0.98 -7.14 -42.23
C TYR A 143 -0.02 -7.20 -41.10
N LEU A 144 0.44 -7.12 -39.85
CA LEU A 144 -0.48 -6.92 -38.73
C LEU A 144 -1.05 -5.51 -38.73
N VAL A 145 -0.28 -4.54 -39.22
CA VAL A 145 -0.67 -3.13 -39.12
C VAL A 145 -0.58 -2.44 -40.47
N ALA A 146 -0.02 -3.10 -41.47
CA ALA A 146 0.25 -2.49 -42.76
C ALA A 146 -0.62 -3.12 -43.85
N GLU A 147 -1.25 -2.26 -44.66
CA GLU A 147 -1.95 -2.75 -45.83
C GLU A 147 -0.98 -3.19 -46.92
N LYS A 148 0.04 -2.38 -47.18
CA LYS A 148 1.05 -2.66 -48.19
C LYS A 148 2.43 -2.44 -47.61
N VAL A 149 3.39 -3.24 -48.07
CA VAL A 149 4.77 -3.17 -47.62
C VAL A 149 5.67 -3.03 -48.83
N VAL A 150 6.58 -2.06 -48.78
CA VAL A 150 7.57 -1.84 -49.84
C VAL A 150 8.94 -1.91 -49.21
N VAL A 151 9.84 -2.68 -49.81
CA VAL A 151 11.18 -2.89 -49.31
C VAL A 151 12.17 -2.46 -50.37
N ILE A 152 12.93 -1.40 -50.09
CA ILE A 152 14.03 -0.97 -50.94
C ILE A 152 15.32 -1.49 -50.34
N THR A 153 16.13 -2.15 -51.17
CA THR A 153 17.36 -2.79 -50.69
C THR A 153 18.47 -2.53 -51.70
N LYS A 154 19.71 -2.67 -51.22
CA LYS A 154 20.88 -2.44 -52.06
C LYS A 154 22.05 -3.22 -51.49
N HIS A 155 22.43 -4.29 -52.17
CA HIS A 155 23.61 -5.07 -51.81
C HIS A 155 24.85 -4.47 -52.48
N ASN A 156 26.01 -4.82 -51.93
CA ASN A 156 27.26 -4.29 -52.48
C ASN A 156 27.45 -4.73 -53.93
N ASP A 157 27.36 -6.03 -54.18
CA ASP A 157 27.51 -6.57 -55.53
C ASP A 157 26.16 -6.84 -56.17
N ASP A 158 25.39 -5.78 -56.35
CA ASP A 158 24.10 -5.86 -57.02
C ASP A 158 23.56 -4.44 -57.16
N GLU A 159 22.38 -4.32 -57.77
CA GLU A 159 21.73 -3.05 -57.97
C GLU A 159 20.66 -2.84 -56.90
N GLN A 160 20.03 -1.67 -56.93
CA GLN A 160 19.03 -1.28 -55.93
C GLN A 160 17.65 -1.65 -56.46
N TYR A 161 17.02 -2.63 -55.83
CA TYR A 161 15.73 -3.16 -56.25
C TYR A 161 14.65 -2.76 -55.26
N ALA A 162 13.39 -2.92 -55.69
CA ALA A 162 12.23 -2.63 -54.86
C ALA A 162 11.32 -3.85 -54.83
N TRP A 163 10.96 -4.28 -53.63
CA TRP A 163 10.10 -5.42 -53.41
C TRP A 163 8.78 -4.93 -52.83
N GLU A 164 7.67 -5.33 -53.45
CA GLU A 164 6.35 -4.86 -53.07
C GLU A 164 5.39 -6.04 -52.95
N SER A 165 4.40 -5.89 -52.08
CA SER A 165 3.38 -6.91 -51.91
C SER A 165 2.30 -6.38 -50.98
N SER A 166 1.12 -6.99 -51.07
CA SER A 166 0.02 -6.74 -50.15
C SER A 166 -0.33 -8.02 -49.38
N ALA A 167 0.53 -9.02 -49.41
CA ALA A 167 0.29 -10.31 -48.77
C ALA A 167 -0.99 -10.93 -49.30
N GLY A 168 -1.27 -10.72 -50.59
CA GLY A 168 -2.44 -11.25 -51.25
C GLY A 168 -2.19 -12.44 -52.15
N GLY A 169 -1.00 -13.04 -52.11
CA GLY A 169 -0.66 -14.18 -52.94
C GLY A 169 0.45 -13.94 -53.93
N SER A 170 0.88 -12.71 -54.15
CA SER A 170 1.94 -12.43 -55.10
C SER A 170 2.72 -11.21 -54.65
N PHE A 171 3.94 -11.08 -55.16
CA PHE A 171 4.78 -9.92 -54.90
C PHE A 171 5.53 -9.57 -56.19
N THR A 172 5.86 -8.29 -56.31
CA THR A 172 6.53 -7.75 -57.49
C THR A 172 7.91 -7.26 -57.14
N VAL A 173 8.87 -7.53 -58.02
CA VAL A 173 10.24 -7.03 -57.88
C VAL A 173 10.57 -6.21 -59.12
N ARG A 174 11.06 -5.00 -58.91
CA ARG A 174 11.42 -4.10 -59.99
C ARG A 174 12.74 -3.42 -59.64
N ALA A 175 13.42 -2.93 -60.68
CA ALA A 175 14.63 -2.16 -60.48
C ALA A 175 14.23 -0.74 -60.04
N ASP A 176 14.73 -0.32 -58.88
CA ASP A 176 14.39 0.97 -58.32
C ASP A 176 15.38 2.03 -58.80
N HIS A 177 14.85 3.21 -59.13
CA HIS A 177 15.66 4.31 -59.63
C HIS A 177 15.51 5.58 -58.82
N GLY A 178 14.74 5.56 -57.74
CA GLY A 178 14.56 6.73 -56.91
C GLY A 178 15.85 7.13 -56.22
N GLU A 179 15.74 7.95 -55.16
CA GLU A 179 16.93 8.38 -54.46
C GLU A 179 17.72 7.17 -53.96
N PRO A 180 19.01 7.07 -54.28
CA PRO A 180 19.75 5.86 -53.93
C PRO A 180 20.03 5.78 -52.43
N ILE A 181 20.29 4.56 -51.98
CA ILE A 181 20.80 4.28 -50.65
C ILE A 181 22.15 3.60 -50.82
N GLY A 182 23.15 4.07 -50.08
CA GLY A 182 24.48 3.53 -50.25
C GLY A 182 24.53 2.04 -50.03
N ARG A 183 23.92 1.57 -48.95
CA ARG A 183 23.89 0.15 -48.63
C ARG A 183 22.85 -0.07 -47.54
N GLY A 184 22.24 -1.26 -47.57
CA GLY A 184 21.30 -1.66 -46.54
C GLY A 184 19.92 -1.88 -47.10
N THR A 185 18.92 -1.70 -46.24
CA THR A 185 17.54 -1.99 -46.58
C THR A 185 16.65 -0.86 -46.07
N LYS A 186 15.45 -0.77 -46.64
CA LYS A 186 14.50 0.26 -46.26
C LYS A 186 13.11 -0.33 -46.36
N VAL A 187 12.45 -0.50 -45.23
CA VAL A 187 11.12 -1.09 -45.17
C VAL A 187 10.11 0.02 -44.97
N ILE A 188 9.16 0.14 -45.90
CA ILE A 188 8.14 1.18 -45.87
C ILE A 188 6.80 0.49 -45.65
N LEU A 189 6.14 0.82 -44.54
CA LEU A 189 4.85 0.25 -44.19
C LEU A 189 3.76 1.29 -44.44
N HIS A 190 2.72 0.89 -45.17
CA HIS A 190 1.55 1.73 -45.39
C HIS A 190 0.49 1.31 -44.37
N LEU A 191 0.38 2.09 -43.30
CA LEU A 191 -0.43 1.69 -42.16
C LEU A 191 -1.91 1.65 -42.50
N LYS A 192 -2.64 0.84 -41.76
CA LYS A 192 -4.09 0.78 -41.87
C LYS A 192 -4.73 2.00 -41.20
N GLU A 193 -5.98 2.27 -41.55
CA GLU A 193 -6.68 3.41 -40.99
C GLU A 193 -6.80 3.32 -39.48
N ASP A 194 -6.88 2.10 -38.94
CA ASP A 194 -7.11 1.89 -37.51
C ASP A 194 -5.83 1.57 -36.76
N GLN A 195 -4.67 1.77 -37.38
CA GLN A 195 -3.38 1.46 -36.75
C GLN A 195 -2.43 2.65 -36.82
N THR A 196 -2.97 3.87 -36.73
CA THR A 196 -2.17 5.08 -36.80
C THR A 196 -1.58 5.48 -35.46
N GLU A 197 -1.88 4.75 -34.38
CA GLU A 197 -1.27 5.04 -33.09
C GLU A 197 0.24 4.87 -33.11
N TYR A 198 0.77 4.12 -34.08
CA TYR A 198 2.20 3.86 -34.17
C TYR A 198 2.93 4.94 -34.96
N LEU A 199 2.23 5.98 -35.41
CA LEU A 199 2.85 7.17 -35.97
C LEU A 199 3.11 8.24 -34.92
N GLU A 200 2.86 7.94 -33.65
CA GLU A 200 3.02 8.89 -32.56
C GLU A 200 4.33 8.64 -31.84
N GLU A 201 4.95 9.72 -31.38
CA GLU A 201 6.24 9.62 -30.70
C GLU A 201 6.13 8.77 -29.44
N ARG A 202 5.09 9.00 -28.64
CA ARG A 202 4.98 8.31 -27.36
C ARG A 202 4.86 6.80 -27.55
N ARG A 203 4.02 6.37 -28.49
CA ARG A 203 3.82 4.94 -28.70
C ARG A 203 5.09 4.27 -29.21
N VAL A 204 5.77 4.89 -30.17
CA VAL A 204 6.99 4.30 -30.71
C VAL A 204 8.05 4.21 -29.63
N LYS A 205 8.20 5.27 -28.83
CA LYS A 205 9.16 5.21 -27.74
C LYS A 205 8.83 4.11 -26.76
N GLU A 206 7.55 3.98 -26.40
CA GLU A 206 7.14 2.95 -25.44
C GLU A 206 7.46 1.57 -25.97
N VAL A 207 7.15 1.30 -27.24
CA VAL A 207 7.37 -0.02 -27.81
C VAL A 207 8.86 -0.33 -27.88
N VAL A 208 9.66 0.61 -28.39
CA VAL A 208 11.09 0.35 -28.53
C VAL A 208 11.74 0.18 -27.17
N LYS A 209 11.27 0.93 -26.17
CA LYS A 209 11.80 0.77 -24.82
C LYS A 209 11.44 -0.60 -24.27
N LYS A 210 10.21 -1.06 -24.49
CA LYS A 210 9.81 -2.35 -23.93
C LYS A 210 10.59 -3.50 -24.57
N HIS A 211 10.71 -3.49 -25.90
CA HIS A 211 11.16 -4.69 -26.61
C HIS A 211 12.62 -4.65 -27.07
N SER A 212 13.09 -3.54 -27.60
CA SER A 212 14.40 -3.45 -28.23
C SER A 212 15.32 -2.48 -27.47
N GLN A 213 15.26 -2.52 -26.14
CA GLN A 213 16.07 -1.62 -25.34
C GLN A 213 17.56 -1.90 -25.51
N PHE A 214 17.95 -3.17 -25.56
CA PHE A 214 19.35 -3.56 -25.51
C PHE A 214 19.87 -4.09 -26.85
N ILE A 215 19.31 -3.61 -27.95
CA ILE A 215 19.86 -3.91 -29.27
C ILE A 215 21.25 -3.28 -29.37
N GLY A 216 22.15 -3.98 -30.06
CA GLY A 216 23.55 -3.61 -30.08
C GLY A 216 23.94 -2.50 -31.02
N TYR A 217 22.99 -1.82 -31.63
CA TYR A 217 23.28 -0.70 -32.52
C TYR A 217 22.34 0.46 -32.22
N PRO A 218 22.78 1.69 -32.46
CA PRO A 218 21.93 2.84 -32.14
C PRO A 218 20.62 2.82 -32.91
N ILE A 219 19.56 3.27 -32.26
CA ILE A 219 18.23 3.38 -32.85
C ILE A 219 17.79 4.83 -32.73
N THR A 220 17.59 5.49 -33.86
CA THR A 220 17.26 6.90 -33.91
C THR A 220 15.84 7.10 -34.44
N LEU A 221 15.11 8.00 -33.80
CA LEU A 221 13.77 8.37 -34.21
C LEU A 221 13.80 9.79 -34.78
N TYR A 222 13.17 9.97 -35.94
CA TYR A 222 13.13 11.25 -36.62
C TYR A 222 11.71 11.80 -36.57
N LEU A 223 11.56 13.03 -36.09
CA LEU A 223 10.26 13.66 -35.95
C LEU A 223 10.33 15.11 -36.38
N GLU A 224 9.21 15.64 -36.86
CA GLU A 224 9.08 17.05 -37.21
C GLU A 224 8.61 17.81 -35.98
N LYS A 225 9.50 18.62 -35.41
CA LYS A 225 9.19 19.38 -34.21
C LYS A 225 9.21 20.88 -34.50
N TYR A 282 12.44 22.04 -38.57
CA TYR A 282 13.61 21.20 -38.36
C TYR A 282 13.18 19.84 -37.85
N ILE A 283 13.91 18.80 -38.24
CA ILE A 283 13.66 17.44 -37.80
C ILE A 283 14.51 17.18 -36.55
N ASP A 284 13.95 16.40 -35.62
CA ASP A 284 14.59 16.08 -34.36
C ASP A 284 14.96 14.60 -34.34
N GLN A 285 16.26 14.31 -34.31
CA GLN A 285 16.76 12.95 -34.25
C GLN A 285 17.18 12.65 -32.81
N GLU A 286 16.63 11.57 -32.24
CA GLU A 286 16.85 11.22 -30.85
C GLU A 286 17.17 9.74 -30.75
N GLU A 287 18.34 9.41 -30.20
CA GLU A 287 18.67 8.03 -29.93
C GLU A 287 17.78 7.47 -28.82
N LEU A 288 17.35 6.21 -28.99
CA LEU A 288 16.38 5.62 -28.09
C LEU A 288 16.94 4.55 -27.17
N ASN A 289 18.10 3.99 -27.48
CA ASN A 289 18.73 2.96 -26.65
C ASN A 289 20.13 3.45 -26.27
N LYS A 290 20.19 4.24 -25.20
CA LYS A 290 21.43 4.86 -24.77
C LYS A 290 22.20 4.02 -23.76
N THR A 291 21.62 2.94 -23.25
CA THR A 291 22.26 2.11 -22.23
C THR A 291 22.74 0.81 -22.86
N LYS A 292 24.02 0.51 -22.69
CA LYS A 292 24.57 -0.74 -23.18
C LYS A 292 24.22 -1.89 -22.24
N PRO A 293 24.11 -3.11 -22.77
CA PRO A 293 23.87 -4.28 -21.89
C PRO A 293 25.16 -4.78 -21.23
N ILE A 294 25.51 -4.14 -20.11
CA ILE A 294 26.78 -4.40 -19.45
C ILE A 294 26.90 -5.81 -18.90
N TRP A 295 25.82 -6.58 -18.85
CA TRP A 295 25.92 -7.93 -18.28
C TRP A 295 26.76 -8.86 -19.14
N THR A 296 27.10 -8.46 -20.36
CA THR A 296 27.94 -9.29 -21.22
C THR A 296 29.43 -9.14 -20.91
N ARG A 297 29.82 -8.07 -20.22
CA ARG A 297 31.23 -7.86 -19.90
C ARG A 297 31.64 -8.75 -18.74
N ASN A 298 32.96 -8.87 -18.55
CA ASN A 298 33.48 -9.68 -17.47
C ASN A 298 33.13 -9.04 -16.13
N PRO A 299 32.62 -9.80 -15.15
CA PRO A 299 32.28 -9.18 -13.86
C PRO A 299 33.43 -8.47 -13.19
N ASP A 300 34.65 -8.93 -13.39
CA ASP A 300 35.83 -8.37 -12.72
C ASP A 300 36.42 -7.17 -13.46
N ASP A 301 35.81 -6.75 -14.56
CA ASP A 301 36.27 -5.58 -15.30
C ASP A 301 35.24 -4.45 -15.30
N ILE A 302 34.35 -4.44 -14.31
CA ILE A 302 33.31 -3.43 -14.20
C ILE A 302 33.47 -2.73 -12.86
N THR A 303 33.43 -1.40 -12.88
CA THR A 303 33.51 -0.60 -11.67
C THR A 303 32.11 -0.38 -11.09
N GLN A 304 32.07 0.15 -9.86
CA GLN A 304 30.79 0.37 -9.20
C GLN A 304 30.04 1.56 -9.78
N GLU A 305 30.75 2.53 -10.34
CA GLU A 305 30.07 3.70 -10.90
C GLU A 305 29.18 3.31 -12.07
N GLU A 306 29.71 2.49 -12.99
CA GLU A 306 28.91 2.07 -14.13
C GLU A 306 27.85 1.04 -13.75
N TYR A 307 28.14 0.19 -12.78
CA TYR A 307 27.08 -0.66 -12.22
C TYR A 307 25.92 0.19 -11.72
N GLY A 308 26.23 1.26 -11.00
CA GLY A 308 25.17 2.12 -10.48
C GLY A 308 24.44 2.86 -11.57
N GLU A 309 25.16 3.33 -12.59
CA GLU A 309 24.49 4.00 -13.71
C GLU A 309 23.54 3.05 -14.42
N PHE A 310 23.98 1.81 -14.66
CA PHE A 310 23.10 0.83 -15.29
C PHE A 310 21.89 0.54 -14.41
N TYR A 311 22.09 0.41 -13.10
CA TYR A 311 20.97 0.16 -12.21
C TYR A 311 19.98 1.32 -12.23
N LYS A 312 20.47 2.55 -12.22
CA LYS A 312 19.59 3.70 -12.26
C LYS A 312 18.80 3.76 -13.55
N SER A 313 19.46 3.48 -14.67
CA SER A 313 18.76 3.46 -15.95
C SER A 313 17.70 2.36 -15.98
N LEU A 314 18.04 1.18 -15.43
CA LEU A 314 17.13 0.04 -15.49
C LEU A 314 15.91 0.24 -14.61
N THR A 315 16.09 0.78 -13.41
CA THR A 315 15.02 0.91 -12.44
C THR A 315 14.40 2.30 -12.37
N ASN A 316 15.02 3.29 -13.02
CA ASN A 316 14.55 4.68 -12.94
C ASN A 316 14.52 5.14 -11.48
N ASP A 317 15.65 4.98 -10.80
CA ASP A 317 15.78 5.30 -9.38
C ASP A 317 16.82 6.39 -9.21
N TRP A 318 16.48 7.42 -8.42
CA TRP A 318 17.40 8.53 -8.21
C TRP A 318 18.57 8.17 -7.30
N GLU A 319 18.55 7.00 -6.67
CA GLU A 319 19.63 6.56 -5.80
C GLU A 319 20.39 5.41 -6.44
N ASP A 320 21.56 5.12 -5.87
CA ASP A 320 22.41 4.05 -6.36
C ASP A 320 21.91 2.71 -5.81
N HIS A 321 22.69 1.65 -6.04
CA HIS A 321 22.35 0.31 -5.57
C HIS A 321 23.15 -0.03 -4.32
N LEU A 322 22.62 -0.96 -3.54
CA LEU A 322 23.27 -1.39 -2.31
C LEU A 322 24.28 -2.51 -2.56
N ALA A 323 23.93 -3.48 -3.41
CA ALA A 323 24.84 -4.57 -3.75
C ALA A 323 24.47 -5.13 -5.10
N VAL A 324 25.43 -5.80 -5.73
CA VAL A 324 25.24 -6.39 -7.05
C VAL A 324 25.84 -7.78 -7.06
N LYS A 325 25.25 -8.66 -7.87
CA LYS A 325 25.75 -10.03 -8.04
C LYS A 325 25.71 -10.36 -9.52
N HIS A 326 26.88 -10.60 -10.10
CA HIS A 326 27.03 -10.85 -11.54
C HIS A 326 27.69 -12.20 -11.71
N PHE A 327 26.98 -13.14 -12.33
CA PHE A 327 27.47 -14.50 -12.46
C PHE A 327 26.97 -15.11 -13.76
N SER A 328 27.57 -16.24 -14.12
CA SER A 328 27.23 -16.97 -15.34
C SER A 328 27.11 -18.45 -15.02
N VAL A 329 26.34 -19.15 -15.85
CA VAL A 329 26.16 -20.59 -15.75
C VAL A 329 26.47 -21.21 -17.10
N GLU A 330 27.27 -22.27 -17.10
CA GLU A 330 27.73 -22.93 -18.32
C GLU A 330 27.26 -24.37 -18.33
N GLY A 331 27.00 -24.89 -19.54
CA GLY A 331 26.57 -26.25 -19.71
C GLY A 331 25.45 -26.39 -20.72
N GLN A 332 24.60 -27.39 -20.56
CA GLN A 332 23.45 -27.55 -21.46
C GLN A 332 22.51 -26.35 -21.34
N LEU A 333 22.38 -25.80 -20.14
CA LEU A 333 21.60 -24.59 -19.89
C LEU A 333 22.58 -23.48 -19.53
N GLU A 334 22.74 -22.51 -20.42
CA GLU A 334 23.68 -21.42 -20.25
C GLU A 334 22.93 -20.09 -20.18
N PHE A 335 23.25 -19.28 -19.17
CA PHE A 335 22.69 -17.95 -19.07
C PHE A 335 23.60 -17.09 -18.20
N ARG A 336 23.42 -15.78 -18.31
CA ARG A 336 24.10 -14.80 -17.48
C ARG A 336 23.06 -13.99 -16.72
N ALA A 337 23.39 -13.62 -15.49
CA ALA A 337 22.46 -12.90 -14.62
C ALA A 337 23.15 -11.71 -13.98
N LEU A 338 22.37 -10.66 -13.77
CA LEU A 338 22.85 -9.44 -13.13
C LEU A 338 21.76 -9.00 -12.15
N LEU A 339 21.97 -9.26 -10.86
CA LEU A 339 20.98 -9.03 -9.83
C LEU A 339 21.41 -7.89 -8.91
N PHE A 340 20.47 -7.01 -8.58
CA PHE A 340 20.72 -5.83 -7.76
C PHE A 340 19.86 -5.87 -6.51
N ILE A 341 20.37 -5.27 -5.45
CA ILE A 341 19.61 -5.03 -4.21
C ILE A 341 19.41 -3.53 -4.06
N PRO A 342 18.18 -3.03 -3.98
CA PRO A 342 17.99 -1.59 -3.77
C PRO A 342 18.40 -1.16 -2.37
N ARG A 343 18.64 0.16 -2.24
CA ARG A 343 19.00 0.72 -0.94
C ARG A 343 17.79 0.88 -0.03
N ARG A 344 16.62 1.16 -0.59
CA ARG A 344 15.40 1.36 0.18
C ARG A 344 14.29 0.48 -0.37
N ALA A 345 13.48 -0.07 0.53
CA ALA A 345 12.35 -0.87 0.11
C ALA A 345 11.28 0.03 -0.53
N PRO A 346 10.68 -0.39 -1.64
CA PRO A 346 9.60 0.40 -2.23
C PRO A 346 8.34 0.34 -1.40
N PHE A 347 7.54 1.41 -1.46
CA PHE A 347 6.33 1.49 -0.66
C PHE A 347 5.24 0.54 -1.16
N ASP A 348 5.31 0.11 -2.42
CA ASP A 348 4.35 -0.81 -2.99
C ASP A 348 4.92 -2.22 -3.14
N LEU A 349 5.83 -2.60 -2.24
CA LEU A 349 6.56 -3.87 -2.40
C LEU A 349 5.61 -5.06 -2.38
N PHE A 350 4.70 -5.10 -1.42
CA PHE A 350 3.75 -6.21 -1.28
C PHE A 350 2.39 -5.88 -1.85
N GLU A 351 2.25 -4.78 -2.58
CA GLU A 351 0.97 -4.42 -3.16
C GLU A 351 0.50 -5.50 -4.14
N ASN A 352 -0.76 -5.90 -4.01
CA ASN A 352 -1.28 -6.99 -4.83
C ASN A 352 -1.33 -6.60 -6.30
N LYS A 353 -1.75 -5.38 -6.60
CA LYS A 353 -1.94 -4.93 -7.98
C LYS A 353 -0.62 -4.42 -8.53
N LYS A 354 0.19 -5.36 -9.03
CA LYS A 354 1.42 -5.00 -9.73
C LYS A 354 1.97 -6.23 -10.42
N LYS A 355 2.49 -6.03 -11.63
CA LYS A 355 3.07 -7.13 -12.40
C LYS A 355 4.46 -7.47 -11.89
N LYS A 356 4.73 -8.77 -11.78
CA LYS A 356 6.04 -9.25 -11.34
C LYS A 356 7.03 -9.06 -12.47
N ASN A 357 7.50 -7.82 -12.62
CA ASN A 357 8.45 -7.45 -13.67
C ASN A 357 9.81 -7.05 -13.09
N ASN A 358 10.09 -7.41 -11.83
CA ASN A 358 11.34 -7.00 -11.21
C ASN A 358 12.55 -7.61 -11.91
N ILE A 359 12.42 -8.86 -12.37
CA ILE A 359 13.47 -9.52 -13.13
C ILE A 359 12.92 -9.87 -14.50
N LYS A 360 13.64 -9.49 -15.54
CA LYS A 360 13.24 -9.72 -16.92
C LYS A 360 14.16 -10.74 -17.59
N LEU A 361 13.59 -11.54 -18.46
CA LEU A 361 14.31 -12.57 -19.20
C LEU A 361 14.57 -12.09 -20.62
N TYR A 362 15.80 -12.25 -21.09
CA TYR A 362 16.20 -11.87 -22.44
C TYR A 362 16.86 -13.05 -23.12
N VAL A 363 16.64 -13.17 -24.42
CA VAL A 363 17.32 -14.16 -25.24
C VAL A 363 18.01 -13.40 -26.37
N ARG A 364 19.34 -13.48 -26.41
CA ARG A 364 20.13 -12.72 -27.37
C ARG A 364 19.80 -11.23 -27.31
N ARG A 365 19.71 -10.72 -26.09
CA ARG A 365 19.49 -9.31 -25.80
C ARG A 365 18.12 -8.81 -26.27
N VAL A 366 17.18 -9.71 -26.48
CA VAL A 366 15.81 -9.35 -26.86
C VAL A 366 14.87 -9.81 -25.75
N PHE A 367 14.02 -8.90 -25.29
CA PHE A 367 13.13 -9.20 -24.19
C PHE A 367 12.15 -10.30 -24.58
N ILE A 368 11.93 -11.23 -23.65
CA ILE A 368 11.00 -12.34 -23.84
C ILE A 368 9.80 -12.24 -22.91
N MET A 369 10.03 -12.26 -21.60
CA MET A 369 8.95 -12.25 -20.63
C MET A 369 9.44 -11.64 -19.32
N ASP A 370 8.51 -11.48 -18.38
CA ASP A 370 8.80 -10.99 -17.05
C ASP A 370 8.95 -12.17 -16.08
N SER A 371 9.35 -11.85 -14.85
CA SER A 371 9.58 -12.89 -13.84
C SER A 371 8.32 -13.72 -13.61
N CYS A 372 7.20 -13.04 -13.35
CA CYS A 372 5.90 -13.70 -13.18
C CYS A 372 5.95 -14.78 -12.09
N ASP A 373 6.86 -14.63 -11.13
CA ASP A 373 7.02 -15.52 -9.99
C ASP A 373 7.58 -16.88 -10.37
N GLU A 374 8.02 -17.06 -11.62
CA GLU A 374 8.63 -18.31 -12.04
C GLU A 374 10.15 -18.27 -11.98
N LEU A 375 10.76 -17.12 -12.22
CA LEU A 375 12.20 -16.99 -12.16
C LEU A 375 12.73 -16.78 -10.75
N ILE A 376 11.87 -16.44 -9.80
CA ILE A 376 12.32 -16.08 -8.45
C ILE A 376 11.16 -16.24 -7.48
N PRO A 377 11.38 -16.70 -6.25
CA PRO A 377 10.28 -16.85 -5.30
C PRO A 377 9.73 -15.50 -4.84
N GLU A 378 8.54 -15.56 -4.24
CA GLU A 378 7.81 -14.35 -3.92
C GLU A 378 8.55 -13.49 -2.89
N TYR A 379 9.21 -14.13 -1.92
CA TYR A 379 9.85 -13.36 -0.85
C TYR A 379 11.12 -12.66 -1.30
N LEU A 380 11.58 -12.89 -2.53
CA LEU A 380 12.72 -12.16 -3.10
C LEU A 380 12.26 -11.15 -4.15
N ASN A 381 11.02 -10.67 -4.03
CA ASN A 381 10.46 -9.76 -5.03
C ASN A 381 11.17 -8.43 -5.09
N PHE A 382 11.99 -8.09 -4.10
CA PHE A 382 12.70 -6.82 -4.10
C PHE A 382 13.96 -6.84 -4.97
N ILE A 383 14.37 -8.00 -5.47
CA ILE A 383 15.58 -8.10 -6.29
C ILE A 383 15.26 -7.61 -7.69
N ARG A 384 16.08 -6.68 -8.19
CA ARG A 384 15.98 -6.17 -9.55
C ARG A 384 17.18 -6.68 -10.34
N GLY A 385 16.92 -7.22 -11.53
CA GLY A 385 18.01 -7.76 -12.31
C GLY A 385 17.56 -8.21 -13.69
N VAL A 386 18.50 -8.85 -14.38
CA VAL A 386 18.33 -9.28 -15.77
C VAL A 386 18.90 -10.68 -15.90
N VAL A 387 18.20 -11.53 -16.66
CA VAL A 387 18.67 -12.87 -17.00
C VAL A 387 18.71 -12.98 -18.51
N ASP A 388 19.88 -13.27 -19.06
CA ASP A 388 20.09 -13.36 -20.49
C ASP A 388 20.64 -14.73 -20.86
N SER A 389 20.14 -15.30 -21.95
CA SER A 389 20.56 -16.60 -22.44
C SER A 389 20.87 -16.51 -23.93
N GLU A 390 21.28 -17.63 -24.51
CA GLU A 390 21.56 -17.72 -25.93
C GLU A 390 20.81 -18.83 -26.63
N ASP A 391 20.60 -19.98 -25.96
CA ASP A 391 20.10 -21.17 -26.62
C ASP A 391 18.81 -21.68 -25.99
N LEU A 392 18.01 -20.79 -25.42
CA LEU A 392 16.71 -21.18 -24.88
C LEU A 392 15.72 -21.33 -26.04
N PRO A 393 15.10 -22.48 -26.22
CA PRO A 393 14.14 -22.63 -27.33
C PRO A 393 12.85 -21.88 -27.04
N LEU A 394 12.42 -21.07 -28.00
CA LEU A 394 11.24 -20.23 -27.86
C LEU A 394 10.09 -20.77 -28.71
N ASN A 395 8.89 -20.28 -28.42
CA ASN A 395 7.74 -20.56 -29.25
C ASN A 395 7.67 -19.57 -30.40
N ILE A 396 6.73 -19.81 -31.33
CA ILE A 396 6.71 -19.07 -32.57
C ILE A 396 6.55 -17.57 -32.31
N SER A 397 5.72 -17.20 -31.34
CA SER A 397 5.53 -15.79 -31.02
C SER A 397 6.74 -15.16 -30.36
N ARG A 398 7.70 -15.96 -29.90
CA ARG A 398 8.89 -15.46 -29.21
C ARG A 398 8.51 -14.68 -27.94
N GLU A 399 7.38 -15.05 -27.34
CA GLU A 399 6.91 -14.42 -26.12
C GLU A 399 6.91 -15.36 -24.94
N MET A 400 7.38 -16.59 -25.11
CA MET A 400 7.49 -17.56 -24.03
C MET A 400 8.47 -18.63 -24.45
N LEU A 401 8.86 -19.49 -23.52
CA LEU A 401 9.89 -20.51 -23.78
C LEU A 401 9.24 -21.87 -23.97
N GLN A 402 9.38 -22.47 -25.14
CA GLN A 402 8.91 -23.87 -25.33
C GLN A 402 9.63 -24.64 -24.22
N GLN A 403 9.07 -25.72 -23.69
CA GLN A 403 9.68 -26.43 -22.52
C GLN A 403 10.14 -25.36 -21.52
N SER A 404 9.23 -24.50 -21.05
CA SER A 404 9.55 -23.40 -20.10
C SER A 404 10.08 -23.95 -18.78
N LYS A 405 9.97 -25.26 -18.55
CA LYS A 405 10.53 -25.92 -17.34
C LYS A 405 11.95 -25.44 -17.06
N ILE A 406 12.67 -24.98 -18.08
CA ILE A 406 14.06 -24.44 -17.93
C ILE A 406 14.07 -23.40 -16.82
N LEU A 407 12.99 -22.63 -16.65
CA LEU A 407 12.91 -21.51 -15.67
C LEU A 407 12.91 -22.01 -14.22
N LYS A 408 12.78 -23.31 -13.98
CA LYS A 408 12.85 -23.87 -12.61
C LYS A 408 14.32 -24.09 -12.25
N VAL A 409 15.15 -24.43 -13.24
CA VAL A 409 16.62 -24.60 -13.03
C VAL A 409 17.19 -23.21 -12.77
N ILE A 410 16.85 -22.24 -13.62
CA ILE A 410 17.30 -20.86 -13.52
C ILE A 410 16.92 -20.29 -12.16
N ARG A 411 15.71 -20.60 -11.70
CA ARG A 411 15.27 -20.12 -10.38
C ARG A 411 16.14 -20.69 -9.27
N LYS A 412 16.48 -21.98 -9.36
CA LYS A 412 17.36 -22.58 -8.37
C LYS A 412 18.70 -21.85 -8.31
N ASN A 413 19.30 -21.61 -9.48
CA ASN A 413 20.58 -20.92 -9.50
C ASN A 413 20.46 -19.50 -8.95
N ILE A 414 19.38 -18.80 -9.31
CA ILE A 414 19.21 -17.43 -8.85
C ILE A 414 19.05 -17.38 -7.34
N VAL A 415 18.26 -18.29 -6.77
CA VAL A 415 18.09 -18.31 -5.32
C VAL A 415 19.41 -18.62 -4.63
N LYS A 416 20.15 -19.60 -5.16
CA LYS A 416 21.46 -19.93 -4.60
C LYS A 416 22.36 -18.69 -4.57
N LYS A 417 22.46 -17.98 -5.69
CA LYS A 417 23.37 -16.85 -5.77
C LYS A 417 22.87 -15.67 -4.95
N CYS A 418 21.56 -15.50 -4.82
CA CYS A 418 21.04 -14.42 -3.97
C CYS A 418 21.38 -14.67 -2.51
N LEU A 419 21.23 -15.92 -2.04
CA LEU A 419 21.64 -16.23 -0.68
C LEU A 419 23.15 -16.05 -0.51
N GLU A 420 23.93 -16.42 -1.53
CA GLU A 420 25.38 -16.18 -1.48
C GLU A 420 25.67 -14.69 -1.31
N LEU A 421 24.99 -13.84 -2.07
CA LEU A 421 25.18 -12.41 -1.97
C LEU A 421 24.79 -11.90 -0.59
N PHE A 422 23.68 -12.39 -0.04
CA PHE A 422 23.27 -11.97 1.29
C PHE A 422 24.33 -12.33 2.32
N SER A 423 24.88 -13.54 2.23
CA SER A 423 25.92 -13.94 3.17
C SER A 423 27.16 -13.07 3.03
N GLU A 424 27.56 -12.77 1.79
CA GLU A 424 28.75 -11.93 1.59
C GLU A 424 28.53 -10.54 2.16
N LEU A 425 27.35 -9.96 1.97
CA LEU A 425 27.08 -8.62 2.46
C LEU A 425 27.10 -8.53 3.98
N ALA A 426 26.86 -9.64 4.67
CA ALA A 426 26.81 -9.61 6.13
C ALA A 426 28.15 -9.21 6.72
N GLU A 427 29.25 -9.49 6.03
CA GLU A 427 30.57 -9.14 6.55
C GLU A 427 30.74 -7.64 6.72
N ASP A 428 29.96 -6.84 6.00
CA ASP A 428 29.98 -5.38 6.15
C ASP A 428 28.85 -4.98 7.08
N LYS A 429 29.21 -4.57 8.31
CA LYS A 429 28.21 -4.38 9.36
C LYS A 429 27.20 -3.30 9.00
N GLU A 430 27.67 -2.17 8.45
CA GLU A 430 26.77 -1.04 8.22
C GLU A 430 25.91 -1.25 6.98
N ASN A 431 26.49 -1.79 5.91
CA ASN A 431 25.70 -2.11 4.73
C ASN A 431 24.65 -3.16 5.06
N TYR A 432 25.02 -4.18 5.84
CA TYR A 432 24.03 -5.16 6.25
C TYR A 432 23.01 -4.56 7.20
N LYS A 433 23.40 -3.55 7.98
CA LYS A 433 22.43 -2.85 8.81
C LYS A 433 21.36 -2.20 7.95
N LYS A 434 21.78 -1.49 6.90
CA LYS A 434 20.83 -0.88 5.98
C LYS A 434 19.97 -1.96 5.31
N PHE A 435 20.59 -3.04 4.84
CA PHE A 435 19.85 -4.09 4.16
C PHE A 435 18.80 -4.72 5.06
N TYR A 436 19.17 -4.99 6.32
CA TYR A 436 18.23 -5.60 7.24
C TYR A 436 17.10 -4.63 7.58
N GLU A 437 17.43 -3.37 7.83
CA GLU A 437 16.37 -2.39 8.08
C GLU A 437 15.39 -2.36 6.92
N ALA A 438 15.89 -2.48 5.68
CA ALA A 438 15.00 -2.38 4.53
C ALA A 438 14.18 -3.65 4.32
N PHE A 439 14.83 -4.82 4.33
CA PHE A 439 14.20 -6.05 3.84
C PHE A 439 14.27 -7.19 4.87
N SER A 440 14.21 -6.88 6.17
CA SER A 440 14.17 -7.95 7.15
C SER A 440 12.87 -8.74 7.09
N LYS A 441 11.78 -8.10 6.67
CA LYS A 441 10.51 -8.80 6.54
C LYS A 441 10.59 -9.89 5.49
N ASN A 442 11.29 -9.63 4.38
CA ASN A 442 11.39 -10.62 3.32
C ASN A 442 12.12 -11.87 3.78
N LEU A 443 13.16 -11.71 4.59
CA LEU A 443 13.91 -12.88 5.07
C LEU A 443 13.03 -13.76 5.96
N LYS A 444 12.24 -13.14 6.84
CA LYS A 444 11.37 -13.92 7.72
C LYS A 444 10.25 -14.57 6.92
N LEU A 445 9.73 -13.87 5.91
CA LEU A 445 8.76 -14.49 5.02
C LEU A 445 9.36 -15.70 4.31
N GLY A 446 10.61 -15.59 3.87
CA GLY A 446 11.28 -16.73 3.25
C GLY A 446 11.46 -17.89 4.20
N ILE A 447 11.84 -17.58 5.45
CA ILE A 447 11.95 -18.64 6.46
C ILE A 447 10.62 -19.34 6.63
N HIS A 448 9.53 -18.57 6.69
CA HIS A 448 8.21 -19.17 6.85
C HIS A 448 7.82 -20.03 5.65
N GLU A 449 8.08 -19.54 4.44
CA GLU A 449 7.61 -20.20 3.23
C GLU A 449 8.58 -21.26 2.72
N ASP A 450 9.88 -20.99 2.80
CA ASP A 450 10.89 -21.85 2.19
C ASP A 450 11.51 -22.77 3.24
N SER A 451 11.66 -24.05 2.87
CA SER A 451 12.25 -25.05 3.74
C SER A 451 13.61 -25.54 3.26
N THR A 452 13.89 -25.45 1.97
CA THR A 452 15.20 -25.87 1.46
C THR A 452 16.31 -24.99 2.01
N ASN A 453 16.08 -23.67 2.05
CA ASN A 453 17.09 -22.71 2.48
C ASN A 453 16.77 -22.13 3.86
N ARG A 454 15.96 -22.82 4.65
CA ARG A 454 15.59 -22.30 5.96
C ARG A 454 16.81 -22.15 6.85
N ARG A 455 17.73 -23.12 6.81
CA ARG A 455 18.92 -23.05 7.66
C ARG A 455 19.80 -21.86 7.28
N ARG A 456 20.01 -21.64 5.99
CA ARG A 456 20.84 -20.52 5.56
C ARG A 456 20.22 -19.19 5.92
N LEU A 457 18.89 -19.06 5.74
CA LEU A 457 18.23 -17.80 6.03
C LEU A 457 18.29 -17.47 7.52
N SER A 458 18.17 -18.47 8.38
CA SER A 458 18.16 -18.22 9.82
C SER A 458 19.45 -17.57 10.29
N GLU A 459 20.57 -17.83 9.60
CA GLU A 459 21.82 -17.19 9.96
C GLU A 459 21.85 -15.71 9.58
N LEU A 460 20.87 -15.23 8.82
CA LEU A 460 20.77 -13.82 8.46
C LEU A 460 19.90 -13.02 9.42
N LEU A 461 19.23 -13.67 10.36
CA LEU A 461 18.33 -12.97 11.27
C LEU A 461 19.11 -12.15 12.30
N ARG A 462 18.54 -11.01 12.66
CA ARG A 462 19.11 -10.13 13.67
C ARG A 462 17.98 -9.68 14.59
N TYR A 463 18.28 -9.60 15.88
CA TYR A 463 17.27 -9.29 16.88
C TYR A 463 17.85 -8.36 17.94
N HIS A 464 16.96 -7.60 18.57
CA HIS A 464 17.30 -6.91 19.80
C HIS A 464 17.29 -7.90 20.96
N THR A 465 18.19 -7.68 21.91
CA THR A 465 18.40 -8.62 22.99
C THR A 465 18.46 -7.87 24.31
N SER A 466 18.18 -8.59 25.40
CA SER A 466 18.24 -7.99 26.73
C SER A 466 19.66 -7.56 27.09
N GLN A 467 20.67 -8.04 26.36
CA GLN A 467 22.06 -7.69 26.62
C GLN A 467 22.72 -6.89 25.51
N SER A 468 22.05 -6.69 24.38
CA SER A 468 22.66 -5.98 23.25
C SER A 468 22.37 -4.49 23.25
N GLY A 469 21.54 -4.00 24.17
CA GLY A 469 21.27 -2.57 24.20
C GLY A 469 20.58 -2.11 22.94
N ASP A 470 21.13 -1.06 22.31
CA ASP A 470 20.52 -0.50 21.12
C ASP A 470 20.77 -1.40 19.90
N GLU A 471 21.97 -1.94 19.77
CA GLU A 471 22.34 -2.70 18.59
C GLU A 471 21.63 -4.05 18.57
N MET A 472 21.47 -4.58 17.37
CA MET A 472 20.91 -5.92 17.16
C MET A 472 22.03 -6.93 17.01
N THR A 473 21.72 -8.19 17.31
CA THR A 473 22.70 -9.26 17.30
C THR A 473 22.12 -10.49 16.61
N SER A 474 23.02 -11.35 16.15
CA SER A 474 22.64 -12.57 15.47
C SER A 474 22.47 -13.71 16.48
N LEU A 475 21.98 -14.84 15.97
CA LEU A 475 21.81 -16.00 16.84
C LEU A 475 23.13 -16.69 17.14
N SER A 476 24.10 -16.63 16.22
CA SER A 476 25.42 -17.18 16.49
C SER A 476 26.09 -16.45 17.63
N GLU A 477 25.96 -15.11 17.66
CA GLU A 477 26.49 -14.35 18.78
C GLU A 477 25.79 -14.73 20.08
N TYR A 478 24.47 -14.96 20.02
CA TYR A 478 23.74 -15.41 21.19
C TYR A 478 24.29 -16.74 21.70
N VAL A 479 24.56 -17.68 20.79
CA VAL A 479 25.10 -18.97 21.20
C VAL A 479 26.51 -18.82 21.77
N SER A 480 27.29 -17.89 21.21
CA SER A 480 28.65 -17.69 21.70
C SER A 480 28.64 -17.23 23.16
N ARG A 481 27.70 -16.37 23.52
CA ARG A 481 27.56 -15.88 24.90
C ARG A 481 26.79 -16.85 25.78
N MET A 482 26.30 -17.95 25.23
CA MET A 482 25.45 -18.87 25.98
C MET A 482 26.20 -19.42 27.18
N LYS A 483 25.52 -19.47 28.32
CA LYS A 483 26.14 -20.00 29.53
C LYS A 483 26.37 -21.50 29.39
N GLU A 484 27.32 -22.00 30.20
CA GLU A 484 27.67 -23.42 30.11
C GLU A 484 26.50 -24.31 30.46
N THR A 485 25.75 -23.97 31.51
CA THR A 485 24.60 -24.77 31.92
C THR A 485 23.37 -24.50 31.06
N GLN A 486 23.33 -23.38 30.33
CA GLN A 486 22.19 -23.08 29.48
C GLN A 486 22.14 -24.04 28.30
N LYS A 487 20.91 -24.47 27.95
CA LYS A 487 20.72 -25.42 26.85
C LYS A 487 19.73 -24.93 25.81
N SER A 488 19.11 -23.76 25.98
CA SER A 488 18.07 -23.29 25.08
C SER A 488 18.19 -21.79 24.88
N ILE A 489 17.63 -21.33 23.77
CA ILE A 489 17.53 -19.90 23.48
C ILE A 489 16.18 -19.41 23.96
N TYR A 490 16.19 -18.34 24.74
CA TYR A 490 14.97 -17.77 25.31
C TYR A 490 14.55 -16.55 24.48
N TYR A 491 13.27 -16.50 24.13
CA TYR A 491 12.74 -15.40 23.35
C TYR A 491 11.35 -15.04 23.86
N ILE A 492 10.92 -13.84 23.53
CA ILE A 492 9.56 -13.38 23.84
C ILE A 492 9.04 -12.60 22.63
N THR A 493 7.79 -12.88 22.25
CA THR A 493 7.10 -12.17 21.18
C THR A 493 6.03 -11.27 21.79
N GLY A 494 6.04 -9.99 21.40
CA GLY A 494 5.08 -9.04 21.92
C GLY A 494 4.85 -7.91 20.95
N GLU A 495 4.02 -6.95 21.38
CA GLU A 495 3.61 -5.86 20.51
C GLU A 495 4.77 -4.93 20.18
N SER A 496 5.62 -4.63 21.16
CA SER A 496 6.70 -3.68 20.94
C SER A 496 7.85 -4.00 21.89
N LYS A 497 8.98 -3.33 21.66
CA LYS A 497 10.17 -3.56 22.47
C LYS A 497 9.94 -3.14 23.92
N GLU A 498 9.28 -2.00 24.13
CA GLU A 498 9.02 -1.53 25.48
C GLU A 498 8.15 -2.52 26.25
N GLN A 499 7.10 -3.04 25.60
CA GLN A 499 6.19 -3.94 26.28
C GLN A 499 6.90 -5.23 26.72
N VAL A 500 7.74 -5.80 25.83
CA VAL A 500 8.40 -7.06 26.16
C VAL A 500 9.52 -6.86 27.16
N ALA A 501 10.29 -5.77 27.03
CA ALA A 501 11.43 -5.56 27.91
C ALA A 501 10.99 -5.46 29.36
N ASN A 502 9.89 -4.76 29.63
CA ASN A 502 9.36 -4.58 30.97
C ASN A 502 8.31 -5.63 31.33
N SER A 503 8.25 -6.72 30.58
CA SER A 503 7.26 -7.76 30.84
C SER A 503 7.61 -8.51 32.13
N ALA A 504 6.58 -9.12 32.72
CA ALA A 504 6.78 -9.94 33.91
C ALA A 504 7.36 -11.31 33.58
N PHE A 505 7.29 -11.74 32.32
CA PHE A 505 7.79 -13.06 31.96
C PHE A 505 9.31 -13.13 32.00
N VAL A 506 9.99 -12.00 31.83
CA VAL A 506 11.44 -11.99 31.71
C VAL A 506 12.13 -11.51 33.00
N GLU A 507 11.37 -11.38 34.09
CA GLU A 507 11.94 -10.84 35.32
C GLU A 507 13.04 -11.74 35.86
N ARG A 508 12.68 -12.96 36.28
CA ARG A 508 13.65 -13.86 36.87
C ARG A 508 14.73 -14.26 35.86
N VAL A 509 14.33 -14.48 34.61
CA VAL A 509 15.29 -14.88 33.58
C VAL A 509 16.38 -13.83 33.46
N ARG A 510 16.01 -12.55 33.50
CA ARG A 510 17.02 -11.49 33.45
C ARG A 510 17.77 -11.37 34.76
N LYS A 511 17.11 -11.67 35.88
CA LYS A 511 17.78 -11.60 37.18
C LYS A 511 18.89 -12.62 37.29
N ARG A 512 18.70 -13.78 36.68
CA ARG A 512 19.69 -14.86 36.72
C ARG A 512 20.86 -14.67 35.76
N GLY A 513 20.81 -13.63 34.94
CA GLY A 513 21.86 -13.36 33.99
C GLY A 513 21.68 -14.01 32.63
N PHE A 514 20.58 -14.71 32.40
CA PHE A 514 20.34 -15.32 31.10
C PHE A 514 19.92 -14.25 30.09
N GLU A 515 19.98 -14.63 28.81
CA GLU A 515 19.75 -13.72 27.71
C GLU A 515 18.44 -14.07 27.00
N VAL A 516 17.65 -13.04 26.68
CA VAL A 516 16.34 -13.20 26.06
C VAL A 516 16.30 -12.39 24.77
N VAL A 517 15.79 -13.00 23.71
CA VAL A 517 15.65 -12.35 22.40
C VAL A 517 14.28 -11.67 22.34
N TYR A 518 14.27 -10.44 21.82
CA TYR A 518 13.04 -9.65 21.69
C TYR A 518 12.55 -9.72 20.25
N MET A 519 11.29 -10.14 20.08
CA MET A 519 10.68 -10.30 18.76
C MET A 519 9.37 -9.51 18.76
N THR A 520 9.35 -8.36 18.09
CA THR A 520 8.27 -7.40 18.23
C THR A 520 7.54 -7.15 16.90
N GLU A 521 7.51 -8.13 16.02
CA GLU A 521 6.77 -8.02 14.77
C GLU A 521 5.87 -9.24 14.58
N PRO A 522 4.72 -9.07 13.93
CA PRO A 522 3.90 -10.26 13.61
C PRO A 522 4.62 -11.27 12.74
N ILE A 523 5.43 -10.79 11.80
CA ILE A 523 6.18 -11.70 10.95
C ILE A 523 7.15 -12.53 11.77
N ASP A 524 7.64 -11.98 12.89
CA ASP A 524 8.46 -12.77 13.80
C ASP A 524 7.66 -13.93 14.37
N GLU A 525 6.40 -13.68 14.73
CA GLU A 525 5.55 -14.74 15.24
C GLU A 525 5.35 -15.82 14.18
N TYR A 526 5.16 -15.43 12.93
CA TYR A 526 5.08 -16.42 11.86
C TYR A 526 6.39 -17.17 11.69
N CYS A 527 7.52 -16.50 11.91
CA CYS A 527 8.82 -17.09 11.66
C CYS A 527 9.18 -18.13 12.72
N VAL A 528 8.88 -17.86 13.99
CA VAL A 528 9.25 -18.79 15.05
C VAL A 528 8.47 -20.10 14.99
N GLN A 529 7.39 -20.15 14.19
CA GLN A 529 6.65 -21.39 14.05
C GLN A 529 7.40 -22.41 13.22
N GLN A 530 8.32 -21.98 12.36
CA GLN A 530 9.12 -22.89 11.56
C GLN A 530 10.54 -23.04 12.05
N LEU A 531 11.07 -22.06 12.78
CA LEU A 531 12.43 -22.12 13.32
C LEU A 531 12.37 -22.74 14.71
N LYS A 532 12.36 -24.08 14.73
CA LYS A 532 12.25 -24.79 15.99
C LYS A 532 13.55 -24.80 16.77
N GLU A 533 14.69 -24.83 16.08
CA GLU A 533 15.98 -24.85 16.75
C GLU A 533 16.99 -24.09 15.90
N PHE A 534 18.15 -23.84 16.49
CA PHE A 534 19.24 -23.17 15.79
C PHE A 534 20.55 -23.67 16.38
N ASP A 535 21.47 -24.10 15.51
CA ASP A 535 22.78 -24.57 15.95
C ASP A 535 22.66 -25.72 16.94
N GLY A 536 21.60 -26.52 16.81
CA GLY A 536 21.37 -27.64 17.69
C GLY A 536 20.61 -27.33 18.96
N LYS A 537 20.32 -26.06 19.24
CA LYS A 537 19.68 -25.63 20.46
C LYS A 537 18.26 -25.13 20.16
N SER A 538 17.30 -25.56 20.96
CA SER A 538 15.91 -25.23 20.71
C SER A 538 15.59 -23.83 21.23
N LEU A 539 14.57 -23.22 20.62
CA LEU A 539 14.08 -21.92 21.04
C LEU A 539 12.87 -22.12 21.96
N VAL A 540 12.92 -21.47 23.12
CA VAL A 540 11.90 -21.66 24.16
C VAL A 540 11.29 -20.30 24.46
N SER A 541 9.96 -20.21 24.36
CA SER A 541 9.25 -19.00 24.71
C SER A 541 9.12 -18.88 26.21
N VAL A 542 9.27 -17.66 26.72
CA VAL A 542 9.13 -17.42 28.16
C VAL A 542 7.69 -17.20 28.57
N THR A 543 6.76 -17.12 27.62
CA THR A 543 5.34 -16.93 27.92
C THR A 543 4.55 -18.23 27.87
N LYS A 544 5.22 -19.37 27.77
CA LYS A 544 4.56 -20.67 27.71
C LYS A 544 4.76 -21.42 29.02
N GLU A 545 3.83 -22.34 29.29
CA GLU A 545 3.86 -23.10 30.54
C GLU A 545 5.06 -24.03 30.56
N GLY A 546 5.42 -24.46 31.77
CA GLY A 546 6.52 -25.38 31.94
C GLY A 546 7.87 -24.82 31.56
N LEU A 547 8.15 -23.58 31.97
CA LEU A 547 9.46 -22.99 31.69
C LEU A 547 10.51 -23.64 32.57
N GLU A 548 11.50 -24.28 31.94
CA GLU A 548 12.54 -25.00 32.65
C GLU A 548 13.81 -24.14 32.70
N LEU A 549 14.25 -23.81 33.91
CA LEU A 549 15.47 -23.05 34.12
C LEU A 549 16.45 -23.85 34.97
N PRO A 550 17.74 -23.80 34.69
CA PRO A 550 18.71 -24.49 35.54
C PRO A 550 18.66 -23.95 36.96
N GLU A 551 18.96 -24.83 37.92
CA GLU A 551 18.73 -24.53 39.33
C GLU A 551 19.71 -25.33 40.18
N ASP A 552 19.57 -25.18 41.49
CA ASP A 552 20.33 -25.92 42.49
C ASP A 552 19.37 -26.62 43.44
N GLU A 553 19.90 -27.60 44.18
CA GLU A 553 19.05 -28.40 45.06
C GLU A 553 18.24 -27.52 46.00
N GLU A 554 18.83 -26.41 46.44
CA GLU A 554 18.10 -25.47 47.28
C GLU A 554 16.85 -24.97 46.57
N GLU A 555 16.95 -24.73 45.26
CA GLU A 555 15.79 -24.29 44.50
C GLU A 555 14.69 -25.35 44.50
N LYS A 556 15.07 -26.62 44.31
CA LYS A 556 14.06 -27.69 44.34
C LYS A 556 13.36 -27.75 45.68
N LYS A 557 14.12 -27.76 46.77
CA LYS A 557 13.47 -27.87 48.08
C LYS A 557 12.62 -26.64 48.38
N LYS A 558 13.09 -25.45 48.03
CA LYS A 558 12.30 -24.24 48.24
C LYS A 558 11.01 -24.27 47.43
N MET A 559 11.09 -24.71 46.17
CA MET A 559 9.88 -24.78 45.34
C MET A 559 8.89 -25.80 45.90
N GLU A 560 9.38 -26.95 46.38
CA GLU A 560 8.47 -27.91 46.99
C GLU A 560 7.81 -27.33 48.23
N GLU A 561 8.59 -26.61 49.06
CA GLU A 561 8.01 -26.00 50.25
C GLU A 561 6.94 -24.98 49.88
N SER A 562 7.21 -24.14 48.87
CA SER A 562 6.23 -23.15 48.45
C SER A 562 4.97 -23.81 47.91
N LYS A 563 5.13 -24.86 47.11
CA LYS A 563 3.97 -25.57 46.58
C LYS A 563 3.12 -26.14 47.70
N ALA A 564 3.77 -26.77 48.69
CA ALA A 564 3.01 -27.33 49.81
C ALA A 564 2.30 -26.21 50.59
N LYS A 565 2.99 -25.08 50.79
CA LYS A 565 2.40 -23.98 51.55
C LYS A 565 1.18 -23.40 50.85
N PHE A 566 1.24 -23.26 49.53
CA PHE A 566 0.20 -22.57 48.77
C PHE A 566 -0.77 -23.53 48.08
N GLU A 567 -0.70 -24.83 48.39
CA GLU A 567 -1.63 -25.78 47.78
C GLU A 567 -3.08 -25.35 47.98
N ASN A 568 -3.41 -24.81 49.17
CA ASN A 568 -4.80 -24.47 49.46
C ASN A 568 -5.22 -23.21 48.72
N LEU A 569 -4.35 -22.20 48.67
CA LEU A 569 -4.71 -20.96 48.00
C LEU A 569 -4.95 -21.19 46.52
N CYS A 570 -4.13 -22.04 45.88
CA CYS A 570 -4.32 -22.32 44.46
C CYS A 570 -5.67 -22.98 44.23
N LYS A 571 -6.05 -23.92 45.09
CA LYS A 571 -7.36 -24.57 44.97
C LYS A 571 -8.48 -23.54 45.11
N LEU A 572 -8.37 -22.67 46.11
CA LEU A 572 -9.42 -21.67 46.32
C LEU A 572 -9.53 -20.74 45.11
N MET A 573 -8.40 -20.30 44.57
CA MET A 573 -8.43 -19.41 43.42
C MET A 573 -9.01 -20.10 42.19
N LYS A 574 -8.62 -21.36 41.95
CA LYS A 574 -9.20 -22.10 40.84
C LYS A 574 -10.70 -22.30 41.02
N GLU A 575 -11.16 -22.37 42.27
CA GLU A 575 -12.59 -22.43 42.52
C GLU A 575 -13.25 -21.09 42.22
N ILE A 576 -12.58 -19.98 42.55
CA ILE A 576 -13.17 -18.66 42.36
C ILE A 576 -13.29 -18.33 40.88
N LEU A 577 -12.31 -18.75 40.07
CA LEU A 577 -12.24 -18.42 38.66
C LEU A 577 -12.67 -19.58 37.78
N ASP A 578 -13.71 -20.31 38.18
CA ASP A 578 -14.12 -21.50 37.47
C ASP A 578 -14.30 -21.24 35.98
N LYS A 579 -13.63 -22.04 35.16
CA LYS A 579 -13.72 -22.04 33.70
C LYS A 579 -13.09 -20.81 33.06
N LYS A 580 -12.61 -19.85 33.85
CA LYS A 580 -11.81 -18.76 33.29
C LYS A 580 -10.37 -19.17 33.06
N VAL A 581 -9.86 -20.12 33.86
CA VAL A 581 -8.53 -20.67 33.70
C VAL A 581 -8.63 -22.18 33.85
N GLU A 582 -7.51 -22.86 33.63
CA GLU A 582 -7.41 -24.29 33.84
C GLU A 582 -6.58 -24.69 35.04
N LYS A 583 -5.55 -23.91 35.38
CA LYS A 583 -4.66 -24.26 36.46
C LYS A 583 -4.16 -23.00 37.16
N VAL A 584 -3.95 -23.11 38.46
CA VAL A 584 -3.29 -22.08 39.26
C VAL A 584 -2.11 -22.73 39.95
N THR A 585 -0.92 -22.19 39.71
CA THR A 585 0.31 -22.83 40.17
C THR A 585 1.30 -21.76 40.62
N ILE A 586 2.31 -22.20 41.36
CA ILE A 586 3.37 -21.31 41.81
C ILE A 586 4.30 -21.01 40.65
N SER A 587 4.55 -19.73 40.41
CA SER A 587 5.38 -19.31 39.30
C SER A 587 6.86 -19.51 39.62
N ASN A 588 7.63 -19.89 38.61
CA ASN A 588 9.08 -20.00 38.73
C ASN A 588 9.81 -18.92 37.94
N ARG A 589 9.10 -17.91 37.44
CA ARG A 589 9.71 -16.89 36.61
C ARG A 589 9.38 -15.46 37.06
N LEU A 590 8.63 -15.29 38.14
CA LEU A 590 8.26 -13.97 38.63
C LEU A 590 9.22 -13.51 39.72
N VAL A 591 9.45 -12.20 39.77
CA VAL A 591 10.25 -11.59 40.82
C VAL A 591 9.44 -10.51 41.51
N SER A 592 9.05 -9.48 40.74
CA SER A 592 8.35 -8.32 41.28
C SER A 592 6.85 -8.37 41.10
N SER A 593 6.36 -8.99 40.04
CA SER A 593 4.94 -9.04 39.78
C SER A 593 4.26 -10.06 40.70
N PRO A 594 2.99 -9.85 41.06
CA PRO A 594 2.30 -10.82 41.91
C PRO A 594 1.76 -12.03 41.16
N CYS A 595 1.52 -11.92 39.86
CA CYS A 595 0.98 -13.04 39.09
C CYS A 595 1.17 -12.75 37.62
N CYS A 596 0.95 -13.78 36.79
CA CYS A 596 1.01 -13.64 35.35
C CYS A 596 0.22 -14.78 34.72
N ILE A 597 -0.11 -14.61 33.45
CA ILE A 597 -0.85 -15.61 32.68
C ILE A 597 0.10 -16.20 31.65
N VAL A 598 0.15 -17.54 31.60
CA VAL A 598 0.93 -18.25 30.60
C VAL A 598 -0.02 -19.20 29.86
N THR A 599 0.35 -19.49 28.61
CA THR A 599 -0.44 -20.37 27.77
C THR A 599 0.11 -21.79 27.81
N SER A 600 -0.75 -22.75 27.53
CA SER A 600 -0.35 -24.15 27.57
C SER A 600 0.57 -24.47 26.40
N THR A 601 1.30 -25.58 26.52
CA THR A 601 2.27 -25.95 25.50
C THR A 601 1.59 -26.19 24.15
N TYR A 602 0.33 -26.58 24.16
CA TYR A 602 -0.45 -26.80 22.94
C TYR A 602 -1.43 -25.65 22.74
N GLY A 603 -1.41 -25.07 21.56
CA GLY A 603 -2.28 -23.96 21.22
C GLY A 603 -1.50 -22.69 20.92
N TRP A 604 -2.25 -21.66 20.55
CA TRP A 604 -1.66 -20.37 20.22
C TRP A 604 -1.23 -19.62 21.47
N THR A 605 -0.22 -18.77 21.31
CA THR A 605 0.18 -17.85 22.37
C THR A 605 -0.71 -16.61 22.34
N ALA A 606 -0.50 -15.72 23.31
CA ALA A 606 -1.29 -14.49 23.36
C ALA A 606 -1.04 -13.65 22.11
N ASN A 607 0.22 -13.46 21.74
CA ASN A 607 0.54 -12.70 20.54
C ASN A 607 0.03 -13.39 19.29
N MET A 608 0.16 -14.71 19.24
CA MET A 608 -0.36 -15.46 18.09
C MET A 608 -1.87 -15.31 17.98
N GLU A 609 -2.57 -15.39 19.10
CA GLU A 609 -4.02 -15.20 19.09
C GLU A 609 -4.37 -13.79 18.63
N ARG A 610 -3.61 -12.79 19.08
CA ARG A 610 -3.84 -11.43 18.63
C ARG A 610 -3.68 -11.30 17.12
N ILE A 611 -2.65 -11.92 16.57
CA ILE A 611 -2.39 -11.79 15.14
C ILE A 611 -3.42 -12.57 14.32
N MET A 612 -3.90 -13.71 14.84
CA MET A 612 -4.88 -14.49 14.08
C MET A 612 -6.26 -13.85 14.10
N LYS A 613 -6.63 -13.18 15.19
CA LYS A 613 -7.94 -12.55 15.25
C LYS A 613 -8.07 -11.35 14.31
N ALA A 614 -6.95 -10.83 13.81
CA ALA A 614 -6.95 -9.63 13.00
C ALA A 614 -6.83 -9.92 11.50
N GLN A 615 -6.99 -11.18 11.09
CA GLN A 615 -6.94 -11.54 9.68
C GLN A 615 -8.35 -11.44 9.10
N ALA A 616 -8.55 -10.47 8.19
CA ALA A 616 -9.88 -10.25 7.64
C ALA A 616 -10.36 -11.44 6.82
N LEU A 617 -9.46 -12.05 6.05
CA LEU A 617 -9.85 -13.13 5.14
C LEU A 617 -9.82 -14.50 5.80
N ARG A 618 -9.14 -14.66 6.93
CA ARG A 618 -9.13 -15.93 7.63
C ARG A 618 -10.51 -16.24 8.19
N ASP A 619 -10.90 -17.51 8.13
CA ASP A 619 -12.15 -17.96 8.73
C ASP A 619 -11.85 -18.38 10.17
N ASN A 620 -12.29 -17.55 11.12
CA ASN A 620 -12.06 -17.78 12.54
C ASN A 620 -13.27 -18.41 13.22
N SER A 621 -14.15 -19.06 12.45
CA SER A 621 -15.34 -19.68 13.02
C SER A 621 -14.99 -20.90 13.86
N THR A 622 -13.77 -21.42 13.77
CA THR A 622 -13.35 -22.60 14.50
C THR A 622 -12.19 -22.32 15.45
N MET A 623 -11.86 -21.05 15.67
CA MET A 623 -10.66 -20.71 16.44
C MET A 623 -10.75 -21.17 17.89
N GLY A 624 -11.95 -21.44 18.39
CA GLY A 624 -12.07 -21.93 19.76
C GLY A 624 -11.31 -23.22 19.98
N TYR A 625 -11.12 -24.00 18.92
CA TYR A 625 -10.40 -25.26 18.99
C TYR A 625 -8.91 -25.10 18.73
N MET A 626 -8.44 -23.87 18.47
CA MET A 626 -7.02 -23.61 18.25
C MET A 626 -6.41 -22.73 19.32
N MET A 627 -7.21 -22.01 20.08
CA MET A 627 -6.68 -21.17 21.16
C MET A 627 -6.13 -22.05 22.28
N ALA A 628 -5.04 -21.58 22.88
CA ALA A 628 -4.43 -22.29 24.00
C ALA A 628 -5.19 -21.99 25.29
N LYS A 629 -4.99 -22.84 26.28
CA LYS A 629 -5.52 -22.62 27.61
C LYS A 629 -4.54 -21.77 28.41
N LYS A 630 -5.06 -21.05 29.40
CA LYS A 630 -4.27 -20.11 30.18
C LYS A 630 -4.17 -20.60 31.62
N HIS A 631 -2.95 -20.57 32.15
CA HIS A 631 -2.68 -20.92 33.54
C HIS A 631 -2.21 -19.67 34.28
N LEU A 632 -2.76 -19.47 35.47
CA LEU A 632 -2.38 -18.33 36.30
C LEU A 632 -1.26 -18.76 37.24
N GLU A 633 -0.10 -18.12 37.09
CA GLU A 633 1.05 -18.39 37.94
C GLU A 633 1.22 -17.25 38.93
N ILE A 634 1.18 -17.56 40.22
CA ILE A 634 1.28 -16.56 41.28
C ILE A 634 2.68 -16.59 41.86
N ASN A 635 3.10 -15.45 42.41
CA ASN A 635 4.44 -15.30 42.97
C ASN A 635 4.35 -15.46 44.48
N PRO A 636 4.88 -16.54 45.06
CA PRO A 636 4.74 -16.73 46.52
C PRO A 636 5.45 -15.66 47.34
N ASP A 637 6.48 -15.03 46.80
CA ASP A 637 7.27 -14.06 47.56
C ASP A 637 6.63 -12.68 47.62
N HIS A 638 5.52 -12.46 46.90
CA HIS A 638 4.94 -11.13 46.88
C HIS A 638 4.11 -10.88 48.14
N PRO A 639 4.16 -9.66 48.69
CA PRO A 639 3.32 -9.39 49.88
C PRO A 639 1.85 -9.62 49.65
N ILE A 640 1.34 -9.28 48.46
CA ILE A 640 -0.09 -9.44 48.19
C ILE A 640 -0.47 -10.92 48.26
N VAL A 641 0.36 -11.79 47.73
CA VAL A 641 0.03 -13.21 47.72
C VAL A 641 0.08 -13.79 49.13
N GLU A 642 1.04 -13.35 49.94
CA GLU A 642 1.10 -13.80 51.34
C GLU A 642 -0.14 -13.34 52.09
N THR A 643 -0.54 -12.08 51.90
CA THR A 643 -1.75 -11.60 52.55
C THR A 643 -2.97 -12.37 52.07
N LEU A 644 -3.01 -12.71 50.78
CA LEU A 644 -4.12 -13.52 50.27
C LEU A 644 -4.17 -14.88 50.94
N ARG A 645 -3.01 -15.51 51.11
CA ARG A 645 -2.99 -16.81 51.77
C ARG A 645 -3.47 -16.70 53.21
N GLN A 646 -3.01 -15.67 53.92
CA GLN A 646 -3.45 -15.48 55.31
C GLN A 646 -4.96 -15.28 55.38
N LYS A 647 -5.49 -14.43 54.51
CA LYS A 647 -6.93 -14.16 54.53
C LYS A 647 -7.73 -15.41 54.18
N ALA A 648 -7.26 -16.18 53.20
CA ALA A 648 -7.97 -17.40 52.84
C ALA A 648 -7.96 -18.40 53.99
N GLU A 649 -6.82 -18.54 54.67
CA GLU A 649 -6.78 -19.42 55.84
C GLU A 649 -7.73 -18.95 56.91
N ALA A 650 -7.77 -17.63 57.16
CA ALA A 650 -8.67 -17.10 58.18
C ALA A 650 -10.13 -17.38 57.84
N ASP A 651 -10.51 -17.18 56.57
CA ASP A 651 -11.88 -17.41 56.14
C ASP A 651 -11.89 -17.58 54.63
N LYS A 652 -12.36 -18.74 54.16
CA LYS A 652 -12.37 -19.01 52.73
C LYS A 652 -13.51 -18.27 52.02
N ASN A 653 -14.67 -18.17 52.65
CA ASN A 653 -15.85 -17.60 52.02
C ASN A 653 -15.89 -16.07 52.09
N ASP A 654 -14.77 -15.42 52.37
CA ASP A 654 -14.75 -13.96 52.43
C ASP A 654 -15.00 -13.37 51.04
N LYS A 655 -15.68 -12.22 51.01
CA LYS A 655 -15.90 -11.52 49.76
C LYS A 655 -14.68 -10.69 49.36
N ALA A 656 -13.92 -10.20 50.33
CA ALA A 656 -12.75 -9.39 50.02
C ALA A 656 -11.74 -10.19 49.21
N VAL A 657 -11.48 -11.43 49.62
CA VAL A 657 -10.53 -12.26 48.89
C VAL A 657 -11.05 -12.52 47.48
N LYS A 658 -12.35 -12.78 47.33
CA LYS A 658 -12.91 -13.03 46.01
C LYS A 658 -12.71 -11.83 45.09
N ASP A 659 -13.06 -10.64 45.57
CA ASP A 659 -12.93 -9.45 44.74
C ASP A 659 -11.47 -9.17 44.41
N LEU A 660 -10.58 -9.33 45.38
CA LEU A 660 -9.17 -9.08 45.13
C LEU A 660 -8.59 -10.07 44.14
N VAL A 661 -9.01 -11.34 44.22
CA VAL A 661 -8.57 -12.35 43.27
C VAL A 661 -9.03 -11.99 41.86
N VAL A 662 -10.30 -11.59 41.72
CA VAL A 662 -10.81 -11.26 40.41
C VAL A 662 -10.06 -10.06 39.83
N LEU A 663 -9.83 -9.04 40.66
CA LEU A 663 -9.10 -7.87 40.18
C LEU A 663 -7.69 -8.23 39.75
N LEU A 664 -7.02 -9.07 40.55
CA LEU A 664 -5.67 -9.51 40.19
C LEU A 664 -5.67 -10.27 38.87
N PHE A 665 -6.65 -11.16 38.68
CA PHE A 665 -6.73 -11.91 37.44
C PHE A 665 -6.92 -10.99 36.25
N GLU A 666 -7.81 -10.00 36.37
CA GLU A 666 -8.02 -9.06 35.26
C GLU A 666 -6.76 -8.27 34.96
N THR A 667 -6.07 -7.79 35.99
CA THR A 667 -4.85 -7.02 35.75
C THR A 667 -3.78 -7.87 35.08
N ALA A 668 -3.61 -9.11 35.54
CA ALA A 668 -2.62 -10.00 34.92
C ALA A 668 -3.00 -10.31 33.49
N LEU A 669 -4.29 -10.54 33.22
CA LEU A 669 -4.73 -10.81 31.86
C LEU A 669 -4.42 -9.64 30.94
N LEU A 670 -4.70 -8.42 31.40
CA LEU A 670 -4.39 -7.25 30.58
C LEU A 670 -2.89 -7.08 30.40
N SER A 671 -2.09 -7.51 31.38
CA SER A 671 -0.64 -7.34 31.31
C SER A 671 0.05 -8.46 30.55
N SER A 672 -0.67 -9.51 30.15
CA SER A 672 -0.07 -10.67 29.50
C SER A 672 -0.33 -10.70 28.00
N GLY A 673 -0.97 -9.68 27.44
CA GLY A 673 -1.21 -9.60 26.02
C GLY A 673 -2.60 -10.00 25.58
N PHE A 674 -3.43 -10.52 26.48
CA PHE A 674 -4.80 -10.86 26.12
C PHE A 674 -5.68 -9.61 26.17
N SER A 675 -6.92 -9.78 25.75
CA SER A 675 -7.93 -8.72 25.80
C SER A 675 -9.18 -9.28 26.44
N LEU A 676 -9.83 -8.46 27.28
CA LEU A 676 -11.03 -8.89 27.97
C LEU A 676 -12.20 -9.00 27.00
N GLU A 677 -13.07 -9.98 27.24
CA GLU A 677 -14.29 -10.10 26.45
C GLU A 677 -15.24 -8.94 26.71
N ASP A 678 -15.02 -8.18 27.79
CA ASP A 678 -15.86 -7.02 28.10
C ASP A 678 -15.03 -6.07 28.96
N PRO A 679 -14.29 -5.15 28.34
CA PRO A 679 -13.46 -4.23 29.12
C PRO A 679 -14.27 -3.36 30.07
N GLN A 680 -15.57 -3.21 29.83
CA GLN A 680 -16.38 -2.36 30.68
C GLN A 680 -16.48 -2.91 32.10
N THR A 681 -16.38 -4.23 32.28
CA THR A 681 -16.37 -4.79 33.63
C THR A 681 -15.16 -4.29 34.40
N HIS A 682 -13.99 -4.34 33.77
CA HIS A 682 -12.77 -3.83 34.42
C HIS A 682 -12.88 -2.33 34.67
N SER A 683 -13.42 -1.58 33.71
CA SER A 683 -13.58 -0.14 33.90
C SER A 683 -14.51 0.15 35.07
N ASN A 684 -15.61 -0.60 35.19
CA ASN A 684 -16.54 -0.39 36.30
C ASN A 684 -15.90 -0.74 37.63
N ARG A 685 -15.10 -1.80 37.66
CA ARG A 685 -14.36 -2.12 38.89
C ARG A 685 -13.48 -0.96 39.30
N ILE A 686 -12.71 -0.41 38.35
CA ILE A 686 -11.82 0.70 38.66
C ILE A 686 -12.62 1.91 39.12
N TYR A 687 -13.74 2.19 38.47
CA TYR A 687 -14.55 3.35 38.84
C TYR A 687 -15.12 3.20 40.24
N ARG A 688 -15.57 2.00 40.59
CA ARG A 688 -16.06 1.76 41.95
C ARG A 688 -14.94 1.97 42.97
N MET A 689 -13.75 1.47 42.68
CA MET A 689 -12.63 1.70 43.59
C MET A 689 -12.34 3.19 43.74
N ILE A 690 -12.39 3.93 42.63
CA ILE A 690 -12.14 5.36 42.68
C ILE A 690 -13.19 6.07 43.52
N LYS A 691 -14.46 5.71 43.34
CA LYS A 691 -15.53 6.32 44.11
C LYS A 691 -15.36 6.03 45.60
N LEU A 692 -15.01 4.79 45.94
CA LEU A 692 -14.78 4.46 47.34
C LEU A 692 -13.61 5.25 47.90
N GLY A 693 -12.56 5.42 47.10
CA GLY A 693 -11.42 6.22 47.55
C GLY A 693 -11.79 7.67 47.80
N LEU A 694 -12.64 8.24 46.93
CA LEU A 694 -13.03 9.64 47.08
C LEU A 694 -14.12 9.85 48.11
N GLY A 695 -14.79 8.78 48.56
CA GLY A 695 -15.83 8.91 49.55
C GLY A 695 -17.23 9.09 48.99
N ILE A 696 -17.41 8.97 47.68
CA ILE A 696 -18.73 9.11 47.08
C ILE A 696 -19.57 7.88 47.39
N GLU B 17 11.05 -3.09 -66.67
CA GLU B 17 10.03 -4.12 -66.53
C GLU B 17 9.70 -4.36 -65.07
N VAL B 18 8.60 -5.07 -64.81
CA VAL B 18 8.15 -5.39 -63.47
C VAL B 18 7.81 -6.88 -63.43
N GLU B 19 8.65 -7.65 -62.75
CA GLU B 19 8.41 -9.08 -62.61
C GLU B 19 7.40 -9.35 -61.49
N THR B 20 6.71 -10.48 -61.61
CA THR B 20 5.71 -10.88 -60.63
C THR B 20 5.94 -12.33 -60.27
N PHE B 21 5.84 -12.63 -58.97
CA PHE B 21 6.08 -13.97 -58.45
C PHE B 21 4.97 -14.35 -57.48
N ALA B 22 4.87 -15.64 -57.23
CA ALA B 22 3.95 -16.19 -56.24
C ALA B 22 4.72 -16.65 -55.02
N PHE B 23 4.13 -16.46 -53.85
CA PHE B 23 4.76 -16.84 -52.61
C PHE B 23 4.96 -18.35 -52.56
N GLN B 24 6.11 -18.77 -52.05
CA GLN B 24 6.46 -20.17 -51.90
C GLN B 24 6.60 -20.52 -50.42
N ALA B 25 6.85 -21.80 -50.15
CA ALA B 25 7.08 -22.28 -48.80
C ALA B 25 8.09 -23.40 -48.85
N GLU B 26 9.03 -23.38 -47.91
CA GLU B 26 10.04 -24.43 -47.78
C GLU B 26 9.54 -25.47 -46.78
N ILE B 27 9.30 -26.68 -47.27
CA ILE B 27 8.45 -27.63 -46.56
C ILE B 27 9.13 -28.15 -45.30
N ALA B 28 10.41 -28.49 -45.39
CA ALA B 28 11.09 -29.14 -44.27
C ALA B 28 11.08 -28.26 -43.03
N GLN B 29 11.49 -27.00 -43.17
CA GLN B 29 11.48 -26.10 -42.04
C GLN B 29 10.06 -25.76 -41.60
N LEU B 30 9.08 -25.80 -42.50
CA LEU B 30 7.70 -25.60 -42.09
C LEU B 30 7.24 -26.72 -41.17
N MET B 31 7.55 -27.96 -41.54
CA MET B 31 7.22 -29.08 -40.67
C MET B 31 7.95 -28.99 -39.34
N SER B 32 9.22 -28.60 -39.38
CA SER B 32 9.97 -28.42 -38.13
C SER B 32 9.32 -27.37 -37.25
N LEU B 33 8.89 -26.25 -37.83
CA LEU B 33 8.23 -25.22 -37.06
C LEU B 33 6.94 -25.75 -36.44
N ILE B 34 6.14 -26.46 -37.23
CA ILE B 34 4.87 -26.96 -36.71
C ILE B 34 5.11 -27.91 -35.54
N ILE B 35 6.13 -28.76 -35.65
CA ILE B 35 6.37 -29.76 -34.61
C ILE B 35 7.08 -29.19 -33.39
N ASN B 36 7.84 -28.10 -33.53
CA ASN B 36 8.69 -27.65 -32.44
C ASN B 36 8.29 -26.33 -31.80
N THR B 37 7.60 -25.43 -32.50
CA THR B 37 7.37 -24.09 -31.97
C THR B 37 5.90 -23.71 -31.85
N PHE B 38 4.97 -24.60 -32.19
CA PHE B 38 3.55 -24.27 -32.11
C PHE B 38 2.95 -24.57 -30.74
N TYR B 39 3.22 -25.76 -30.19
CA TYR B 39 2.57 -26.23 -28.98
C TYR B 39 3.62 -26.44 -27.89
N SER B 40 3.37 -25.89 -26.71
CA SER B 40 4.30 -25.99 -25.55
C SER B 40 4.04 -27.27 -24.76
N ASN B 41 2.80 -27.76 -24.72
CA ASN B 41 2.44 -28.95 -23.97
C ASN B 41 2.22 -30.10 -24.94
N LYS B 42 2.87 -31.23 -24.69
CA LYS B 42 2.80 -32.37 -25.60
C LYS B 42 1.51 -33.15 -25.47
N GLU B 43 0.80 -33.04 -24.34
CA GLU B 43 -0.43 -33.79 -24.16
C GLU B 43 -1.54 -33.36 -25.11
N ILE B 44 -1.42 -32.20 -25.75
CA ILE B 44 -2.49 -31.71 -26.61
C ILE B 44 -2.60 -32.47 -27.92
N PHE B 45 -1.71 -33.44 -28.17
CA PHE B 45 -1.86 -34.27 -29.37
C PHE B 45 -3.14 -35.08 -29.30
N LEU B 46 -3.50 -35.59 -28.13
CA LEU B 46 -4.72 -36.35 -27.98
C LEU B 46 -5.95 -35.47 -28.23
N ARG B 47 -5.89 -34.22 -27.77
CA ARG B 47 -6.98 -33.29 -28.01
C ARG B 47 -7.21 -33.09 -29.51
N GLU B 48 -6.13 -32.90 -30.27
CA GLU B 48 -6.28 -32.66 -31.70
C GLU B 48 -6.86 -33.89 -32.41
N LEU B 49 -6.38 -35.08 -32.07
CA LEU B 49 -6.90 -36.29 -32.72
C LEU B 49 -8.37 -36.51 -32.37
N ILE B 50 -8.75 -36.29 -31.11
CA ILE B 50 -10.14 -36.46 -30.74
C ILE B 50 -11.00 -35.41 -31.44
N SER B 51 -10.48 -34.19 -31.60
CA SER B 51 -11.20 -33.17 -32.35
C SER B 51 -11.43 -33.60 -33.78
N ASN B 52 -10.41 -34.18 -34.41
CA ASN B 52 -10.55 -34.66 -35.79
C ASN B 52 -11.58 -35.78 -35.87
N ALA B 53 -11.56 -36.71 -34.92
CA ALA B 53 -12.55 -37.78 -34.92
C ALA B 53 -13.96 -37.24 -34.76
N SER B 54 -14.15 -36.27 -33.87
CA SER B 54 -15.46 -35.67 -33.69
C SER B 54 -15.91 -34.94 -34.96
N ASP B 55 -14.98 -34.27 -35.64
CA ASP B 55 -15.32 -33.63 -36.91
C ASP B 55 -15.77 -34.65 -37.94
N ALA B 56 -15.07 -35.77 -38.04
CA ALA B 56 -15.45 -36.81 -38.99
C ALA B 56 -16.83 -37.38 -38.66
N LEU B 57 -17.10 -37.61 -37.37
CA LEU B 57 -18.40 -38.11 -36.96
C LEU B 57 -19.51 -37.10 -37.28
N ASP B 58 -19.24 -35.80 -37.07
CA ASP B 58 -20.20 -34.79 -37.46
C ASP B 58 -20.47 -34.84 -38.96
N LYS B 59 -19.41 -34.98 -39.77
CA LYS B 59 -19.60 -35.05 -41.20
C LYS B 59 -20.48 -36.23 -41.61
N ILE B 60 -20.19 -37.41 -41.06
CA ILE B 60 -20.97 -38.59 -41.46
C ILE B 60 -22.40 -38.46 -40.99
N ARG B 61 -22.63 -37.93 -39.78
CA ARG B 61 -24.00 -37.76 -39.31
C ARG B 61 -24.76 -36.78 -40.19
N TYR B 62 -24.14 -35.66 -40.55
CA TYR B 62 -24.81 -34.68 -41.42
C TYR B 62 -25.13 -35.30 -42.77
N GLU B 63 -24.19 -36.04 -43.35
CA GLU B 63 -24.44 -36.67 -44.64
C GLU B 63 -25.58 -37.69 -44.54
N SER B 64 -25.59 -38.50 -43.49
CA SER B 64 -26.63 -39.52 -43.32
C SER B 64 -27.99 -38.91 -43.02
N LEU B 65 -28.04 -37.69 -42.48
CA LEU B 65 -29.34 -37.08 -42.21
C LEU B 65 -30.23 -37.10 -43.45
N THR B 66 -29.68 -36.70 -44.60
CA THR B 66 -30.43 -36.66 -45.85
C THR B 66 -30.34 -37.94 -46.65
N ASP B 67 -29.31 -38.76 -46.43
CA ASP B 67 -29.11 -39.98 -47.19
C ASP B 67 -28.86 -41.11 -46.19
N PRO B 68 -29.93 -41.69 -45.64
CA PRO B 68 -29.74 -42.73 -44.61
C PRO B 68 -28.97 -43.94 -45.10
N SER B 69 -28.86 -44.14 -46.41
CA SER B 69 -28.12 -45.29 -46.94
C SER B 69 -26.63 -45.21 -46.63
N LYS B 70 -26.13 -44.06 -46.19
CA LYS B 70 -24.70 -43.94 -45.92
C LYS B 70 -24.30 -44.71 -44.67
N LEU B 71 -25.22 -44.88 -43.73
CA LEU B 71 -24.93 -45.60 -42.48
C LEU B 71 -25.25 -47.09 -42.60
N ASP B 72 -24.72 -47.73 -43.65
CA ASP B 72 -24.88 -49.16 -43.85
C ASP B 72 -23.65 -49.96 -43.45
N SER B 73 -22.49 -49.31 -43.34
CA SER B 73 -21.27 -49.96 -42.87
C SER B 73 -21.10 -49.84 -41.36
N GLY B 74 -22.15 -49.43 -40.65
CA GLY B 74 -22.09 -49.22 -39.22
C GLY B 74 -22.98 -48.09 -38.78
N LYS B 75 -23.75 -48.31 -37.71
CA LYS B 75 -24.73 -47.32 -37.26
C LYS B 75 -24.30 -46.57 -36.01
N GLU B 76 -23.29 -47.04 -35.30
CA GLU B 76 -22.86 -46.42 -34.06
C GLU B 76 -21.70 -45.46 -34.33
N LEU B 77 -21.85 -44.23 -33.83
CA LEU B 77 -20.82 -43.19 -33.96
C LEU B 77 -20.10 -43.10 -32.61
N LYS B 78 -18.82 -43.42 -32.61
CA LYS B 78 -18.08 -43.56 -31.36
C LYS B 78 -16.59 -43.44 -31.61
N ILE B 79 -15.84 -43.28 -30.52
CA ILE B 79 -14.38 -43.16 -30.56
C ILE B 79 -13.80 -44.14 -29.56
N ASP B 80 -12.65 -44.73 -29.89
CA ASP B 80 -11.98 -45.70 -29.04
C ASP B 80 -10.52 -45.32 -28.88
N ILE B 81 -9.98 -45.59 -27.69
CA ILE B 81 -8.56 -45.41 -27.41
C ILE B 81 -8.01 -46.75 -26.94
N ILE B 82 -6.98 -47.24 -27.61
CA ILE B 82 -6.46 -48.58 -27.39
C ILE B 82 -4.95 -48.53 -27.20
N PRO B 83 -4.46 -48.39 -25.97
CA PRO B 83 -3.01 -48.51 -25.75
C PRO B 83 -2.51 -49.92 -26.01
N ASN B 84 -1.28 -50.01 -26.49
CA ASN B 84 -0.60 -51.29 -26.75
C ASN B 84 0.79 -51.22 -26.17
N PRO B 85 0.94 -51.52 -24.87
CA PRO B 85 2.27 -51.41 -24.25
C PRO B 85 3.34 -52.27 -24.90
N GLN B 86 2.98 -53.46 -25.39
CA GLN B 86 3.99 -54.35 -25.97
C GLN B 86 4.60 -53.74 -27.23
N GLU B 87 3.76 -53.29 -28.16
CA GLU B 87 4.25 -52.64 -29.37
C GLU B 87 4.63 -51.19 -29.15
N ARG B 88 4.30 -50.63 -27.98
CA ARG B 88 4.50 -49.20 -27.70
C ARG B 88 3.73 -48.34 -28.71
N THR B 89 2.44 -48.60 -28.85
CA THR B 89 1.61 -47.87 -29.79
C THR B 89 0.31 -47.45 -29.13
N LEU B 90 -0.24 -46.33 -29.60
CA LEU B 90 -1.53 -45.82 -29.16
C LEU B 90 -2.42 -45.70 -30.39
N THR B 91 -3.62 -46.27 -30.31
CA THR B 91 -4.55 -46.32 -31.44
C THR B 91 -5.81 -45.55 -31.09
N LEU B 92 -6.23 -44.67 -31.99
CA LEU B 92 -7.49 -43.93 -31.87
C LEU B 92 -8.36 -44.32 -33.05
N VAL B 93 -9.47 -45.01 -32.78
CA VAL B 93 -10.36 -45.52 -33.82
C VAL B 93 -11.66 -44.74 -33.76
N ASP B 94 -12.13 -44.30 -34.91
CA ASP B 94 -13.42 -43.64 -35.04
C ASP B 94 -14.17 -44.21 -36.23
N THR B 95 -15.50 -44.15 -36.18
CA THR B 95 -16.36 -44.66 -37.24
C THR B 95 -16.92 -43.52 -38.08
N GLY B 96 -16.12 -42.49 -38.32
CA GLY B 96 -16.57 -41.31 -39.04
C GLY B 96 -16.73 -41.56 -40.52
N ILE B 97 -16.57 -40.48 -41.29
CA ILE B 97 -16.82 -40.51 -42.72
C ILE B 97 -15.70 -41.19 -43.49
N GLY B 98 -14.47 -41.15 -42.97
CA GLY B 98 -13.34 -41.71 -43.69
C GLY B 98 -12.82 -40.76 -44.75
N MET B 99 -11.79 -41.21 -45.46
CA MET B 99 -11.19 -40.42 -46.53
C MET B 99 -10.92 -41.32 -47.73
N THR B 100 -11.01 -40.73 -48.92
CA THR B 100 -10.62 -41.39 -50.14
C THR B 100 -9.13 -41.18 -50.38
N LYS B 101 -8.58 -41.83 -51.41
CA LYS B 101 -7.16 -41.67 -51.73
C LYS B 101 -6.84 -40.22 -52.05
N ALA B 102 -7.68 -39.58 -52.89
CA ALA B 102 -7.47 -38.17 -53.19
C ALA B 102 -7.62 -37.32 -51.93
N ASP B 103 -8.62 -37.61 -51.11
CA ASP B 103 -8.77 -36.89 -49.85
C ASP B 103 -7.57 -37.11 -48.95
N LEU B 104 -7.08 -38.34 -48.86
CA LEU B 104 -5.88 -38.58 -48.06
C LEU B 104 -4.73 -37.70 -48.54
N ILE B 105 -4.43 -37.75 -49.84
CA ILE B 105 -3.27 -37.04 -50.37
C ILE B 105 -3.42 -35.53 -50.17
N ASN B 106 -4.63 -35.00 -50.38
CA ASN B 106 -4.83 -33.57 -50.28
C ASN B 106 -4.85 -33.10 -48.82
N ASN B 107 -5.76 -33.67 -48.03
CA ASN B 107 -5.96 -33.18 -46.66
C ASN B 107 -4.78 -33.49 -45.77
N LEU B 108 -4.29 -34.73 -45.79
CA LEU B 108 -3.20 -35.11 -44.90
C LEU B 108 -1.83 -34.80 -45.46
N GLY B 109 -1.72 -34.55 -46.76
CA GLY B 109 -0.43 -34.32 -47.38
C GLY B 109 -0.12 -32.85 -47.61
N THR B 110 -1.11 -31.99 -47.41
CA THR B 110 -0.97 -30.55 -47.63
C THR B 110 -1.04 -29.84 -46.29
N ILE B 111 -0.03 -29.03 -46.00
CA ILE B 111 0.02 -28.26 -44.77
C ILE B 111 -0.86 -27.03 -44.91
N ALA B 112 -1.63 -26.73 -43.86
CA ALA B 112 -2.56 -25.61 -43.82
C ALA B 112 -3.76 -25.80 -44.73
N LYS B 113 -3.99 -27.03 -45.20
CA LYS B 113 -5.17 -27.37 -45.96
C LYS B 113 -6.16 -28.07 -45.04
N SER B 114 -7.36 -27.51 -44.93
CA SER B 114 -8.40 -28.04 -44.03
C SER B 114 -9.54 -28.57 -44.87
N GLY B 115 -9.85 -29.86 -44.71
CA GLY B 115 -11.03 -30.41 -45.32
C GLY B 115 -12.31 -30.00 -44.60
N THR B 116 -12.23 -29.81 -43.28
CA THR B 116 -13.39 -29.36 -42.52
C THR B 116 -13.81 -27.97 -42.94
N LYS B 117 -12.84 -27.07 -43.14
CA LYS B 117 -13.16 -25.72 -43.58
C LYS B 117 -13.85 -25.73 -44.94
N ALA B 118 -13.30 -26.47 -45.89
CA ALA B 118 -13.91 -26.56 -47.22
C ALA B 118 -15.30 -27.17 -47.12
N PHE B 119 -15.47 -28.21 -46.32
CA PHE B 119 -16.78 -28.80 -46.10
C PHE B 119 -17.76 -27.74 -45.63
N MET B 120 -17.35 -26.90 -44.69
CA MET B 120 -18.23 -25.86 -44.18
C MET B 120 -18.58 -24.85 -45.28
N GLU B 121 -17.60 -24.41 -46.06
CA GLU B 121 -17.92 -23.51 -47.17
C GLU B 121 -18.80 -24.17 -48.21
N ALA B 122 -18.55 -25.42 -48.55
CA ALA B 122 -19.39 -26.12 -49.52
C ALA B 122 -20.80 -26.35 -49.01
N LEU B 123 -21.03 -26.17 -47.71
CA LEU B 123 -22.32 -26.44 -47.12
C LEU B 123 -23.29 -25.30 -47.40
N GLN B 124 -24.57 -25.56 -47.12
CA GLN B 124 -25.61 -24.57 -47.28
C GLN B 124 -25.55 -23.57 -46.13
N ALA B 125 -26.45 -22.60 -46.14
CA ALA B 125 -26.55 -21.65 -45.05
C ALA B 125 -27.57 -22.12 -44.01
N GLY B 126 -27.36 -21.71 -42.77
CA GLY B 126 -28.25 -22.09 -41.69
C GLY B 126 -28.26 -23.57 -41.40
N ALA B 127 -27.07 -24.17 -41.32
CA ALA B 127 -26.92 -25.58 -41.00
C ALA B 127 -26.59 -25.72 -39.51
N ASP B 128 -27.26 -26.66 -38.84
CA ASP B 128 -27.05 -26.89 -37.42
C ASP B 128 -25.83 -27.78 -37.18
N ILE B 129 -24.69 -27.37 -37.72
CA ILE B 129 -23.43 -28.10 -37.57
C ILE B 129 -22.33 -27.12 -37.17
N SER B 130 -21.53 -27.50 -36.19
CA SER B 130 -20.42 -26.68 -35.72
C SER B 130 -19.23 -27.60 -35.48
N MET B 131 -18.20 -27.46 -36.30
CA MET B 131 -17.06 -28.36 -36.29
C MET B 131 -15.80 -27.63 -35.85
N ILE B 132 -14.96 -28.31 -35.08
CA ILE B 132 -13.66 -27.78 -34.73
C ILE B 132 -12.70 -27.98 -35.90
N GLY B 133 -11.76 -27.06 -36.05
CA GLY B 133 -10.73 -27.23 -37.05
C GLY B 133 -10.88 -26.36 -38.27
N GLN B 134 -10.01 -25.37 -38.41
CA GLN B 134 -9.96 -24.56 -39.62
C GLN B 134 -8.54 -24.17 -40.02
N PHE B 135 -7.52 -24.59 -39.29
CA PHE B 135 -6.14 -24.21 -39.60
C PHE B 135 -5.44 -25.19 -40.52
N GLY B 136 -5.75 -26.49 -40.44
CA GLY B 136 -5.15 -27.46 -41.32
C GLY B 136 -3.79 -27.97 -40.90
N VAL B 137 -3.41 -27.78 -39.64
CA VAL B 137 -2.09 -28.21 -39.16
C VAL B 137 -2.18 -29.02 -37.88
N GLY B 138 -3.36 -29.17 -37.28
CA GLY B 138 -3.45 -29.81 -35.98
C GLY B 138 -2.98 -31.26 -36.01
N PHE B 139 -3.23 -31.96 -37.11
CA PHE B 139 -2.91 -33.38 -37.18
C PHE B 139 -1.43 -33.64 -36.95
N TYR B 140 -0.56 -32.74 -37.38
CA TYR B 140 0.88 -32.95 -37.27
C TYR B 140 1.39 -32.86 -35.85
N SER B 141 0.56 -32.44 -34.89
CA SER B 141 0.96 -32.51 -33.49
C SER B 141 1.19 -33.94 -33.03
N ALA B 142 0.67 -34.92 -33.77
CA ALA B 142 0.89 -36.32 -33.40
C ALA B 142 2.37 -36.66 -33.38
N TYR B 143 3.20 -35.89 -34.08
CA TYR B 143 4.64 -36.10 -34.08
C TYR B 143 5.34 -35.47 -32.89
N LEU B 144 4.58 -34.91 -31.94
CA LEU B 144 5.17 -34.47 -30.69
C LEU B 144 5.60 -35.65 -29.83
N VAL B 145 4.92 -36.79 -29.97
CA VAL B 145 5.16 -37.95 -29.11
C VAL B 145 5.45 -39.20 -29.94
N ALA B 146 5.07 -39.18 -31.21
CA ALA B 146 5.14 -40.37 -32.06
C ALA B 146 6.30 -40.22 -33.06
N GLU B 147 7.11 -41.27 -33.16
CA GLU B 147 8.16 -41.29 -34.18
C GLU B 147 7.59 -41.59 -35.55
N LYS B 148 6.58 -42.45 -35.62
CA LYS B 148 5.93 -42.81 -36.87
C LYS B 148 4.43 -42.82 -36.68
N VAL B 149 3.71 -42.44 -37.72
CA VAL B 149 2.25 -42.37 -37.70
C VAL B 149 1.70 -43.14 -38.89
N VAL B 150 0.74 -44.02 -38.64
CA VAL B 150 0.05 -44.78 -39.67
C VAL B 150 -1.43 -44.50 -39.56
N VAL B 151 -2.07 -44.17 -40.68
CA VAL B 151 -3.50 -43.87 -40.72
C VAL B 151 -4.14 -44.81 -41.73
N ILE B 152 -5.08 -45.63 -41.27
CA ILE B 152 -5.87 -46.52 -42.12
C ILE B 152 -7.27 -45.96 -42.20
N THR B 153 -7.75 -45.71 -43.41
CA THR B 153 -9.04 -45.07 -43.62
C THR B 153 -9.85 -45.87 -44.61
N LYS B 154 -11.17 -45.66 -44.59
CA LYS B 154 -12.08 -46.38 -45.46
C LYS B 154 -13.31 -45.51 -45.68
N HIS B 155 -13.37 -44.84 -46.82
CA HIS B 155 -14.54 -44.07 -47.20
C HIS B 155 -15.61 -44.99 -47.78
N ASN B 156 -16.84 -44.47 -47.86
CA ASN B 156 -17.94 -45.26 -48.41
C ASN B 156 -17.70 -45.60 -49.87
N ASP B 157 -17.42 -44.59 -50.70
CA ASP B 157 -17.19 -44.80 -52.13
C ASP B 157 -15.70 -44.80 -52.45
N ASP B 158 -14.99 -45.77 -51.86
CA ASP B 158 -13.55 -45.92 -52.10
C ASP B 158 -13.11 -47.19 -51.38
N GLU B 159 -11.82 -47.50 -51.53
CA GLU B 159 -11.23 -48.69 -50.93
C GLU B 159 -10.53 -48.31 -49.63
N GLN B 160 -10.03 -49.31 -48.91
CA GLN B 160 -9.33 -49.12 -47.64
C GLN B 160 -7.85 -48.95 -47.93
N TYR B 161 -7.32 -47.77 -47.62
CA TYR B 161 -5.93 -47.42 -47.86
C TYR B 161 -5.19 -47.22 -46.55
N ALA B 162 -3.87 -47.17 -46.63
CA ALA B 162 -3.00 -46.93 -45.49
C ALA B 162 -2.08 -45.77 -45.81
N TRP B 163 -1.99 -44.82 -44.89
CA TRP B 163 -1.15 -43.64 -45.02
C TRP B 163 -0.06 -43.72 -43.96
N GLU B 164 1.19 -43.52 -44.37
CA GLU B 164 2.32 -43.65 -43.47
C GLU B 164 3.31 -42.52 -43.71
N SER B 165 3.97 -42.09 -42.64
CA SER B 165 4.97 -41.04 -42.73
C SER B 165 5.70 -40.93 -41.40
N SER B 166 6.91 -40.37 -41.46
CA SER B 166 7.70 -40.04 -40.27
C SER B 166 8.00 -38.56 -40.20
N ALA B 167 7.23 -37.73 -40.91
CA ALA B 167 7.47 -36.29 -40.95
C ALA B 167 8.87 -35.98 -41.48
N GLY B 168 9.36 -36.84 -42.36
CA GLY B 168 10.68 -36.69 -42.95
C GLY B 168 10.68 -36.07 -44.34
N GLY B 169 9.58 -35.48 -44.77
CA GLY B 169 9.50 -34.85 -46.08
C GLY B 169 8.72 -35.62 -47.11
N SER B 170 8.30 -36.85 -46.82
CA SER B 170 7.52 -37.62 -47.78
C SER B 170 6.61 -38.59 -47.01
N PHE B 171 5.58 -39.05 -47.70
CA PHE B 171 4.67 -40.04 -47.15
C PHE B 171 4.30 -41.05 -48.24
N THR B 172 3.87 -42.22 -47.81
CA THR B 172 3.50 -43.30 -48.72
C THR B 172 2.03 -43.64 -48.55
N VAL B 173 1.36 -43.88 -49.67
CA VAL B 173 -0.04 -44.30 -49.68
C VAL B 173 -0.12 -45.62 -50.44
N ARG B 174 -0.74 -46.62 -49.80
CA ARG B 174 -0.88 -47.94 -50.40
C ARG B 174 -2.17 -48.56 -49.92
N ALA B 175 -2.67 -49.50 -50.73
CA ALA B 175 -3.88 -50.24 -50.37
C ALA B 175 -3.56 -51.17 -49.20
N ASP B 176 -4.41 -51.16 -48.19
CA ASP B 176 -4.19 -51.96 -46.99
C ASP B 176 -4.98 -53.26 -47.06
N HIS B 177 -4.29 -54.37 -46.84
CA HIS B 177 -4.90 -55.70 -46.80
C HIS B 177 -4.81 -56.20 -45.36
N GLY B 178 -5.78 -55.80 -44.56
CA GLY B 178 -5.81 -56.18 -43.15
C GLY B 178 -7.23 -56.35 -42.66
N GLU B 179 -7.46 -56.18 -41.37
CA GLU B 179 -8.80 -56.32 -40.83
C GLU B 179 -9.70 -55.27 -41.49
N PRO B 180 -10.77 -55.68 -42.17
CA PRO B 180 -11.64 -54.68 -42.82
C PRO B 180 -12.41 -53.87 -41.79
N ILE B 181 -12.08 -52.59 -41.68
CA ILE B 181 -12.88 -51.66 -40.89
C ILE B 181 -14.09 -51.26 -41.73
N GLY B 182 -15.27 -51.33 -41.13
CA GLY B 182 -16.48 -51.05 -41.89
C GLY B 182 -16.48 -49.66 -42.49
N ARG B 183 -16.08 -48.67 -41.70
CA ARG B 183 -16.08 -47.29 -42.15
C ARG B 183 -15.40 -46.45 -41.08
N GLY B 184 -14.74 -45.37 -41.51
CA GLY B 184 -14.10 -44.44 -40.61
C GLY B 184 -12.60 -44.35 -40.87
N THR B 185 -11.85 -44.23 -39.78
CA THR B 185 -10.41 -44.02 -39.84
C THR B 185 -9.78 -44.65 -38.61
N LYS B 186 -8.48 -44.89 -38.69
CA LYS B 186 -7.74 -45.48 -37.58
C LYS B 186 -6.33 -44.88 -37.58
N VAL B 187 -5.99 -44.16 -36.53
CA VAL B 187 -4.69 -43.53 -36.39
C VAL B 187 -3.88 -44.32 -35.38
N ILE B 188 -2.73 -44.83 -35.81
CA ILE B 188 -1.83 -45.58 -34.95
C ILE B 188 -0.55 -44.78 -34.75
N LEU B 189 -0.23 -44.49 -33.50
CA LEU B 189 0.96 -43.74 -33.15
C LEU B 189 2.00 -44.68 -32.56
N HIS B 190 3.19 -44.69 -33.15
CA HIS B 190 4.32 -45.46 -32.63
C HIS B 190 5.11 -44.51 -31.72
N LEU B 191 4.87 -44.62 -30.42
CA LEU B 191 5.39 -43.66 -29.47
C LEU B 191 6.92 -43.72 -29.39
N LYS B 192 7.50 -42.60 -29.00
CA LYS B 192 8.93 -42.51 -28.76
C LYS B 192 9.31 -43.22 -27.47
N GLU B 193 10.58 -43.60 -27.37
CA GLU B 193 11.04 -44.32 -26.18
C GLU B 193 10.81 -43.50 -24.92
N ASP B 194 10.87 -42.18 -25.01
CA ASP B 194 10.76 -41.31 -23.84
C ASP B 194 9.36 -40.74 -23.63
N GLN B 195 8.37 -41.22 -24.39
CA GLN B 195 7.00 -40.73 -24.27
C GLN B 195 6.05 -41.87 -23.93
N THR B 196 6.55 -42.90 -23.24
CA THR B 196 5.76 -44.08 -22.93
C THR B 196 4.68 -43.82 -21.89
N GLU B 197 4.73 -42.68 -21.20
CA GLU B 197 3.75 -42.42 -20.14
C GLU B 197 2.33 -42.33 -20.66
N TYR B 198 2.15 -42.09 -21.95
CA TYR B 198 0.82 -41.93 -22.52
C TYR B 198 0.13 -43.26 -22.81
N LEU B 199 0.78 -44.37 -22.50
CA LEU B 199 0.15 -45.68 -22.55
C LEU B 199 -0.44 -46.08 -21.21
N GLU B 200 -0.35 -45.21 -20.21
CA GLU B 200 -0.86 -45.50 -18.87
C GLU B 200 -2.32 -45.07 -18.77
N GLU B 201 -3.08 -45.81 -17.96
CA GLU B 201 -4.51 -45.53 -17.83
C GLU B 201 -4.76 -44.17 -17.20
N ARG B 202 -4.08 -43.87 -16.09
CA ARG B 202 -4.36 -42.64 -15.36
C ARG B 202 -3.99 -41.41 -16.19
N ARG B 203 -2.86 -41.46 -16.90
CA ARG B 203 -2.46 -40.32 -17.71
C ARG B 203 -3.46 -40.04 -18.83
N VAL B 204 -3.89 -41.10 -19.52
CA VAL B 204 -4.88 -40.93 -20.59
C VAL B 204 -6.18 -40.38 -20.03
N LYS B 205 -6.63 -40.93 -18.89
CA LYS B 205 -7.85 -40.43 -18.29
C LYS B 205 -7.72 -38.95 -17.94
N GLU B 206 -6.58 -38.55 -17.37
CA GLU B 206 -6.38 -37.16 -16.99
C GLU B 206 -6.43 -36.25 -18.20
N VAL B 207 -5.72 -36.63 -19.28
CA VAL B 207 -5.68 -35.78 -20.46
C VAL B 207 -7.07 -35.65 -21.07
N VAL B 208 -7.76 -36.79 -21.24
CA VAL B 208 -9.11 -36.79 -21.88
C VAL B 208 -10.06 -35.95 -21.02
N LYS B 209 -10.00 -36.09 -19.69
CA LYS B 209 -10.87 -35.32 -18.82
C LYS B 209 -10.57 -33.83 -18.91
N LYS B 210 -9.29 -33.47 -19.01
CA LYS B 210 -8.93 -32.06 -19.05
C LYS B 210 -9.39 -31.41 -20.35
N HIS B 211 -9.15 -32.06 -21.49
CA HIS B 211 -9.28 -31.39 -22.78
C HIS B 211 -10.56 -31.74 -23.53
N SER B 212 -10.86 -33.03 -23.64
CA SER B 212 -12.01 -33.55 -24.42
C SER B 212 -13.04 -34.19 -23.48
N GLN B 213 -13.68 -33.38 -22.63
CA GLN B 213 -14.66 -33.87 -21.63
C GLN B 213 -16.08 -33.78 -22.20
N PHE B 214 -16.35 -32.82 -23.08
CA PHE B 214 -17.71 -32.59 -23.65
C PHE B 214 -17.73 -32.97 -25.13
N ILE B 215 -17.01 -34.02 -25.53
CA ILE B 215 -17.04 -34.54 -26.93
C ILE B 215 -18.43 -35.12 -27.15
N GLY B 216 -18.99 -35.00 -28.36
CA GLY B 216 -20.36 -35.48 -28.66
C GLY B 216 -20.37 -36.94 -29.08
N TYR B 217 -19.43 -37.76 -28.60
CA TYR B 217 -19.33 -39.20 -28.95
C TYR B 217 -18.63 -39.93 -27.82
N PRO B 218 -19.00 -41.20 -27.50
CA PRO B 218 -18.44 -41.89 -26.35
C PRO B 218 -16.97 -42.28 -26.54
N ILE B 219 -16.05 -41.58 -25.88
CA ILE B 219 -14.60 -41.91 -25.95
C ILE B 219 -14.37 -43.14 -25.07
N THR B 220 -14.32 -44.33 -25.66
CA THR B 220 -14.09 -45.56 -24.91
C THR B 220 -12.61 -45.86 -24.82
N LEU B 221 -12.19 -46.40 -23.69
CA LEU B 221 -10.80 -46.77 -23.45
C LEU B 221 -10.74 -48.28 -23.23
N TYR B 222 -9.80 -48.93 -23.91
CA TYR B 222 -9.64 -50.38 -23.84
C TYR B 222 -8.34 -50.72 -23.12
N LEU B 223 -8.47 -51.44 -22.00
CA LEU B 223 -7.31 -51.87 -21.22
C LEU B 223 -7.43 -53.36 -20.93
N GLU B 224 -6.28 -53.99 -20.70
CA GLU B 224 -6.21 -55.39 -20.33
C GLU B 224 -6.22 -55.48 -18.80
N LYS B 225 -7.25 -56.12 -18.25
CA LYS B 225 -7.40 -56.23 -16.80
C LYS B 225 -7.36 -57.68 -16.36
N LYS B 281 -7.55 -63.12 -18.15
CA LYS B 281 -7.55 -61.70 -18.47
C LYS B 281 -8.68 -61.35 -19.43
N TYR B 282 -9.01 -60.07 -19.51
CA TYR B 282 -10.10 -59.60 -20.36
C TYR B 282 -9.88 -58.12 -20.65
N ILE B 283 -10.67 -57.56 -21.57
CA ILE B 283 -10.49 -56.13 -21.98
C ILE B 283 -11.56 -55.25 -21.34
N ASP B 284 -11.37 -54.84 -20.08
CA ASP B 284 -12.29 -53.89 -19.41
C ASP B 284 -12.30 -52.60 -20.24
N GLN B 285 -13.50 -52.01 -20.42
CA GLN B 285 -13.73 -50.81 -21.19
C GLN B 285 -14.02 -49.69 -20.21
N GLU B 286 -13.30 -48.58 -20.29
CA GLU B 286 -13.53 -47.48 -19.37
C GLU B 286 -14.07 -46.26 -20.13
N GLU B 287 -15.39 -46.15 -20.23
CA GLU B 287 -16.01 -45.04 -20.94
C GLU B 287 -15.61 -43.70 -20.26
N LEU B 288 -15.22 -42.71 -21.05
CA LEU B 288 -14.81 -41.42 -20.48
C LEU B 288 -15.81 -40.27 -20.69
N ASN B 289 -16.85 -40.50 -21.50
CA ASN B 289 -17.85 -39.47 -21.75
C ASN B 289 -19.16 -39.78 -21.09
N LYS B 290 -19.27 -39.46 -19.81
CA LYS B 290 -20.51 -39.74 -19.12
C LYS B 290 -21.38 -38.49 -19.04
N THR B 291 -20.78 -37.36 -18.70
CA THR B 291 -21.56 -36.12 -18.52
C THR B 291 -21.78 -35.32 -19.82
N LYS B 292 -23.03 -34.93 -20.12
CA LYS B 292 -23.31 -34.16 -21.32
C LYS B 292 -23.06 -32.68 -21.07
N PRO B 293 -22.76 -31.90 -22.11
CA PRO B 293 -22.68 -30.44 -21.96
C PRO B 293 -24.06 -29.81 -21.87
N ILE B 294 -24.64 -29.83 -20.67
CA ILE B 294 -26.03 -29.45 -20.47
C ILE B 294 -26.31 -27.99 -20.81
N TRP B 295 -25.28 -27.14 -20.83
CA TRP B 295 -25.50 -25.72 -21.06
C TRP B 295 -25.99 -25.40 -22.46
N THR B 296 -25.93 -26.36 -23.38
CA THR B 296 -26.43 -26.14 -24.74
C THR B 296 -27.95 -26.15 -24.79
N ARG B 297 -28.62 -26.73 -23.79
CA ARG B 297 -30.07 -26.80 -23.78
C ARG B 297 -30.67 -25.48 -23.35
N ASN B 298 -31.96 -25.30 -23.65
CA ASN B 298 -32.65 -24.09 -23.25
C ASN B 298 -32.81 -24.08 -21.72
N PRO B 299 -32.62 -22.94 -21.06
CA PRO B 299 -32.73 -22.94 -19.59
C PRO B 299 -34.07 -23.40 -19.07
N ASP B 300 -35.15 -23.22 -19.83
CA ASP B 300 -36.48 -23.54 -19.37
C ASP B 300 -36.82 -25.02 -19.49
N ASP B 301 -35.98 -25.81 -20.14
CA ASP B 301 -36.20 -27.25 -20.28
C ASP B 301 -35.27 -28.06 -19.38
N ILE B 302 -34.67 -27.43 -18.37
CA ILE B 302 -33.76 -28.08 -17.45
C ILE B 302 -34.37 -28.01 -16.06
N THR B 303 -34.46 -29.15 -15.40
CA THR B 303 -34.95 -29.20 -14.02
C THR B 303 -33.79 -29.02 -13.06
N GLN B 304 -34.11 -28.67 -11.81
CA GLN B 304 -33.07 -28.43 -10.83
C GLN B 304 -32.29 -29.70 -10.51
N GLU B 305 -32.89 -30.87 -10.74
CA GLU B 305 -32.19 -32.12 -10.48
C GLU B 305 -31.05 -32.33 -11.48
N GLU B 306 -31.29 -32.05 -12.76
CA GLU B 306 -30.23 -32.16 -13.74
C GLU B 306 -29.16 -31.10 -13.53
N TYR B 307 -29.57 -29.88 -13.17
CA TYR B 307 -28.59 -28.86 -12.80
C TYR B 307 -27.70 -29.36 -11.68
N GLY B 308 -28.30 -29.95 -10.64
CA GLY B 308 -27.53 -30.44 -9.52
C GLY B 308 -26.59 -31.57 -9.90
N GLU B 309 -27.07 -32.49 -10.74
CA GLU B 309 -26.20 -33.59 -11.18
C GLU B 309 -25.01 -33.06 -11.98
N PHE B 310 -25.26 -32.13 -12.90
CA PHE B 310 -24.16 -31.54 -13.66
C PHE B 310 -23.19 -30.82 -12.75
N TYR B 311 -23.70 -30.07 -11.77
CA TYR B 311 -22.82 -29.37 -10.84
C TYR B 311 -21.97 -30.34 -10.04
N LYS B 312 -22.58 -31.42 -9.55
CA LYS B 312 -21.82 -32.41 -8.78
C LYS B 312 -20.73 -33.04 -9.63
N SER B 313 -21.04 -33.37 -10.89
CA SER B 313 -20.02 -33.92 -11.77
C SER B 313 -18.91 -32.91 -12.01
N LEU B 314 -19.27 -31.65 -12.20
CA LEU B 314 -18.27 -30.63 -12.52
C LEU B 314 -17.34 -30.34 -11.35
N THR B 315 -17.88 -30.32 -10.13
CA THR B 315 -17.12 -29.89 -8.97
C THR B 315 -16.74 -31.05 -8.04
N ASN B 316 -17.25 -32.25 -8.27
CA ASN B 316 -16.97 -33.40 -7.39
C ASN B 316 -17.42 -33.10 -5.96
N ASP B 317 -18.65 -32.61 -5.84
CA ASP B 317 -19.24 -32.22 -4.56
C ASP B 317 -20.37 -33.16 -4.21
N TRP B 318 -20.50 -33.50 -2.93
CA TRP B 318 -21.51 -34.47 -2.52
C TRP B 318 -22.88 -33.84 -2.30
N GLU B 319 -22.98 -32.52 -2.34
CA GLU B 319 -24.24 -31.82 -2.15
C GLU B 319 -24.54 -30.94 -3.36
N ASP B 320 -25.83 -30.66 -3.55
CA ASP B 320 -26.29 -29.91 -4.71
C ASP B 320 -25.82 -28.46 -4.62
N HIS B 321 -26.15 -27.67 -5.63
CA HIS B 321 -25.82 -26.26 -5.69
C HIS B 321 -26.86 -25.43 -4.95
N LEU B 322 -26.47 -24.21 -4.59
CA LEU B 322 -27.38 -23.27 -3.95
C LEU B 322 -28.20 -22.49 -4.96
N ALA B 323 -27.56 -21.97 -6.01
CA ALA B 323 -28.27 -21.22 -7.03
C ALA B 323 -27.54 -21.39 -8.36
N VAL B 324 -28.27 -21.14 -9.45
CA VAL B 324 -27.73 -21.29 -10.79
C VAL B 324 -28.20 -20.12 -11.64
N LYS B 325 -27.33 -19.65 -12.52
CA LYS B 325 -27.65 -18.60 -13.47
C LYS B 325 -27.22 -19.04 -14.86
N HIS B 326 -28.19 -19.28 -15.73
CA HIS B 326 -27.97 -19.76 -17.09
C HIS B 326 -28.44 -18.70 -18.06
N PHE B 327 -27.51 -18.09 -18.79
CA PHE B 327 -27.85 -17.00 -19.70
C PHE B 327 -27.01 -17.10 -20.96
N SER B 328 -27.41 -16.32 -21.96
CA SER B 328 -26.71 -16.26 -23.24
C SER B 328 -26.60 -14.81 -23.68
N VAL B 329 -25.59 -14.55 -24.52
CA VAL B 329 -25.33 -13.22 -25.06
C VAL B 329 -25.25 -13.33 -26.57
N GLU B 330 -25.76 -12.32 -27.27
CA GLU B 330 -25.86 -12.34 -28.72
C GLU B 330 -25.30 -11.06 -29.32
N GLY B 331 -24.75 -11.17 -30.52
CA GLY B 331 -24.23 -10.02 -31.23
C GLY B 331 -22.86 -10.27 -31.84
N GLN B 332 -22.03 -9.23 -31.90
CA GLN B 332 -20.67 -9.41 -32.38
C GLN B 332 -19.89 -10.35 -31.48
N LEU B 333 -20.22 -10.35 -30.19
CA LEU B 333 -19.67 -11.29 -29.21
C LEU B 333 -20.83 -12.11 -28.68
N GLU B 334 -20.84 -13.40 -29.00
CA GLU B 334 -21.90 -14.31 -28.58
C GLU B 334 -21.30 -15.45 -27.78
N PHE B 335 -21.96 -15.80 -26.67
CA PHE B 335 -21.50 -16.90 -25.84
C PHE B 335 -22.63 -17.31 -24.90
N ARG B 336 -22.48 -18.50 -24.33
CA ARG B 336 -23.38 -18.99 -23.30
C ARG B 336 -22.59 -19.23 -22.03
N ALA B 337 -23.26 -19.07 -20.88
CA ALA B 337 -22.61 -19.23 -19.60
C ALA B 337 -23.54 -19.97 -18.63
N LEU B 338 -22.93 -20.69 -17.70
CA LEU B 338 -23.64 -21.44 -16.68
C LEU B 338 -22.87 -21.27 -15.37
N LEU B 339 -23.41 -20.44 -14.47
CA LEU B 339 -22.72 -20.06 -13.24
C LEU B 339 -23.45 -20.63 -12.03
N PHE B 340 -22.69 -21.23 -11.12
CA PHE B 340 -23.23 -21.86 -9.93
C PHE B 340 -22.70 -21.17 -8.67
N ILE B 341 -23.50 -21.21 -7.61
CA ILE B 341 -23.10 -20.74 -6.29
C ILE B 341 -22.99 -21.97 -5.39
N PRO B 342 -21.81 -22.27 -4.83
CA PRO B 342 -21.70 -23.41 -3.93
C PRO B 342 -22.47 -23.19 -2.64
N ARG B 343 -22.84 -24.30 -2.00
CA ARG B 343 -23.56 -24.24 -0.74
C ARG B 343 -22.67 -23.83 0.42
N ARG B 344 -21.40 -24.20 0.38
CA ARG B 344 -20.44 -23.85 1.43
C ARG B 344 -19.15 -23.38 0.80
N ALA B 345 -18.46 -22.48 1.48
CA ALA B 345 -17.20 -21.96 0.97
C ALA B 345 -16.10 -23.02 1.10
N PRO B 346 -15.26 -23.19 0.09
CA PRO B 346 -14.11 -24.10 0.25
C PRO B 346 -13.10 -23.55 1.24
N PHE B 347 -12.40 -24.46 1.91
CA PHE B 347 -11.49 -24.06 2.97
C PHE B 347 -10.32 -23.23 2.47
N ASP B 348 -9.94 -23.37 1.20
CA ASP B 348 -8.81 -22.63 0.63
C ASP B 348 -9.28 -21.53 -0.32
N LEU B 349 -10.43 -20.93 -0.03
CA LEU B 349 -11.01 -19.95 -0.94
C LEU B 349 -10.06 -18.80 -1.22
N PHE B 350 -9.52 -18.19 -0.17
CA PHE B 350 -8.72 -16.98 -0.31
C PHE B 350 -7.23 -17.26 -0.40
N GLU B 351 -6.81 -18.53 -0.40
CA GLU B 351 -5.39 -18.84 -0.49
C GLU B 351 -4.82 -18.32 -1.80
N ASN B 352 -3.69 -17.63 -1.71
CA ASN B 352 -3.11 -16.99 -2.89
C ASN B 352 -2.60 -18.03 -3.89
N LYS B 353 -1.97 -19.10 -3.40
CA LYS B 353 -1.41 -20.11 -4.30
C LYS B 353 -2.48 -21.11 -4.74
N LYS B 354 -3.62 -20.60 -5.19
CA LYS B 354 -4.76 -21.43 -5.56
C LYS B 354 -5.15 -21.06 -6.98
N LYS B 355 -4.74 -21.88 -7.95
CA LYS B 355 -5.07 -21.63 -9.34
C LYS B 355 -6.58 -21.45 -9.50
N LYS B 356 -6.97 -20.35 -10.13
CA LYS B 356 -8.38 -20.02 -10.29
C LYS B 356 -8.96 -20.67 -11.55
N ASN B 357 -9.14 -21.98 -11.45
CA ASN B 357 -9.87 -22.73 -12.46
C ASN B 357 -11.35 -22.85 -12.14
N ASN B 358 -11.89 -21.91 -11.35
CA ASN B 358 -13.30 -21.98 -10.97
C ASN B 358 -14.21 -21.84 -12.18
N ILE B 359 -13.84 -21.00 -13.14
CA ILE B 359 -14.58 -20.83 -14.38
C ILE B 359 -13.66 -21.17 -15.54
N LYS B 360 -14.16 -21.96 -16.48
CA LYS B 360 -13.41 -22.42 -17.63
C LYS B 360 -14.06 -21.93 -18.92
N LEU B 361 -13.23 -21.67 -19.92
CA LEU B 361 -13.68 -21.18 -21.22
C LEU B 361 -13.60 -22.30 -22.25
N TYR B 362 -14.70 -22.52 -22.96
CA TYR B 362 -14.77 -23.51 -24.02
C TYR B 362 -15.13 -22.83 -25.33
N VAL B 363 -14.57 -23.31 -26.42
CA VAL B 363 -14.94 -22.89 -27.78
C VAL B 363 -15.36 -24.14 -28.54
N ARG B 364 -16.64 -24.21 -28.90
CA ARG B 364 -17.19 -25.38 -29.56
C ARG B 364 -16.99 -26.64 -28.72
N ARG B 365 -17.16 -26.48 -27.40
CA ARG B 365 -17.11 -27.56 -26.42
C ARG B 365 -15.70 -28.11 -26.21
N VAL B 366 -14.67 -27.36 -26.59
CA VAL B 366 -13.28 -27.78 -26.39
C VAL B 366 -12.61 -26.79 -25.46
N PHE B 367 -11.98 -27.30 -24.40
CA PHE B 367 -11.40 -26.45 -23.39
C PHE B 367 -10.28 -25.59 -23.96
N ILE B 368 -10.29 -24.30 -23.61
CA ILE B 368 -9.27 -23.35 -24.06
C ILE B 368 -8.35 -22.95 -22.90
N MET B 369 -8.92 -22.30 -21.87
CA MET B 369 -8.11 -21.74 -20.81
C MET B 369 -8.96 -21.62 -19.54
N ASP B 370 -8.30 -21.43 -18.41
CA ASP B 370 -8.94 -21.21 -17.13
C ASP B 370 -9.26 -19.73 -16.95
N SER B 371 -9.99 -19.42 -15.89
CA SER B 371 -10.35 -18.03 -15.62
C SER B 371 -9.11 -17.18 -15.39
N CYS B 372 -8.26 -17.61 -14.46
CA CYS B 372 -7.02 -16.88 -14.15
C CYS B 372 -7.30 -15.41 -13.82
N ASP B 373 -8.40 -15.14 -13.13
CA ASP B 373 -8.81 -13.80 -12.70
C ASP B 373 -9.09 -12.87 -13.87
N GLU B 374 -9.26 -13.39 -15.08
CA GLU B 374 -9.55 -12.57 -16.24
C GLU B 374 -11.01 -12.64 -16.68
N LEU B 375 -11.68 -13.76 -16.42
CA LEU B 375 -13.10 -13.89 -16.74
C LEU B 375 -14.01 -13.44 -15.62
N ILE B 376 -13.46 -13.15 -14.45
CA ILE B 376 -14.26 -12.79 -13.28
C ILE B 376 -13.37 -12.10 -12.26
N PRO B 377 -13.87 -11.16 -11.47
CA PRO B 377 -13.02 -10.49 -10.47
C PRO B 377 -12.60 -11.43 -9.35
N GLU B 378 -11.53 -11.03 -8.66
CA GLU B 378 -10.95 -11.89 -7.64
C GLU B 378 -11.93 -12.16 -6.51
N TYR B 379 -12.79 -11.19 -6.20
CA TYR B 379 -13.70 -11.35 -5.07
C TYR B 379 -14.91 -12.23 -5.39
N LEU B 380 -15.09 -12.62 -6.65
CA LEU B 380 -16.14 -13.55 -7.04
C LEU B 380 -15.57 -14.92 -7.39
N ASN B 381 -14.41 -15.26 -6.84
CA ASN B 381 -13.73 -16.51 -7.17
C ASN B 381 -14.47 -17.74 -6.68
N PHE B 382 -15.50 -17.58 -5.85
CA PHE B 382 -16.24 -18.73 -5.35
C PHE B 382 -17.27 -19.26 -6.34
N ILE B 383 -17.47 -18.58 -7.46
CA ILE B 383 -18.47 -19.01 -8.44
C ILE B 383 -17.85 -20.03 -9.38
N ARG B 384 -18.54 -21.17 -9.53
CA ARG B 384 -18.15 -22.23 -10.45
C ARG B 384 -19.06 -22.19 -11.66
N GLY B 385 -18.48 -22.35 -12.85
CA GLY B 385 -19.31 -22.30 -14.04
C GLY B 385 -18.52 -22.58 -15.29
N VAL B 386 -19.19 -22.38 -16.42
CA VAL B 386 -18.67 -22.65 -17.75
C VAL B 386 -19.03 -21.48 -18.66
N VAL B 387 -18.10 -21.09 -19.52
CA VAL B 387 -18.36 -20.11 -20.57
C VAL B 387 -18.02 -20.76 -21.90
N ASP B 388 -19.02 -20.94 -22.75
CA ASP B 388 -18.86 -21.60 -24.04
C ASP B 388 -19.21 -20.64 -25.16
N SER B 389 -18.42 -20.66 -26.21
CA SER B 389 -18.61 -19.79 -27.38
C SER B 389 -18.49 -20.63 -28.64
N GLU B 390 -18.87 -20.02 -29.76
CA GLU B 390 -18.72 -20.63 -31.08
C GLU B 390 -17.76 -19.87 -31.97
N ASP B 391 -17.77 -18.54 -31.93
CA ASP B 391 -16.94 -17.71 -32.81
C ASP B 391 -16.07 -16.81 -31.93
N LEU B 392 -14.91 -17.34 -31.53
CA LEU B 392 -13.90 -16.57 -30.83
C LEU B 392 -12.57 -16.83 -31.52
N PRO B 393 -11.87 -15.82 -32.02
CA PRO B 393 -10.61 -16.08 -32.74
C PRO B 393 -9.52 -16.55 -31.78
N LEU B 394 -8.98 -17.73 -32.06
CA LEU B 394 -7.92 -18.34 -31.26
C LEU B 394 -6.59 -18.20 -31.97
N ASN B 395 -5.51 -18.31 -31.21
CA ASN B 395 -4.19 -18.34 -31.80
C ASN B 395 -3.86 -19.77 -32.26
N ILE B 396 -2.67 -19.93 -32.85
CA ILE B 396 -2.36 -21.19 -33.54
C ILE B 396 -2.49 -22.37 -32.59
N SER B 397 -1.94 -22.26 -31.40
CA SER B 397 -2.33 -23.16 -30.33
C SER B 397 -3.73 -22.78 -29.87
N ARG B 398 -4.52 -23.77 -29.47
CA ARG B 398 -5.92 -23.52 -29.13
C ARG B 398 -6.11 -23.38 -27.63
N GLU B 399 -5.16 -22.73 -26.94
CA GLU B 399 -5.22 -22.57 -25.50
C GLU B 399 -5.24 -21.11 -25.06
N MET B 400 -5.38 -20.17 -25.99
CA MET B 400 -5.59 -18.77 -25.65
C MET B 400 -6.27 -18.08 -26.82
N LEU B 401 -6.85 -16.91 -26.55
CA LEU B 401 -7.55 -16.13 -27.56
C LEU B 401 -6.59 -15.18 -28.25
N GLN B 402 -6.89 -14.86 -29.51
CA GLN B 402 -6.31 -13.70 -30.15
C GLN B 402 -7.08 -12.46 -29.71
N GLN B 403 -6.40 -11.33 -29.59
CA GLN B 403 -7.03 -10.10 -29.15
C GLN B 403 -7.71 -10.31 -27.79
N SER B 404 -6.90 -10.58 -26.77
CA SER B 404 -7.38 -10.89 -25.44
C SER B 404 -8.15 -9.75 -24.78
N LYS B 405 -8.30 -8.60 -25.46
CA LYS B 405 -9.15 -7.55 -24.91
C LYS B 405 -10.61 -7.96 -24.85
N ILE B 406 -10.99 -9.03 -25.55
CA ILE B 406 -12.38 -9.51 -25.52
C ILE B 406 -12.75 -9.98 -24.13
N LEU B 407 -11.78 -10.43 -23.34
CA LEU B 407 -12.08 -10.97 -22.02
C LEU B 407 -12.70 -9.94 -21.09
N LYS B 408 -12.50 -8.65 -21.35
CA LYS B 408 -13.09 -7.63 -20.49
C LYS B 408 -14.60 -7.54 -20.69
N VAL B 409 -15.07 -7.71 -21.93
CA VAL B 409 -16.51 -7.65 -22.19
C VAL B 409 -17.22 -8.83 -21.53
N ILE B 410 -16.65 -10.02 -21.68
CA ILE B 410 -17.22 -11.20 -21.05
C ILE B 410 -17.26 -11.03 -19.53
N ARG B 411 -16.19 -10.45 -18.97
CA ARG B 411 -16.17 -10.20 -17.54
C ARG B 411 -17.28 -9.25 -17.12
N LYS B 412 -17.52 -8.20 -17.90
CA LYS B 412 -18.59 -7.27 -17.58
C LYS B 412 -19.94 -7.97 -17.58
N ASN B 413 -20.20 -8.77 -18.62
CA ASN B 413 -21.47 -9.49 -18.68
C ASN B 413 -21.63 -10.44 -17.50
N ILE B 414 -20.56 -11.17 -17.18
CA ILE B 414 -20.65 -12.16 -16.10
C ILE B 414 -20.88 -11.47 -14.76
N VAL B 415 -20.19 -10.36 -14.50
CA VAL B 415 -20.38 -9.65 -13.25
C VAL B 415 -21.80 -9.10 -13.14
N LYS B 416 -22.30 -8.51 -14.23
CA LYS B 416 -23.67 -8.03 -14.24
C LYS B 416 -24.64 -9.14 -13.89
N LYS B 417 -24.49 -10.30 -14.53
CA LYS B 417 -25.44 -11.39 -14.31
C LYS B 417 -25.30 -11.99 -12.91
N CYS B 418 -24.08 -12.04 -12.38
CA CYS B 418 -23.89 -12.54 -11.01
C CYS B 418 -24.53 -11.62 -9.99
N LEU B 419 -24.41 -10.31 -10.19
CA LEU B 419 -25.09 -9.38 -9.31
C LEU B 419 -26.61 -9.52 -9.41
N GLU B 420 -27.12 -9.71 -10.63
CA GLU B 420 -28.55 -9.95 -10.78
C GLU B 420 -28.98 -11.21 -10.05
N LEU B 421 -28.18 -12.27 -10.14
CA LEU B 421 -28.49 -13.50 -9.41
C LEU B 421 -28.50 -13.27 -7.90
N PHE B 422 -27.51 -12.53 -7.39
CA PHE B 422 -27.48 -12.23 -5.96
C PHE B 422 -28.73 -11.46 -5.54
N SER B 423 -29.13 -10.47 -6.34
CA SER B 423 -30.31 -9.69 -6.00
C SER B 423 -31.56 -10.56 -5.97
N GLU B 424 -31.69 -11.47 -6.94
CA GLU B 424 -32.86 -12.33 -7.00
C GLU B 424 -32.90 -13.30 -5.81
N LEU B 425 -31.74 -13.82 -5.42
CA LEU B 425 -31.69 -14.76 -4.30
C LEU B 425 -32.07 -14.08 -2.99
N ALA B 426 -31.97 -12.76 -2.92
CA ALA B 426 -32.25 -12.06 -1.67
C ALA B 426 -33.73 -12.14 -1.30
N GLU B 427 -34.60 -12.41 -2.27
CA GLU B 427 -36.02 -12.49 -1.98
C GLU B 427 -36.38 -13.74 -1.19
N ASP B 428 -35.66 -14.84 -1.37
CA ASP B 428 -35.85 -16.05 -0.57
C ASP B 428 -34.98 -15.92 0.68
N LYS B 429 -35.62 -15.80 1.84
CA LYS B 429 -34.90 -15.36 3.03
C LYS B 429 -33.94 -16.43 3.54
N GLU B 430 -34.38 -17.69 3.66
CA GLU B 430 -33.50 -18.73 4.19
C GLU B 430 -32.32 -18.99 3.28
N ASN B 431 -32.56 -19.03 1.96
CA ASN B 431 -31.47 -19.25 1.03
C ASN B 431 -30.45 -18.12 1.10
N TYR B 432 -30.92 -16.89 1.22
CA TYR B 432 -29.98 -15.78 1.36
C TYR B 432 -29.26 -15.82 2.70
N LYS B 433 -29.91 -16.33 3.74
CA LYS B 433 -29.23 -16.52 5.01
C LYS B 433 -28.04 -17.45 4.84
N LYS B 434 -28.27 -18.59 4.19
CA LYS B 434 -27.18 -19.53 3.95
C LYS B 434 -26.08 -18.90 3.09
N PHE B 435 -26.49 -18.19 2.02
CA PHE B 435 -25.50 -17.58 1.14
C PHE B 435 -24.67 -16.53 1.88
N TYR B 436 -25.30 -15.72 2.71
CA TYR B 436 -24.57 -14.69 3.43
C TYR B 436 -23.64 -15.30 4.46
N GLU B 437 -24.11 -16.30 5.20
CA GLU B 437 -23.23 -17.01 6.12
C GLU B 437 -22.01 -17.56 5.39
N ALA B 438 -22.18 -18.00 4.14
CA ALA B 438 -21.07 -18.61 3.42
C ALA B 438 -20.12 -17.57 2.85
N PHE B 439 -20.63 -16.52 2.20
CA PHE B 439 -19.81 -15.65 1.38
C PHE B 439 -20.02 -14.17 1.69
N SER B 440 -20.34 -13.83 2.94
CA SER B 440 -20.44 -12.41 3.29
C SER B 440 -19.10 -11.71 3.13
N LYS B 441 -18.00 -12.43 3.36
CA LYS B 441 -16.67 -11.84 3.22
C LYS B 441 -16.43 -11.35 1.79
N ASN B 442 -16.89 -12.11 0.80
CA ASN B 442 -16.62 -11.76 -0.58
C ASN B 442 -17.32 -10.48 -1.00
N LEU B 443 -18.56 -10.28 -0.52
CA LEU B 443 -19.27 -9.05 -0.84
C LEU B 443 -18.54 -7.82 -0.29
N LYS B 444 -18.05 -7.91 0.95
CA LYS B 444 -17.34 -6.78 1.55
C LYS B 444 -16.00 -6.56 0.89
N LEU B 445 -15.33 -7.65 0.48
CA LEU B 445 -14.09 -7.50 -0.28
C LEU B 445 -14.35 -6.81 -1.61
N GLY B 446 -15.46 -7.15 -2.26
CA GLY B 446 -15.82 -6.47 -3.50
C GLY B 446 -16.12 -5.00 -3.29
N ILE B 447 -16.82 -4.67 -2.20
CA ILE B 447 -17.08 -3.28 -1.89
C ILE B 447 -15.77 -2.54 -1.68
N HIS B 448 -14.83 -3.16 -0.97
CA HIS B 448 -13.53 -2.56 -0.76
C HIS B 448 -12.78 -2.37 -2.08
N GLU B 449 -12.93 -3.30 -3.01
CA GLU B 449 -12.14 -3.31 -4.24
C GLU B 449 -12.85 -2.64 -5.42
N ASP B 450 -14.13 -2.95 -5.63
CA ASP B 450 -14.83 -2.56 -6.85
C ASP B 450 -15.68 -1.33 -6.60
N SER B 451 -15.43 -0.28 -7.40
CA SER B 451 -16.14 0.98 -7.27
C SER B 451 -17.32 1.12 -8.21
N THR B 452 -17.30 0.45 -9.36
CA THR B 452 -18.42 0.55 -10.29
C THR B 452 -19.67 -0.11 -9.73
N ASN B 453 -19.53 -1.25 -9.07
CA ASN B 453 -20.65 -1.99 -8.50
C ASN B 453 -20.79 -1.76 -6.99
N ARG B 454 -20.16 -0.71 -6.47
CA ARG B 454 -20.20 -0.47 -5.03
C ARG B 454 -21.62 -0.25 -4.53
N ARG B 455 -22.43 0.49 -5.29
CA ARG B 455 -23.79 0.77 -4.84
C ARG B 455 -24.64 -0.49 -4.80
N ARG B 456 -24.49 -1.37 -5.79
CA ARG B 456 -25.31 -2.57 -5.83
C ARG B 456 -24.87 -3.58 -4.79
N LEU B 457 -23.57 -3.65 -4.52
CA LEU B 457 -23.08 -4.56 -3.48
C LEU B 457 -23.53 -4.12 -2.10
N SER B 458 -23.56 -2.80 -1.86
CA SER B 458 -23.94 -2.30 -0.54
C SER B 458 -25.37 -2.66 -0.19
N GLU B 459 -26.22 -2.93 -1.19
CA GLU B 459 -27.59 -3.34 -0.94
C GLU B 459 -27.71 -4.79 -0.51
N LEU B 460 -26.62 -5.56 -0.60
CA LEU B 460 -26.63 -6.96 -0.20
C LEU B 460 -26.14 -7.17 1.23
N LEU B 461 -25.61 -6.14 1.87
CA LEU B 461 -25.05 -6.28 3.22
C LEU B 461 -26.14 -6.51 4.25
N ARG B 462 -25.81 -7.31 5.26
CA ARG B 462 -26.69 -7.55 6.38
C ARG B 462 -25.90 -7.40 7.67
N TYR B 463 -26.51 -6.73 8.65
CA TYR B 463 -25.82 -6.39 9.90
C TYR B 463 -26.74 -6.64 11.08
N HIS B 464 -26.12 -6.88 12.24
CA HIS B 464 -26.84 -6.81 13.50
C HIS B 464 -26.99 -5.35 13.91
N THR B 465 -28.09 -5.07 14.59
CA THR B 465 -28.37 -3.72 15.08
C THR B 465 -28.81 -3.78 16.53
N SER B 466 -28.76 -2.62 17.19
CA SER B 466 -29.20 -2.53 18.57
C SER B 466 -30.68 -2.84 18.72
N GLN B 467 -31.50 -2.53 17.72
CA GLN B 467 -32.94 -2.76 17.76
C GLN B 467 -33.36 -4.08 17.12
N SER B 468 -32.42 -4.87 16.61
CA SER B 468 -32.76 -6.16 16.04
C SER B 468 -32.38 -7.28 17.02
N GLY B 469 -33.07 -8.39 16.91
CA GLY B 469 -32.84 -9.51 17.81
C GLY B 469 -31.68 -10.36 17.36
N ASP B 470 -31.90 -11.66 17.27
CA ASP B 470 -30.85 -12.56 16.76
C ASP B 470 -30.75 -12.47 15.25
N GLU B 471 -31.72 -11.83 14.60
CA GLU B 471 -31.75 -11.78 13.15
C GLU B 471 -31.06 -10.50 12.66
N MET B 472 -30.47 -10.59 11.47
CA MET B 472 -29.77 -9.47 10.87
C MET B 472 -30.73 -8.66 10.01
N THR B 473 -30.31 -7.46 9.63
CA THR B 473 -31.12 -6.56 8.82
C THR B 473 -30.24 -5.85 7.80
N SER B 474 -30.87 -5.40 6.73
CA SER B 474 -30.19 -4.66 5.68
C SER B 474 -30.25 -3.16 5.97
N LEU B 475 -29.40 -2.41 5.28
CA LEU B 475 -29.38 -0.97 5.45
C LEU B 475 -30.66 -0.32 4.97
N SER B 476 -31.34 -0.93 4.00
CA SER B 476 -32.62 -0.39 3.53
C SER B 476 -33.67 -0.43 4.64
N GLU B 477 -33.74 -1.54 5.37
CA GLU B 477 -34.66 -1.63 6.48
C GLU B 477 -34.32 -0.62 7.56
N TYR B 478 -33.02 -0.38 7.78
CA TYR B 478 -32.60 0.65 8.71
C TYR B 478 -33.09 2.02 8.27
N VAL B 479 -32.93 2.34 6.98
CA VAL B 479 -33.32 3.66 6.50
C VAL B 479 -34.83 3.83 6.58
N SER B 480 -35.59 2.77 6.32
CA SER B 480 -37.04 2.85 6.43
C SER B 480 -37.46 3.19 7.85
N ARG B 481 -36.81 2.59 8.84
CA ARG B 481 -37.16 2.75 10.24
C ARG B 481 -36.53 3.98 10.88
N MET B 482 -35.87 4.83 10.09
CA MET B 482 -35.20 6.00 10.64
C MET B 482 -36.21 7.00 11.20
N LYS B 483 -35.76 7.80 12.16
CA LYS B 483 -36.61 8.82 12.74
C LYS B 483 -36.73 10.00 11.78
N GLU B 484 -37.73 10.86 12.05
CA GLU B 484 -37.93 12.04 11.21
C GLU B 484 -36.76 13.00 11.33
N THR B 485 -36.25 13.21 12.54
CA THR B 485 -35.15 14.14 12.75
C THR B 485 -33.79 13.54 12.43
N GLN B 486 -33.71 12.22 12.29
CA GLN B 486 -32.43 11.57 12.00
C GLN B 486 -32.00 11.85 10.58
N LYS B 487 -30.69 12.08 10.40
CA LYS B 487 -30.12 12.37 9.09
C LYS B 487 -28.98 11.45 8.70
N SER B 488 -28.55 10.54 9.58
CA SER B 488 -27.38 9.71 9.34
C SER B 488 -27.60 8.32 9.90
N ILE B 489 -26.85 7.37 9.36
CA ILE B 489 -26.82 6.00 9.87
C ILE B 489 -25.68 5.89 10.86
N TYR B 490 -25.96 5.38 12.05
CA TYR B 490 -24.97 5.25 13.11
C TYR B 490 -24.46 3.83 13.17
N TYR B 491 -23.14 3.67 13.21
CA TYR B 491 -22.53 2.35 13.27
C TYR B 491 -21.34 2.40 14.21
N ILE B 492 -21.00 1.23 14.75
CA ILE B 492 -19.83 1.07 15.61
C ILE B 492 -19.10 -0.20 15.20
N THR B 493 -17.80 -0.09 14.98
CA THR B 493 -16.95 -1.23 14.67
C THR B 493 -16.17 -1.61 15.92
N GLY B 494 -16.12 -2.91 16.21
CA GLY B 494 -15.44 -3.40 17.40
C GLY B 494 -15.02 -4.83 17.24
N GLU B 495 -14.52 -5.41 18.35
CA GLU B 495 -14.02 -6.77 18.32
C GLU B 495 -15.15 -7.79 18.26
N SER B 496 -16.22 -7.56 19.02
CA SER B 496 -17.30 -8.53 19.12
C SER B 496 -18.60 -7.81 19.43
N LYS B 497 -19.71 -8.55 19.28
CA LYS B 497 -21.03 -7.96 19.53
C LYS B 497 -21.18 -7.56 20.99
N GLU B 498 -20.70 -8.39 21.92
CA GLU B 498 -20.82 -8.06 23.33
C GLU B 498 -20.03 -6.80 23.67
N GLN B 499 -18.84 -6.65 23.11
CA GLN B 499 -18.02 -5.48 23.39
C GLN B 499 -18.69 -4.20 22.87
N VAL B 500 -19.19 -4.23 21.64
CA VAL B 500 -19.78 -3.03 21.06
C VAL B 500 -21.10 -2.68 21.73
N ALA B 501 -21.90 -3.70 22.09
CA ALA B 501 -23.23 -3.45 22.63
C ALA B 501 -23.16 -2.74 23.98
N ASN B 502 -22.17 -3.08 24.81
CA ASN B 502 -22.05 -2.53 26.15
C ASN B 502 -21.00 -1.42 26.23
N SER B 503 -20.54 -0.90 25.11
CA SER B 503 -19.53 0.14 25.11
C SER B 503 -20.12 1.46 25.59
N ALA B 504 -19.22 2.42 25.89
CA ALA B 504 -19.64 3.73 26.36
C ALA B 504 -20.02 4.67 25.23
N PHE B 505 -19.68 4.34 23.98
CA PHE B 505 -19.97 5.22 22.86
C PHE B 505 -21.44 5.23 22.46
N VAL B 506 -22.18 4.18 22.81
CA VAL B 506 -23.56 4.02 22.36
C VAL B 506 -24.57 4.32 23.46
N GLU B 507 -24.12 4.87 24.59
CA GLU B 507 -25.02 5.11 25.72
C GLU B 507 -26.10 6.12 25.34
N ARG B 508 -25.70 7.35 25.02
CA ARG B 508 -26.66 8.40 24.72
C ARG B 508 -27.48 8.07 23.48
N VAL B 509 -26.82 7.52 22.45
CA VAL B 509 -27.51 7.22 21.20
C VAL B 509 -28.63 6.22 21.44
N ARG B 510 -28.34 5.14 22.16
CA ARG B 510 -29.37 4.16 22.47
C ARG B 510 -30.43 4.72 23.42
N LYS B 511 -30.02 5.60 24.34
CA LYS B 511 -30.99 6.18 25.28
C LYS B 511 -31.99 7.08 24.57
N ARG B 512 -31.54 7.84 23.57
CA ARG B 512 -32.43 8.70 22.81
C ARG B 512 -33.34 7.93 21.86
N GLY B 513 -33.12 6.63 21.68
CA GLY B 513 -33.97 5.82 20.85
C GLY B 513 -33.48 5.58 19.44
N PHE B 514 -32.31 6.12 19.08
CA PHE B 514 -31.78 5.89 17.75
C PHE B 514 -31.21 4.48 17.64
N GLU B 515 -30.92 4.07 16.41
CA GLU B 515 -30.45 2.72 16.11
C GLU B 515 -28.99 2.76 15.69
N VAL B 516 -28.24 1.75 16.13
CA VAL B 516 -26.80 1.66 15.85
C VAL B 516 -26.52 0.32 15.18
N VAL B 517 -25.77 0.36 14.09
CA VAL B 517 -25.38 -0.84 13.36
C VAL B 517 -24.09 -1.39 13.96
N TYR B 518 -24.10 -2.69 14.28
CA TYR B 518 -22.95 -3.36 14.87
C TYR B 518 -22.13 -4.01 13.77
N MET B 519 -20.82 -3.76 13.77
CA MET B 519 -19.89 -4.29 12.77
C MET B 519 -18.73 -4.92 13.51
N THR B 520 -18.76 -6.25 13.65
CA THR B 520 -17.86 -6.96 14.55
C THR B 520 -16.93 -7.93 13.80
N GLU B 521 -16.53 -7.58 12.59
CA GLU B 521 -15.58 -8.39 11.84
C GLU B 521 -14.42 -7.52 11.37
N PRO B 522 -13.22 -8.08 11.27
CA PRO B 522 -12.10 -7.29 10.73
C PRO B 522 -12.36 -6.82 9.31
N ILE B 523 -13.09 -7.61 8.51
CA ILE B 523 -13.39 -7.21 7.14
C ILE B 523 -14.32 -6.00 7.12
N ASP B 524 -15.14 -5.84 8.17
CA ASP B 524 -16.07 -4.71 8.20
C ASP B 524 -15.33 -3.38 8.16
N GLU B 525 -14.17 -3.31 8.80
CA GLU B 525 -13.41 -2.06 8.81
C GLU B 525 -12.98 -1.69 7.38
N TYR B 526 -12.62 -2.68 6.58
CA TYR B 526 -12.22 -2.40 5.19
C TYR B 526 -13.40 -1.89 4.38
N CYS B 527 -14.61 -2.39 4.67
CA CYS B 527 -15.78 -2.04 3.87
C CYS B 527 -16.23 -0.60 4.11
N VAL B 528 -16.30 -0.18 5.38
CA VAL B 528 -16.79 1.16 5.70
C VAL B 528 -15.85 2.26 5.25
N GLN B 529 -14.60 1.93 4.95
CA GLN B 529 -13.69 2.92 4.40
C GLN B 529 -14.14 3.42 3.03
N GLN B 530 -14.93 2.62 2.32
CA GLN B 530 -15.41 2.98 0.98
C GLN B 530 -16.90 3.30 0.94
N LEU B 531 -17.68 2.81 1.90
CA LEU B 531 -19.12 3.06 1.94
C LEU B 531 -19.36 4.38 2.67
N LYS B 532 -19.13 5.48 1.95
CA LYS B 532 -19.28 6.80 2.55
C LYS B 532 -20.75 7.14 2.81
N GLU B 533 -21.66 6.64 2.00
CA GLU B 533 -23.07 6.94 2.16
C GLU B 533 -23.90 5.81 1.55
N PHE B 534 -25.16 5.76 1.97
CA PHE B 534 -26.11 4.76 1.46
C PHE B 534 -27.48 5.39 1.37
N ASP B 535 -28.12 5.27 0.21
CA ASP B 535 -29.47 5.80 0.00
C ASP B 535 -29.51 7.31 0.21
N GLY B 536 -28.40 7.99 -0.08
CA GLY B 536 -28.31 9.42 0.12
C GLY B 536 -28.08 9.85 1.55
N LYS B 537 -27.83 8.91 2.46
CA LYS B 537 -27.59 9.21 3.87
C LYS B 537 -26.19 8.74 4.24
N SER B 538 -25.42 9.64 4.84
CA SER B 538 -24.05 9.32 5.21
C SER B 538 -24.01 8.42 6.43
N LEU B 539 -22.94 7.63 6.52
CA LEU B 539 -22.71 6.73 7.65
C LEU B 539 -21.79 7.44 8.65
N VAL B 540 -22.20 7.47 9.90
CA VAL B 540 -21.49 8.18 10.96
C VAL B 540 -21.05 7.18 12.02
N SER B 541 -19.77 7.22 12.36
CA SER B 541 -19.24 6.36 13.42
C SER B 541 -19.40 7.03 14.77
N VAL B 542 -19.85 6.26 15.75
CA VAL B 542 -20.03 6.79 17.11
C VAL B 542 -18.73 6.85 17.89
N THR B 543 -17.63 6.32 17.35
CA THR B 543 -16.33 6.39 17.99
C THR B 543 -15.44 7.48 17.40
N LYS B 544 -16.01 8.38 16.60
CA LYS B 544 -15.27 9.49 16.02
C LYS B 544 -15.77 10.80 16.62
N GLU B 545 -14.89 11.79 16.65
CA GLU B 545 -15.26 13.08 17.22
C GLU B 545 -16.27 13.78 16.31
N GLY B 546 -16.92 14.79 16.88
CA GLY B 546 -17.93 15.54 16.15
C GLY B 546 -19.17 14.75 15.83
N LEU B 547 -19.64 13.92 16.76
CA LEU B 547 -20.90 13.23 16.58
C LEU B 547 -22.06 14.21 16.76
N GLU B 548 -22.86 14.39 15.72
CA GLU B 548 -23.97 15.33 15.75
C GLU B 548 -25.26 14.56 15.94
N LEU B 549 -26.05 14.97 16.94
CA LEU B 549 -27.35 14.38 17.21
C LEU B 549 -28.41 15.47 17.19
N PRO B 550 -29.64 15.16 16.76
CA PRO B 550 -30.70 16.17 16.86
C PRO B 550 -30.99 16.50 18.31
N GLU B 551 -31.29 17.78 18.56
CA GLU B 551 -31.44 18.27 19.92
C GLU B 551 -32.45 19.41 19.92
N ASP B 552 -32.61 20.04 21.08
CA ASP B 552 -33.50 21.17 21.28
C ASP B 552 -32.68 22.40 21.67
N GLU B 553 -33.36 23.53 21.80
CA GLU B 553 -32.70 24.74 22.27
C GLU B 553 -32.31 24.61 23.74
N GLU B 554 -33.14 23.92 24.53
CA GLU B 554 -32.78 23.67 25.92
C GLU B 554 -31.50 22.86 26.02
N GLU B 555 -31.36 21.83 25.19
CA GLU B 555 -30.15 21.03 25.20
C GLU B 555 -28.95 21.86 24.80
N LYS B 556 -29.12 22.75 23.82
CA LYS B 556 -28.01 23.61 23.40
C LYS B 556 -27.57 24.54 24.53
N LYS B 557 -28.54 25.18 25.19
CA LYS B 557 -28.19 26.06 26.30
C LYS B 557 -27.53 25.28 27.44
N LYS B 558 -28.05 24.09 27.74
CA LYS B 558 -27.45 23.29 28.80
C LYS B 558 -26.02 22.88 28.44
N MET B 559 -25.79 22.52 27.18
CA MET B 559 -24.44 22.16 26.74
C MET B 559 -23.50 23.36 26.85
N GLU B 560 -23.99 24.55 26.49
CA GLU B 560 -23.16 25.75 26.64
C GLU B 560 -22.84 26.02 28.10
N GLU B 561 -23.82 25.83 28.98
CA GLU B 561 -23.59 26.02 30.41
C GLU B 561 -22.52 25.04 30.90
N SER B 562 -22.64 23.76 30.51
CA SER B 562 -21.64 22.79 30.92
C SER B 562 -20.26 23.13 30.38
N LYS B 563 -20.19 23.58 29.12
CA LYS B 563 -18.90 23.96 28.54
C LYS B 563 -18.27 25.09 29.32
N ALA B 564 -19.07 26.11 29.67
CA ALA B 564 -18.52 27.23 30.44
C ALA B 564 -18.06 26.78 31.82
N LYS B 565 -18.84 25.88 32.46
CA LYS B 565 -18.55 25.50 33.83
C LYS B 565 -17.28 24.65 33.93
N PHE B 566 -17.02 23.81 32.93
CA PHE B 566 -15.96 22.82 32.99
C PHE B 566 -14.72 23.22 32.19
N GLU B 567 -14.63 24.47 31.73
CA GLU B 567 -13.51 24.87 30.89
C GLU B 567 -12.18 24.76 31.63
N ASN B 568 -12.14 25.21 32.90
CA ASN B 568 -10.90 25.17 33.65
C ASN B 568 -10.42 23.74 33.86
N LEU B 569 -11.34 22.83 34.19
CA LEU B 569 -10.97 21.43 34.37
C LEU B 569 -10.42 20.84 33.08
N CYS B 570 -11.05 21.15 31.94
CA CYS B 570 -10.56 20.64 30.67
C CYS B 570 -9.17 21.16 30.38
N LYS B 571 -8.93 22.44 30.65
CA LYS B 571 -7.59 23.00 30.46
C LYS B 571 -6.57 22.30 31.33
N LEU B 572 -6.93 22.05 32.59
CA LEU B 572 -5.99 21.39 33.50
C LEU B 572 -5.67 19.97 33.05
N MET B 573 -6.71 19.20 32.67
CA MET B 573 -6.46 17.84 32.19
C MET B 573 -5.63 17.83 30.92
N LYS B 574 -5.87 18.77 30.00
CA LYS B 574 -5.02 18.86 28.82
C LYS B 574 -3.58 19.15 29.22
N GLU B 575 -3.38 20.00 30.23
CA GLU B 575 -2.02 20.27 30.70
C GLU B 575 -1.36 19.01 31.26
N ILE B 576 -2.12 18.20 31.99
CA ILE B 576 -1.56 17.00 32.60
C ILE B 576 -1.24 15.96 31.54
N LEU B 577 -2.11 15.80 30.55
CA LEU B 577 -2.01 14.77 29.52
C LEU B 577 -1.49 15.34 28.20
N ASP B 578 -0.51 16.25 28.27
CA ASP B 578 -0.16 17.10 27.14
C ASP B 578 -0.10 16.34 25.83
N LYS B 579 0.83 15.39 25.71
CA LYS B 579 1.08 14.70 24.45
C LYS B 579 0.30 13.41 24.33
N LYS B 580 -0.39 12.98 25.38
CA LYS B 580 -1.22 11.79 25.31
C LYS B 580 -2.46 11.99 24.46
N VAL B 581 -3.06 13.18 24.50
CA VAL B 581 -4.24 13.52 23.72
C VAL B 581 -3.98 14.82 22.96
N GLU B 582 -4.90 15.14 22.06
CA GLU B 582 -4.87 16.39 21.32
C GLU B 582 -5.86 17.41 21.83
N LYS B 583 -6.97 16.98 22.42
CA LYS B 583 -8.01 17.88 22.88
C LYS B 583 -8.76 17.22 24.02
N VAL B 584 -9.22 18.05 24.95
CA VAL B 584 -10.11 17.62 26.03
C VAL B 584 -11.36 18.48 25.95
N THR B 585 -12.52 17.83 25.93
CA THR B 585 -13.78 18.53 25.70
C THR B 585 -14.89 17.86 26.50
N ILE B 586 -16.09 18.43 26.38
CA ILE B 586 -17.26 17.90 27.07
C ILE B 586 -18.00 16.97 26.12
N SER B 587 -18.35 15.78 26.61
CA SER B 587 -18.96 14.77 25.77
C SER B 587 -20.42 15.09 25.49
N ASN B 588 -20.89 14.67 24.32
CA ASN B 588 -22.29 14.72 23.96
C ASN B 588 -22.89 13.32 23.81
N ARG B 589 -22.14 12.27 24.15
CA ARG B 589 -22.58 10.90 23.93
C ARG B 589 -22.46 10.01 25.15
N LEU B 590 -22.14 10.55 26.32
CA LEU B 590 -21.97 9.76 27.54
C LEU B 590 -23.18 9.90 28.45
N VAL B 591 -23.51 8.80 29.14
CA VAL B 591 -24.59 8.80 30.12
C VAL B 591 -24.05 8.35 31.47
N SER B 592 -23.55 7.12 31.53
CA SER B 592 -23.12 6.53 32.79
C SER B 592 -21.61 6.50 32.96
N SER B 593 -20.85 6.52 31.88
CA SER B 593 -19.40 6.50 31.99
C SER B 593 -18.87 7.90 32.31
N PRO B 594 -17.72 7.99 32.99
CA PRO B 594 -17.13 9.31 33.25
C PRO B 594 -16.40 9.92 32.06
N CYS B 595 -15.90 9.12 31.13
CA CYS B 595 -15.16 9.64 30.00
C CYS B 595 -15.01 8.56 28.95
N CYS B 596 -14.49 8.96 27.79
CA CYS B 596 -14.17 8.06 26.70
C CYS B 596 -13.19 8.75 25.78
N ILE B 597 -12.57 7.98 24.90
CA ILE B 597 -11.60 8.49 23.94
C ILE B 597 -12.12 8.23 22.53
N VAL B 598 -12.14 9.28 21.71
CA VAL B 598 -12.57 9.19 20.33
C VAL B 598 -11.44 9.68 19.44
N THR B 599 -11.47 9.28 18.18
CA THR B 599 -10.43 9.62 17.23
C THR B 599 -10.88 10.77 16.34
N SER B 600 -9.91 11.37 15.67
CA SER B 600 -10.19 12.47 14.76
C SER B 600 -10.94 11.97 13.53
N THR B 601 -11.64 12.90 12.87
CA THR B 601 -12.49 12.53 11.75
C THR B 601 -11.70 11.83 10.65
N TYR B 602 -10.44 12.19 10.47
CA TYR B 602 -9.59 11.63 9.43
C TYR B 602 -8.47 10.83 10.07
N GLY B 603 -8.22 9.65 9.53
CA GLY B 603 -7.29 8.69 10.10
C GLY B 603 -8.01 7.45 10.57
N TRP B 604 -7.21 6.50 11.04
CA TRP B 604 -7.75 5.22 11.47
C TRP B 604 -8.48 5.36 12.80
N THR B 605 -9.54 4.57 12.96
CA THR B 605 -10.19 4.44 14.24
C THR B 605 -9.36 3.54 15.15
N ALA B 606 -9.84 3.33 16.37
CA ALA B 606 -9.13 2.44 17.29
C ALA B 606 -9.12 1.01 16.76
N ASN B 607 -10.27 0.53 16.28
CA ASN B 607 -10.35 -0.83 15.76
C ASN B 607 -9.49 -1.01 14.52
N MET B 608 -9.55 -0.03 13.59
CA MET B 608 -8.73 -0.12 12.39
C MET B 608 -7.25 -0.08 12.73
N GLU B 609 -6.86 0.77 13.69
CA GLU B 609 -5.47 0.80 14.11
C GLU B 609 -5.04 -0.54 14.71
N ARG B 610 -5.90 -1.15 15.51
CA ARG B 610 -5.59 -2.46 16.07
C ARG B 610 -5.40 -3.50 14.98
N ILE B 611 -6.30 -3.51 13.98
CA ILE B 611 -6.18 -4.49 12.91
C ILE B 611 -4.95 -4.24 12.06
N MET B 612 -4.67 -2.97 11.73
CA MET B 612 -3.53 -2.65 10.87
C MET B 612 -2.21 -3.03 11.51
N LYS B 613 -2.06 -2.81 12.82
CA LYS B 613 -0.78 -3.07 13.47
C LYS B 613 -0.50 -4.56 13.63
N ALA B 614 -1.49 -5.42 13.39
CA ALA B 614 -1.31 -6.87 13.50
C ALA B 614 -1.11 -7.55 12.16
N GLN B 615 -0.85 -6.79 11.10
CA GLN B 615 -0.67 -7.34 9.76
C GLN B 615 0.80 -7.68 9.56
N ALA B 616 1.08 -8.91 9.14
CA ALA B 616 2.47 -9.32 8.94
C ALA B 616 3.15 -8.51 7.86
N LEU B 617 2.48 -8.30 6.73
CA LEU B 617 3.06 -7.57 5.60
C LEU B 617 2.70 -6.10 5.65
N ARG B 618 3.00 -5.46 6.79
N ARG B 618 2.96 -5.44 6.78
CA ARG B 618 2.70 -4.06 7.04
CA ARG B 618 2.65 -4.03 6.94
C ARG B 618 3.98 -3.24 7.04
C ARG B 618 3.93 -3.22 7.08
N ASP B 619 3.94 -2.05 6.43
CA ASP B 619 5.08 -1.15 6.42
C ASP B 619 4.98 -0.24 7.64
N ASN B 620 5.83 -0.48 8.63
CA ASN B 620 5.82 0.32 9.85
C ASN B 620 6.24 1.76 9.61
N SER B 621 6.97 2.03 8.53
CA SER B 621 7.50 3.37 8.31
C SER B 621 6.42 4.38 7.92
N THR B 622 5.20 3.92 7.64
CA THR B 622 4.14 4.81 7.16
C THR B 622 2.92 4.83 8.06
N MET B 623 3.02 4.32 9.30
CA MET B 623 1.90 4.42 10.22
C MET B 623 1.67 5.86 10.69
N GLY B 624 2.70 6.70 10.68
CA GLY B 624 2.52 8.09 11.08
C GLY B 624 1.56 8.84 10.18
N TYR B 625 1.45 8.41 8.92
CA TYR B 625 0.60 9.07 7.93
C TYR B 625 -0.86 8.64 8.03
N MET B 626 -1.17 7.57 8.75
CA MET B 626 -2.52 7.03 8.78
C MET B 626 -3.19 7.11 10.14
N MET B 627 -2.44 7.15 11.23
CA MET B 627 -3.04 7.13 12.56
C MET B 627 -3.75 8.44 12.85
N ALA B 628 -4.84 8.36 13.60
CA ALA B 628 -5.58 9.54 14.00
C ALA B 628 -5.17 9.97 15.40
N LYS B 629 -5.53 11.21 15.74
CA LYS B 629 -5.26 11.76 17.06
C LYS B 629 -6.44 11.48 17.99
N LYS B 630 -6.15 11.50 19.29
CA LYS B 630 -7.10 11.12 20.31
C LYS B 630 -7.66 12.37 20.99
N HIS B 631 -8.97 12.38 21.20
CA HIS B 631 -9.65 13.41 21.98
C HIS B 631 -10.31 12.76 23.19
N LEU B 632 -10.11 13.34 24.36
CA LEU B 632 -10.72 12.84 25.58
C LEU B 632 -12.01 13.63 25.84
N GLU B 633 -13.12 12.91 26.00
CA GLU B 633 -14.42 13.50 26.28
C GLU B 633 -14.88 13.08 27.66
N ILE B 634 -15.23 14.05 28.49
CA ILE B 634 -15.63 13.78 29.87
C ILE B 634 -17.12 14.04 30.01
N ASN B 635 -17.75 13.35 30.96
CA ASN B 635 -19.18 13.40 31.15
C ASN B 635 -19.51 14.39 32.27
N PRO B 636 -20.15 15.52 31.99
CA PRO B 636 -20.39 16.51 33.06
C PRO B 636 -21.27 16.00 34.18
N ASP B 637 -22.13 15.02 33.92
CA ASP B 637 -23.10 14.56 34.91
C ASP B 637 -22.58 13.45 35.79
N HIS B 638 -21.32 13.03 35.63
CA HIS B 638 -20.82 11.93 36.44
C HIS B 638 -20.28 12.47 37.77
N PRO B 639 -20.53 11.76 38.88
CA PRO B 639 -20.03 12.25 40.17
C PRO B 639 -18.52 12.45 40.21
N ILE B 640 -17.75 11.56 39.57
CA ILE B 640 -16.29 11.67 39.63
C ILE B 640 -15.84 12.96 38.96
N VAL B 641 -16.46 13.32 37.84
CA VAL B 641 -16.07 14.54 37.14
C VAL B 641 -16.43 15.77 37.98
N GLU B 642 -17.58 15.74 38.65
CA GLU B 642 -17.95 16.83 39.53
C GLU B 642 -16.96 17.00 40.67
N THR B 643 -16.58 15.89 41.31
CA THR B 643 -15.61 15.95 42.39
C THR B 643 -14.26 16.46 41.88
N LEU B 644 -13.88 16.03 40.68
CA LEU B 644 -12.63 16.52 40.08
C LEU B 644 -12.70 18.02 39.85
N ARG B 645 -13.82 18.53 39.36
CA ARG B 645 -13.95 19.97 39.16
C ARG B 645 -13.84 20.71 40.49
N GLN B 646 -14.51 20.20 41.51
CA GLN B 646 -14.44 20.85 42.83
C GLN B 646 -13.00 20.87 43.34
N LYS B 647 -12.31 19.73 43.25
CA LYS B 647 -10.94 19.66 43.75
C LYS B 647 -10.02 20.59 42.95
N ALA B 648 -10.19 20.64 41.64
CA ALA B 648 -9.36 21.51 40.81
C ALA B 648 -9.60 22.97 41.15
N GLU B 649 -10.86 23.34 41.41
CA GLU B 649 -11.14 24.70 41.84
C GLU B 649 -10.47 25.00 43.18
N ALA B 650 -10.56 24.06 44.12
CA ALA B 650 -9.94 24.27 45.43
C ALA B 650 -8.43 24.40 45.30
N ASP B 651 -7.79 23.44 44.64
CA ASP B 651 -6.35 23.46 44.44
C ASP B 651 -6.03 22.71 43.16
N LYS B 652 -5.49 23.43 42.17
CA LYS B 652 -5.23 22.83 40.88
C LYS B 652 -4.05 21.87 40.91
N ASN B 653 -3.05 22.14 41.75
CA ASN B 653 -1.86 21.31 41.84
C ASN B 653 -2.03 20.13 42.79
N ASP B 654 -3.27 19.79 43.16
CA ASP B 654 -3.51 18.65 44.03
C ASP B 654 -2.98 17.37 43.39
N LYS B 655 -2.23 16.60 44.18
CA LYS B 655 -1.68 15.34 43.69
C LYS B 655 -2.78 14.32 43.42
N ALA B 656 -3.81 14.30 44.25
CA ALA B 656 -4.91 13.36 44.04
C ALA B 656 -5.57 13.60 42.68
N VAL B 657 -5.75 14.87 42.32
CA VAL B 657 -6.38 15.19 41.03
C VAL B 657 -5.52 14.68 39.89
N LYS B 658 -4.21 14.89 39.96
CA LYS B 658 -3.32 14.46 38.87
C LYS B 658 -3.32 12.94 38.76
N ASP B 659 -3.22 12.24 39.89
CA ASP B 659 -3.22 10.79 39.85
C ASP B 659 -4.54 10.27 39.29
N LEU B 660 -5.66 10.86 39.71
CA LEU B 660 -6.96 10.40 39.23
C LEU B 660 -7.11 10.67 37.74
N VAL B 661 -6.61 11.82 37.27
CA VAL B 661 -6.69 12.12 35.84
C VAL B 661 -5.92 11.09 35.04
N VAL B 662 -4.70 10.75 35.48
CA VAL B 662 -3.89 9.79 34.74
C VAL B 662 -4.56 8.42 34.75
N LEU B 663 -5.08 8.00 35.91
CA LEU B 663 -5.73 6.70 36.00
C LEU B 663 -6.97 6.64 35.12
N LEU B 664 -7.77 7.71 35.12
CA LEU B 664 -8.97 7.74 34.28
C LEU B 664 -8.61 7.69 32.82
N PHE B 665 -7.56 8.41 32.41
CA PHE B 665 -7.15 8.36 31.02
C PHE B 665 -6.72 6.96 30.62
N GLU B 666 -5.95 6.28 31.48
CA GLU B 666 -5.53 4.92 31.17
C GLU B 666 -6.73 3.99 31.05
N THR B 667 -7.69 4.11 31.97
CA THR B 667 -8.87 3.25 31.92
C THR B 667 -9.67 3.50 30.65
N ALA B 668 -9.86 4.76 30.28
CA ALA B 668 -10.58 5.07 29.04
C ALA B 668 -9.83 4.55 27.82
N LEU B 669 -8.51 4.67 27.84
CA LEU B 669 -7.72 4.17 26.71
C LEU B 669 -7.89 2.67 26.56
N LEU B 670 -7.90 1.94 27.68
CA LEU B 670 -8.06 0.49 27.59
C LEU B 670 -9.48 0.10 27.22
N SER B 671 -10.48 0.90 27.61
CA SER B 671 -11.86 0.56 27.34
C SER B 671 -12.37 1.04 25.99
N SER B 672 -11.57 1.80 25.24
CA SER B 672 -11.97 2.33 23.95
C SER B 672 -11.39 1.56 22.78
N GLY B 673 -10.65 0.49 23.02
CA GLY B 673 -10.07 -0.31 21.97
C GLY B 673 -8.60 -0.05 21.70
N PHE B 674 -7.99 0.87 22.44
CA PHE B 674 -6.56 1.13 22.28
C PHE B 674 -5.75 0.19 23.17
N SER B 675 -4.43 0.22 22.97
CA SER B 675 -3.50 -0.57 23.76
C SER B 675 -2.45 0.35 24.35
N LEU B 676 -2.04 0.07 25.59
CA LEU B 676 -1.05 0.90 26.25
C LEU B 676 0.35 0.59 25.73
N GLU B 677 1.15 1.64 25.56
CA GLU B 677 2.55 1.44 25.19
C GLU B 677 3.32 0.68 26.25
N ASP B 678 2.83 0.65 27.48
CA ASP B 678 3.45 -0.09 28.56
C ASP B 678 2.38 -0.51 29.56
N PRO B 679 1.76 -1.68 29.40
CA PRO B 679 0.70 -2.09 30.33
C PRO B 679 1.18 -2.24 31.76
N GLN B 680 2.48 -2.39 31.97
CA GLN B 680 3.00 -2.58 33.32
C GLN B 680 2.81 -1.34 34.19
N THR B 681 2.75 -0.14 33.59
CA THR B 681 2.47 1.05 34.39
C THR B 681 1.07 0.99 34.98
N HIS B 682 0.09 0.62 34.16
CA HIS B 682 -1.27 0.44 34.66
C HIS B 682 -1.32 -0.65 35.71
N SER B 683 -0.64 -1.77 35.46
CA SER B 683 -0.62 -2.86 36.44
C SER B 683 -0.03 -2.41 37.76
N ASN B 684 1.07 -1.65 37.71
CA ASN B 684 1.72 -1.18 38.92
C ASN B 684 0.83 -0.20 39.68
N ARG B 685 0.10 0.66 38.95
CA ARG B 685 -0.85 1.55 39.63
C ARG B 685 -1.90 0.75 40.37
N ILE B 686 -2.45 -0.28 39.72
CA ILE B 686 -3.47 -1.09 40.38
C ILE B 686 -2.88 -1.80 41.60
N TYR B 687 -1.67 -2.34 41.46
CA TYR B 687 -1.07 -3.06 42.59
C TYR B 687 -0.78 -2.12 43.75
N ARG B 688 -0.32 -0.90 43.46
CA ARG B 688 -0.13 0.08 44.52
C ARG B 688 -1.43 0.39 45.22
N MET B 689 -2.52 0.55 44.46
CA MET B 689 -3.81 0.79 45.09
C MET B 689 -4.20 -0.38 45.99
N ILE B 690 -3.97 -1.61 45.52
CA ILE B 690 -4.32 -2.78 46.32
C ILE B 690 -3.51 -2.82 47.60
N LYS B 691 -2.21 -2.56 47.52
CA LYS B 691 -1.37 -2.59 48.71
C LYS B 691 -1.79 -1.51 49.70
N LEU B 692 -2.03 -0.30 49.19
CA LEU B 692 -2.49 0.84 50.01
C LEU B 692 -3.76 0.41 50.75
N GLY B 693 -4.69 -0.23 50.04
CA GLY B 693 -5.98 -0.68 50.63
C GLY B 693 -5.77 -1.75 51.67
N LEU B 694 -4.86 -2.71 51.43
CA LEU B 694 -4.64 -3.82 52.36
C LEU B 694 -3.76 -3.45 53.54
N GLY B 695 -3.15 -2.28 53.53
CA GLY B 695 -2.26 -1.86 54.61
C GLY B 695 -0.88 -2.48 54.56
N ILE B 696 -0.47 -3.04 53.42
CA ILE B 696 0.83 -3.68 53.32
C ILE B 696 1.94 -2.64 53.41
N ASP B 697 1.80 -1.55 52.66
CA ASP B 697 2.84 -0.53 52.60
C ASP B 697 2.33 0.71 51.87
N ASP B 720 23.08 28.17 52.05
CA ASP B 720 24.22 29.07 52.06
C ASP B 720 23.91 30.36 51.31
N GLU B 721 24.87 31.27 51.28
CA GLU B 721 24.65 32.55 50.60
C GLU B 721 24.46 32.38 49.11
N ASP B 722 24.89 31.26 48.54
CA ASP B 722 24.77 31.03 47.10
C ASP B 722 23.38 30.56 46.68
N ALA B 723 22.55 30.11 47.63
CA ALA B 723 21.22 29.61 47.26
C ALA B 723 20.41 30.70 46.57
N SER B 724 20.35 31.90 47.17
CA SER B 724 19.63 33.00 46.54
C SER B 724 20.30 33.40 45.23
N ARG B 725 21.64 33.42 45.20
CA ARG B 725 22.35 33.84 44.01
C ARG B 725 22.08 32.92 42.82
N MET B 726 21.65 31.69 43.06
CA MET B 726 21.47 30.73 41.98
C MET B 726 20.17 30.96 41.22
N GLU B 727 19.12 31.46 41.87
CA GLU B 727 17.81 31.63 41.25
C GLU B 727 17.23 33.01 41.57
N GLU B 728 18.03 34.05 41.36
CA GLU B 728 17.54 35.43 41.50
C GLU B 728 17.53 36.17 40.17
N VAL B 729 18.68 36.31 39.53
CA VAL B 729 18.77 36.99 38.24
C VAL B 729 20.07 36.57 37.55
N ASP B 730 19.97 36.18 36.28
CA ASP B 730 21.14 35.83 35.46
C ASP B 730 22.08 34.83 36.14
N ALA C 2 0.06 72.68 1.79
CA ALA C 2 -0.42 73.79 0.99
C ALA C 2 -1.88 74.10 1.31
N ASP C 3 -2.80 73.38 0.64
CA ASP C 3 -4.24 73.50 0.89
C ASP C 3 -4.80 72.07 0.88
N ILE C 4 -4.82 71.44 2.05
CA ILE C 4 -5.22 70.04 2.12
C ILE C 4 -6.74 69.91 2.14
N ILE C 5 -7.46 70.94 2.57
CA ILE C 5 -8.92 70.90 2.53
C ILE C 5 -9.40 70.95 1.08
N ALA C 6 -8.75 71.78 0.26
CA ALA C 6 -9.07 71.81 -1.16
C ALA C 6 -8.80 70.47 -1.83
N ARG C 7 -7.77 69.75 -1.37
CA ARG C 7 -7.50 68.42 -1.89
C ARG C 7 -8.55 67.42 -1.41
N LEU C 8 -8.95 67.51 -0.14
CA LEU C 8 -9.93 66.58 0.40
C LEU C 8 -11.27 66.73 -0.30
N ARG C 9 -11.72 67.97 -0.53
CA ARG C 9 -13.03 68.16 -1.13
C ARG C 9 -13.07 67.61 -2.55
N GLU C 10 -11.99 67.78 -3.31
CA GLU C 10 -11.94 67.19 -4.64
C GLU C 10 -11.77 65.68 -4.58
N ASP C 11 -11.16 65.17 -3.51
CA ASP C 11 -10.97 63.73 -3.37
C ASP C 11 -12.29 62.98 -3.27
N GLY C 12 -13.37 63.67 -2.91
CA GLY C 12 -14.66 63.04 -2.76
C GLY C 12 -15.17 62.98 -1.33
N ILE C 13 -14.46 63.58 -0.38
CA ILE C 13 -14.85 63.59 1.02
C ILE C 13 -15.17 65.03 1.41
N GLN C 14 -16.37 65.25 1.92
CA GLN C 14 -16.83 66.56 2.36
C GLN C 14 -16.92 66.57 3.88
N LYS C 15 -16.28 67.57 4.49
CA LYS C 15 -16.16 67.65 5.94
C LYS C 15 -16.54 69.04 6.41
N ARG C 16 -16.79 69.14 7.72
CA ARG C 16 -17.08 70.40 8.38
C ARG C 16 -16.38 70.41 9.73
N VAL C 17 -15.90 71.58 10.13
CA VAL C 17 -15.14 71.73 11.37
C VAL C 17 -16.06 72.32 12.44
N ILE C 18 -16.05 71.69 13.61
CA ILE C 18 -16.86 72.13 14.75
C ILE C 18 -16.08 73.09 15.65
N GLN C 19 -14.88 72.66 16.08
CA GLN C 19 -14.02 73.48 16.93
C GLN C 19 -12.59 73.28 16.46
N GLU C 20 -11.97 74.36 15.97
CA GLU C 20 -10.62 74.27 15.45
C GLU C 20 -9.64 73.92 16.56
N GLY C 21 -8.53 73.27 16.18
CA GLY C 21 -7.54 72.86 17.13
C GLY C 21 -6.57 73.96 17.49
N ARG C 22 -5.57 73.61 18.30
CA ARG C 22 -4.60 74.55 18.83
C ARG C 22 -3.20 74.15 18.39
N GLY C 23 -2.34 75.15 18.21
CA GLY C 23 -0.96 74.91 17.87
C GLY C 23 -0.65 75.14 16.39
N GLU C 24 0.09 74.21 15.79
CA GLU C 24 0.47 74.30 14.39
C GLU C 24 0.28 72.95 13.72
N LEU C 25 0.08 72.99 12.40
CA LEU C 25 -0.13 71.77 11.64
C LEU C 25 1.11 70.89 11.74
N PRO C 26 0.96 69.58 11.98
CA PRO C 26 2.14 68.73 12.09
C PRO C 26 2.54 68.13 10.74
N ASP C 27 3.81 67.71 10.68
CA ASP C 27 4.34 67.16 9.43
C ASP C 27 3.60 65.89 9.03
N PHE C 28 3.34 65.00 9.98
CA PHE C 28 2.73 63.70 9.71
C PHE C 28 3.48 62.98 8.58
N GLN C 29 4.80 62.86 8.76
CA GLN C 29 5.64 62.15 7.83
C GLN C 29 5.47 60.64 8.03
N ASP C 30 6.27 59.86 7.30
CA ASP C 30 6.21 58.40 7.43
C ASP C 30 6.59 57.99 8.84
N GLY C 31 5.60 57.61 9.64
CA GLY C 31 5.82 57.30 11.03
C GLY C 31 5.53 58.50 11.92
N THR C 32 4.27 58.69 12.45
CA THR C 32 3.90 59.70 13.41
C THR C 32 2.73 59.16 14.25
N LYS C 33 2.72 59.36 15.55
CA LYS C 33 1.67 58.86 16.43
C LYS C 33 0.65 59.97 16.72
N ALA C 34 -0.63 59.62 16.63
CA ALA C 34 -1.72 60.56 16.89
C ALA C 34 -2.77 59.84 17.72
N THR C 35 -2.76 60.10 19.03
CA THR C 35 -3.75 59.52 19.93
C THR C 35 -5.02 60.37 19.87
N PHE C 36 -6.14 59.73 19.57
CA PHE C 36 -7.39 60.46 19.38
C PHE C 36 -8.56 59.52 19.60
N HIS C 37 -9.73 60.11 19.75
CA HIS C 37 -10.98 59.37 19.91
C HIS C 37 -11.76 59.39 18.60
N TYR C 38 -12.63 58.39 18.45
CA TYR C 38 -13.51 58.28 17.30
C TYR C 38 -14.88 57.85 17.76
N ARG C 39 -15.91 58.23 17.00
CA ARG C 39 -17.28 57.84 17.30
C ARG C 39 -18.03 57.76 15.97
N THR C 40 -18.17 56.54 15.46
CA THR C 40 -18.79 56.31 14.16
C THR C 40 -20.27 56.01 14.33
N LEU C 41 -21.11 56.77 13.62
CA LEU C 41 -22.55 56.54 13.61
C LEU C 41 -23.04 56.61 12.18
N HIS C 42 -24.08 55.82 11.89
CA HIS C 42 -24.56 55.70 10.52
C HIS C 42 -25.14 57.02 10.03
N SER C 43 -24.74 57.43 8.83
CA SER C 43 -25.09 58.75 8.33
C SER C 43 -26.61 58.90 8.19
N ASP C 44 -27.21 58.12 7.29
CA ASP C 44 -28.64 58.25 7.03
C ASP C 44 -29.39 56.94 6.92
N ASP C 45 -28.73 55.78 6.88
CA ASP C 45 -29.44 54.53 6.70
C ASP C 45 -30.33 54.22 7.91
N GLU C 46 -29.76 54.27 9.11
CA GLU C 46 -30.55 54.13 10.33
C GLU C 46 -30.23 55.15 11.41
N GLY C 47 -29.07 55.82 11.37
CA GLY C 47 -28.77 56.88 12.30
C GLY C 47 -28.23 56.44 13.65
N THR C 48 -28.06 55.14 13.87
CA THR C 48 -27.56 54.64 15.15
C THR C 48 -26.05 54.71 15.19
N VAL C 49 -25.48 54.30 16.32
CA VAL C 49 -24.04 54.30 16.55
C VAL C 49 -23.58 52.86 16.60
N LEU C 50 -22.76 52.44 15.63
CA LEU C 50 -22.29 51.06 15.59
C LEU C 50 -21.06 50.88 16.48
N ASP C 51 -20.12 51.81 16.41
CA ASP C 51 -18.89 51.76 17.20
C ASP C 51 -18.72 53.09 17.92
N ASP C 52 -17.93 53.05 18.99
CA ASP C 52 -17.70 54.23 19.82
C ASP C 52 -16.36 54.10 20.52
N SER C 53 -15.68 55.22 20.71
CA SER C 53 -14.42 55.26 21.42
C SER C 53 -14.47 56.20 22.62
N ARG C 54 -14.99 57.41 22.44
CA ARG C 54 -15.09 58.37 23.54
C ARG C 54 -16.31 58.15 24.42
N ALA C 55 -17.27 57.34 23.98
CA ALA C 55 -18.47 57.12 24.78
C ALA C 55 -18.13 56.47 26.11
N ARG C 56 -17.24 55.49 26.10
CA ARG C 56 -16.81 54.80 27.31
C ARG C 56 -15.36 55.11 27.70
N GLY C 57 -14.71 56.05 27.01
CA GLY C 57 -13.36 56.42 27.36
C GLY C 57 -12.33 55.40 26.91
N LYS C 58 -12.26 55.16 25.59
CA LYS C 58 -11.27 54.25 25.01
C LYS C 58 -10.63 54.91 23.80
N PRO C 59 -9.64 55.77 24.03
CA PRO C 59 -8.93 56.38 22.89
C PRO C 59 -8.34 55.31 21.99
N MET C 60 -8.01 55.72 20.75
CA MET C 60 -7.51 54.81 19.73
C MET C 60 -6.11 55.27 19.34
N GLU C 61 -5.09 54.55 19.81
CA GLU C 61 -3.72 54.91 19.50
C GLU C 61 -3.46 54.65 18.02
N LEU C 62 -2.96 55.67 17.32
CA LEU C 62 -2.81 55.62 15.88
C LEU C 62 -1.41 56.08 15.50
N ILE C 63 -0.74 55.30 14.65
CA ILE C 63 0.52 55.68 14.03
C ILE C 63 0.25 55.98 12.56
N ILE C 64 0.59 57.14 12.03
CA ILE C 64 0.27 57.61 10.72
C ILE C 64 1.11 57.16 9.53
N GLY C 65 0.68 56.09 8.91
CA GLY C 65 1.21 55.69 7.63
C GLY C 65 2.48 54.88 7.63
N LYS C 66 2.42 53.64 8.12
CA LYS C 66 3.46 52.67 7.78
C LYS C 66 3.00 51.83 6.58
N LYS C 67 1.93 51.05 6.76
CA LYS C 67 1.11 50.59 5.64
C LYS C 67 -0.34 51.01 5.83
N PHE C 68 -0.95 50.67 6.96
CA PHE C 68 -2.34 51.03 7.27
C PHE C 68 -3.24 50.80 6.06
N LYS C 69 -3.44 49.53 5.71
CA LYS C 69 -4.19 49.14 4.52
C LYS C 69 -5.36 50.07 4.23
N LEU C 70 -6.12 50.43 5.26
CA LEU C 70 -7.20 51.40 5.07
C LEU C 70 -6.60 52.79 4.87
N PRO C 71 -6.83 53.45 3.72
CA PRO C 71 -6.29 54.80 3.55
C PRO C 71 -7.15 55.90 4.15
N VAL C 72 -8.42 55.62 4.46
CA VAL C 72 -9.36 56.68 4.82
C VAL C 72 -8.95 57.34 6.14
N TRP C 73 -8.62 56.53 7.15
CA TRP C 73 -8.33 57.07 8.47
C TRP C 73 -7.10 57.96 8.45
N GLU C 74 -6.07 57.55 7.71
CA GLU C 74 -4.85 58.35 7.65
C GLU C 74 -5.13 59.72 7.04
N THR C 75 -5.87 59.76 5.94
CA THR C 75 -6.22 61.04 5.33
C THR C 75 -7.09 61.86 6.27
N ILE C 76 -8.02 61.21 6.98
CA ILE C 76 -8.88 61.93 7.91
C ILE C 76 -8.05 62.62 8.99
N VAL C 77 -7.11 61.88 9.57
CA VAL C 77 -6.27 62.45 10.64
C VAL C 77 -5.22 63.40 10.10
N CYS C 78 -4.94 63.37 8.80
CA CYS C 78 -3.96 64.31 8.24
C CYS C 78 -4.45 65.75 8.38
N THR C 79 -5.72 66.00 8.11
CA THR C 79 -6.24 67.37 8.04
C THR C 79 -6.81 67.83 9.38
N MET C 80 -6.03 67.67 10.45
CA MET C 80 -6.38 68.22 11.75
C MET C 80 -5.10 68.56 12.50
N ARG C 81 -5.24 69.41 13.50
CA ARG C 81 -4.15 69.83 14.37
C ARG C 81 -4.44 69.39 15.79
N GLU C 82 -3.51 69.74 16.70
CA GLU C 82 -3.63 69.31 18.08
C GLU C 82 -4.91 69.85 18.71
N GLY C 83 -5.61 68.98 19.44
CA GLY C 83 -6.81 69.39 20.13
C GLY C 83 -7.94 69.85 19.22
N GLU C 84 -8.21 69.10 18.15
CA GLU C 84 -9.25 69.44 17.20
C GLU C 84 -10.32 68.35 17.19
N ILE C 85 -11.57 68.77 17.03
CA ILE C 85 -12.72 67.87 16.97
C ILE C 85 -13.53 68.22 15.73
N ALA C 86 -13.96 67.19 14.99
CA ALA C 86 -14.71 67.39 13.77
C ALA C 86 -15.51 66.14 13.45
N GLN C 87 -16.47 66.30 12.54
CA GLN C 87 -17.31 65.20 12.09
C GLN C 87 -17.47 65.31 10.58
N PHE C 88 -17.73 64.17 9.94
CA PHE C 88 -17.78 64.10 8.49
C PHE C 88 -18.21 62.70 8.09
N LEU C 89 -18.44 62.52 6.78
CA LEU C 89 -18.84 61.26 6.20
C LEU C 89 -17.70 60.70 5.35
N CYS C 90 -17.94 59.52 4.78
CA CYS C 90 -17.02 58.91 3.83
C CYS C 90 -17.82 58.16 2.78
N ASP C 91 -17.24 58.09 1.58
CA ASP C 91 -17.89 57.39 0.49
C ASP C 91 -17.72 55.87 0.65
N ILE C 92 -18.58 55.14 -0.05
CA ILE C 92 -18.56 53.68 0.07
C ILE C 92 -17.25 53.11 -0.46
N LYS C 93 -16.60 53.81 -1.39
CA LYS C 93 -15.39 53.27 -2.01
C LYS C 93 -14.24 53.15 -1.02
N HIS C 94 -14.25 53.95 0.05
CA HIS C 94 -13.13 53.93 1.00
C HIS C 94 -13.34 52.89 2.09
N VAL C 95 -14.53 52.81 2.67
CA VAL C 95 -14.80 51.90 3.76
C VAL C 95 -15.46 50.61 3.27
N VAL C 96 -15.33 50.29 1.98
CA VAL C 96 -15.91 49.07 1.46
C VAL C 96 -15.32 47.84 2.13
N LEU C 97 -14.14 47.98 2.76
CA LEU C 97 -13.52 46.90 3.51
C LEU C 97 -13.64 47.12 5.01
N TYR C 98 -14.74 47.75 5.44
CA TYR C 98 -14.93 48.00 6.87
C TYR C 98 -14.89 46.72 7.71
N PRO C 99 -15.47 45.61 7.28
CA PRO C 99 -15.46 44.41 8.15
C PRO C 99 -14.08 43.94 8.55
N LEU C 100 -13.03 44.32 7.82
CA LEU C 100 -11.68 43.91 8.13
C LEU C 100 -11.00 44.78 9.18
N VAL C 101 -11.70 45.80 9.70
CA VAL C 101 -11.11 46.73 10.64
C VAL C 101 -11.70 46.53 12.03
N ALA C 102 -13.01 46.76 12.15
CA ALA C 102 -13.68 46.67 13.44
C ALA C 102 -14.02 45.24 13.85
N LYS C 103 -13.45 44.25 13.16
CA LYS C 103 -13.74 42.86 13.49
C LYS C 103 -13.25 42.52 14.90
N SER C 104 -12.05 42.98 15.25
CA SER C 104 -11.45 42.63 16.55
C SER C 104 -10.90 43.82 17.32
N LEU C 105 -10.84 45.02 16.73
CA LEU C 105 -10.23 46.14 17.44
C LEU C 105 -10.96 46.46 18.73
N ARG C 106 -12.26 46.16 18.80
CA ARG C 106 -13.03 46.36 20.02
C ARG C 106 -13.16 45.09 20.85
N ASN C 107 -13.39 43.95 20.21
CA ASN C 107 -13.50 42.70 20.95
C ASN C 107 -12.21 42.38 21.68
N ILE C 108 -11.06 42.55 21.03
CA ILE C 108 -9.76 42.26 21.60
C ILE C 108 -9.35 43.48 22.41
N ALA C 109 -9.57 43.44 23.72
CA ALA C 109 -9.20 44.54 24.60
C ALA C 109 -9.50 44.18 26.05
N GLY C 134 -18.66 38.49 15.06
CA GLY C 134 -19.98 38.48 14.46
C GLY C 134 -20.81 39.69 14.85
N HIS C 135 -20.16 40.85 14.89
CA HIS C 135 -20.84 42.08 15.30
C HIS C 135 -22.00 42.37 14.35
N ALA C 136 -23.16 42.70 14.93
CA ALA C 136 -24.35 43.03 14.15
C ALA C 136 -24.41 44.50 13.75
N ASP C 137 -23.50 45.33 14.25
CA ASP C 137 -23.50 46.76 13.95
C ASP C 137 -22.52 47.11 12.82
N LEU C 138 -21.26 46.71 12.95
CA LEU C 138 -20.25 47.00 11.94
C LEU C 138 -20.38 46.14 10.70
N ASP C 139 -21.21 45.10 10.73
CA ASP C 139 -21.37 44.19 9.61
C ASP C 139 -22.52 44.59 8.69
N ALA C 140 -23.26 45.66 9.01
CA ALA C 140 -24.35 46.09 8.15
C ALA C 140 -23.84 46.47 6.76
N LEU C 141 -22.60 46.94 6.66
CA LEU C 141 -22.04 47.30 5.36
C LEU C 141 -21.78 46.08 4.49
N GLN C 142 -21.62 44.90 5.09
CA GLN C 142 -21.39 43.69 4.29
C GLN C 142 -22.56 43.39 3.37
N GLN C 143 -23.74 43.94 3.66
CA GLN C 143 -24.94 43.73 2.85
C GLN C 143 -25.51 44.99 2.26
N ASN C 144 -25.23 46.16 2.83
CA ASN C 144 -25.76 47.44 2.32
C ASN C 144 -24.75 48.54 2.60
N PRO C 145 -23.67 48.60 1.82
CA PRO C 145 -22.71 49.70 1.99
C PRO C 145 -23.35 51.05 1.72
N GLN C 146 -22.93 52.05 2.49
CA GLN C 146 -23.50 53.38 2.39
C GLN C 146 -22.60 54.40 3.09
N PRO C 147 -22.90 55.69 3.00
CA PRO C 147 -22.09 56.68 3.71
C PRO C 147 -22.11 56.46 5.22
N LEU C 148 -20.97 56.73 5.86
CA LEU C 148 -20.80 56.53 7.29
C LEU C 148 -20.16 57.77 7.89
N ILE C 149 -20.76 58.28 8.96
CA ILE C 149 -20.23 59.46 9.64
C ILE C 149 -19.06 59.04 10.54
N PHE C 150 -18.14 59.98 10.77
CA PHE C 150 -16.95 59.73 11.58
C PHE C 150 -16.71 60.96 12.46
N HIS C 151 -16.86 60.79 13.77
CA HIS C 151 -16.64 61.88 14.73
C HIS C 151 -15.27 61.67 15.39
N MET C 152 -14.27 62.41 14.92
CA MET C 152 -12.93 62.35 15.49
C MET C 152 -12.74 63.44 16.54
N GLU C 153 -11.79 63.19 17.45
CA GLU C 153 -11.47 64.13 18.52
C GLU C 153 -10.02 63.87 18.92
N MET C 154 -9.13 64.77 18.51
CA MET C 154 -7.69 64.60 18.75
C MET C 154 -7.30 65.24 20.07
N LEU C 155 -6.34 64.60 20.75
CA LEU C 155 -5.75 65.14 21.97
C LEU C 155 -4.27 65.45 21.82
N LYS C 156 -3.47 64.48 21.38
CA LYS C 156 -2.04 64.67 21.19
C LYS C 156 -1.63 64.12 19.83
N VAL C 157 -0.59 64.74 19.26
CA VAL C 157 -0.01 64.31 17.99
C VAL C 157 1.50 64.53 18.09
N GLU C 158 2.27 63.45 18.09
CA GLU C 158 3.71 63.52 18.31
C GLU C 158 4.44 62.75 17.22
N SER C 159 5.58 63.31 16.79
CA SER C 159 6.45 62.64 15.84
C SER C 159 7.30 61.59 16.56
N PRO C 160 7.84 60.61 15.83
CA PRO C 160 8.71 59.62 16.48
C PRO C 160 9.92 60.28 17.10
N GLY C 161 10.34 59.75 18.25
CA GLY C 161 11.50 60.25 18.98
C GLY C 161 11.15 60.80 20.36
N THR C 162 9.96 61.36 20.51
CA THR C 162 9.51 61.89 21.79
C THR C 162 8.83 60.81 22.63
N TYR C 163 7.74 60.24 22.11
CA TYR C 163 7.09 59.14 22.78
C TYR C 163 7.90 57.85 22.60
N GLN C 164 7.66 56.89 23.49
CA GLN C 164 8.37 55.62 23.45
C GLN C 164 7.70 54.71 22.42
N GLN C 165 8.40 54.42 21.33
CA GLN C 165 7.87 53.56 20.29
C GLN C 165 7.66 52.14 20.83
N ASP C 166 6.55 51.54 20.43
CA ASP C 166 6.27 50.18 20.92
C ASP C 166 7.00 49.15 20.07
N PRO C 167 7.30 47.97 20.64
CA PRO C 167 8.26 47.07 20.00
C PRO C 167 7.88 46.65 18.59
N TRP C 168 6.59 46.44 18.30
CA TRP C 168 6.22 45.89 17.01
C TRP C 168 6.59 46.84 15.88
N ALA C 169 6.42 48.15 16.08
CA ALA C 169 6.61 49.13 15.04
C ALA C 169 8.03 49.68 14.98
N MET C 170 8.94 49.15 15.79
CA MET C 170 10.32 49.60 15.77
C MET C 170 11.09 48.97 14.62
N THR C 171 12.22 49.59 14.27
CA THR C 171 13.11 49.05 13.25
C THR C 171 14.14 48.13 13.88
N ASP C 172 14.63 47.18 13.09
CA ASP C 172 15.58 46.20 13.62
C ASP C 172 16.83 46.88 14.13
N GLU C 173 17.34 47.88 13.41
CA GLU C 173 18.57 48.53 13.82
C GLU C 173 18.43 49.18 15.19
N GLU C 174 17.32 49.88 15.43
CA GLU C 174 17.14 50.54 16.71
C GLU C 174 16.73 49.57 17.81
N LYS C 175 15.99 48.50 17.47
CA LYS C 175 15.61 47.54 18.50
C LYS C 175 16.79 46.73 18.97
N ALA C 176 17.78 46.49 18.09
CA ALA C 176 18.98 45.78 18.52
C ALA C 176 19.69 46.52 19.64
N LYS C 177 19.52 47.84 19.73
CA LYS C 177 20.09 48.63 20.81
C LYS C 177 19.10 48.93 21.92
N ALA C 178 17.80 48.87 21.64
CA ALA C 178 16.79 49.10 22.66
C ALA C 178 16.50 47.85 23.49
N VAL C 179 16.92 46.67 23.03
CA VAL C 179 16.59 45.44 23.76
C VAL C 179 17.15 45.45 25.17
N PRO C 180 18.42 45.82 25.41
CA PRO C 180 18.95 45.79 26.78
C PRO C 180 18.16 46.65 27.75
N LEU C 181 17.61 47.77 27.30
CA LEU C 181 16.85 48.64 28.20
C LEU C 181 15.62 47.93 28.74
N ILE C 182 14.91 47.18 27.88
CA ILE C 182 13.76 46.41 28.34
C ILE C 182 14.20 45.36 29.35
N HIS C 183 15.34 44.71 29.08
CA HIS C 183 15.85 43.70 30.00
C HIS C 183 16.10 44.31 31.38
N GLN C 184 16.79 45.45 31.42
CA GLN C 184 17.11 46.06 32.71
C GLN C 184 15.85 46.56 33.40
N GLU C 185 14.90 47.10 32.63
CA GLU C 185 13.64 47.54 33.24
C GLU C 185 12.89 46.38 33.86
N GLY C 186 12.83 45.25 33.17
CA GLY C 186 12.17 44.08 33.73
C GLY C 186 12.89 43.56 34.95
N ASN C 187 14.22 43.57 34.94
CA ASN C 187 14.97 43.15 36.11
C ASN C 187 14.66 44.06 37.30
N ARG C 188 14.65 45.37 37.08
CA ARG C 188 14.35 46.30 38.16
C ARG C 188 12.94 46.08 38.68
N LEU C 189 11.98 45.83 37.77
CA LEU C 189 10.62 45.58 38.20
C LEU C 189 10.54 44.31 39.04
N TYR C 190 11.29 43.27 38.66
CA TYR C 190 11.29 42.03 39.44
C TYR C 190 11.86 42.26 40.83
N ARG C 191 13.03 42.91 40.92
CA ARG C 191 13.61 43.16 42.23
C ARG C 191 12.70 44.03 43.08
N GLU C 192 12.07 45.03 42.48
CA GLU C 192 11.21 45.94 43.21
C GLU C 192 9.99 45.26 43.83
N GLY C 193 9.65 44.06 43.37
CA GLY C 193 8.56 43.30 43.93
C GLY C 193 7.37 43.08 43.01
N HIS C 194 7.52 43.25 41.71
CA HIS C 194 6.46 43.05 40.74
C HIS C 194 6.91 42.04 39.70
N VAL C 195 6.07 41.05 39.43
CA VAL C 195 6.42 39.95 38.54
C VAL C 195 5.62 39.96 37.25
N LYS C 196 4.32 40.24 37.32
CA LYS C 196 3.50 40.25 36.12
C LYS C 196 4.04 41.27 35.12
N GLU C 197 4.34 42.48 35.59
CA GLU C 197 4.90 43.49 34.70
C GLU C 197 6.31 43.10 34.25
N ALA C 198 7.11 42.53 35.14
CA ALA C 198 8.42 42.02 34.74
C ALA C 198 8.27 40.90 33.72
N ALA C 199 7.28 40.02 33.93
CA ALA C 199 7.04 38.96 32.96
C ALA C 199 6.68 39.53 31.60
N ALA C 200 5.84 40.56 31.56
CA ALA C 200 5.48 41.18 30.30
C ALA C 200 6.68 41.83 29.62
N LYS C 201 7.53 42.50 30.41
CA LYS C 201 8.73 43.11 29.85
C LYS C 201 9.64 42.06 29.24
N TYR C 202 9.85 40.96 29.96
CA TYR C 202 10.68 39.88 29.44
C TYR C 202 10.05 39.26 28.18
N TYR C 203 8.72 39.12 28.17
CA TYR C 203 8.05 38.58 27.00
C TYR C 203 8.25 39.47 25.79
N ASP C 204 8.14 40.79 25.97
CA ASP C 204 8.33 41.70 24.85
C ASP C 204 9.76 41.67 24.35
N ALA C 205 10.74 41.66 25.27
CA ALA C 205 12.14 41.57 24.85
C ALA C 205 12.41 40.28 24.11
N ILE C 206 11.84 39.17 24.60
CA ILE C 206 12.01 37.88 23.93
C ILE C 206 11.41 37.92 22.54
N ALA C 207 10.23 38.52 22.40
CA ALA C 207 9.61 38.63 21.09
C ALA C 207 10.48 39.44 20.13
N CYS C 208 11.03 40.55 20.60
CA CYS C 208 11.91 41.36 19.76
CA CYS C 208 11.91 41.36 19.76
C CYS C 208 13.14 40.55 19.34
N LEU C 209 13.74 39.82 20.27
CA LEU C 209 14.94 39.06 19.93
C LEU C 209 14.63 37.92 18.96
N LYS C 210 13.54 37.20 19.21
CA LYS C 210 13.18 36.08 18.35
C LYS C 210 12.85 36.54 16.94
N ASN C 211 12.13 37.67 16.83
CA ASN C 211 11.82 38.20 15.50
C ASN C 211 13.09 38.55 14.74
N LEU C 212 14.12 39.05 15.44
CA LEU C 212 15.37 39.40 14.79
C LEU C 212 16.04 38.18 14.18
N GLN C 213 15.98 37.03 14.87
CA GLN C 213 16.64 35.83 14.37
C GLN C 213 16.15 35.46 12.98
N MET C 214 14.89 35.78 12.66
CA MET C 214 14.35 35.44 11.34
C MET C 214 15.12 36.12 10.22
N LYS C 215 15.82 37.21 10.50
CA LYS C 215 16.53 37.95 9.45
C LYS C 215 17.84 37.27 9.04
N GLU C 216 18.35 36.35 9.85
CA GLU C 216 19.61 35.69 9.59
C GLU C 216 19.38 34.21 9.25
N GLN C 217 20.38 33.61 8.62
CA GLN C 217 20.31 32.19 8.29
C GLN C 217 20.59 31.35 9.53
N PRO C 218 19.93 30.20 9.66
CA PRO C 218 20.15 29.38 10.86
C PRO C 218 21.55 28.81 10.91
N GLY C 219 22.07 28.70 12.13
CA GLY C 219 23.36 28.08 12.35
C GLY C 219 24.53 29.02 12.11
N SER C 220 24.27 30.15 11.45
CA SER C 220 25.32 31.10 11.16
C SER C 220 25.81 31.74 12.46
N PRO C 221 27.05 32.23 12.48
CA PRO C 221 27.57 32.84 13.73
C PRO C 221 26.68 33.95 14.26
N GLU C 222 26.09 34.75 13.37
CA GLU C 222 25.17 35.79 13.84
C GLU C 222 23.93 35.19 14.48
N TRP C 223 23.41 34.09 13.91
CA TRP C 223 22.26 33.42 14.50
C TRP C 223 22.59 32.95 15.92
N ILE C 224 23.76 32.32 16.09
CA ILE C 224 24.16 31.87 17.43
C ILE C 224 24.32 33.06 18.36
N GLN C 225 24.92 34.15 17.86
CA GLN C 225 25.10 35.32 18.72
C GLN C 225 23.76 35.85 19.20
N LEU C 226 22.76 35.92 18.31
CA LEU C 226 21.42 36.30 18.72
C LEU C 226 20.85 35.29 19.71
N ASP C 227 21.17 34.01 19.55
CA ASP C 227 20.65 32.96 20.41
C ASP C 227 21.28 32.94 21.79
N GLN C 228 22.46 33.54 21.96
CA GLN C 228 23.11 33.53 23.26
C GLN C 228 22.45 34.52 24.22
N GLN C 229 22.03 35.67 23.72
CA GLN C 229 21.45 36.71 24.57
C GLN C 229 19.97 36.51 24.83
N ILE C 230 19.35 35.48 24.25
CA ILE C 230 17.97 35.15 24.58
C ILE C 230 17.89 34.18 25.75
N THR C 231 18.92 33.35 25.95
CA THR C 231 18.88 32.39 27.05
C THR C 231 18.72 33.08 28.40
N PRO C 232 19.46 34.13 28.73
CA PRO C 232 19.22 34.80 30.01
C PRO C 232 17.80 35.34 30.14
N LEU C 233 17.26 35.91 29.06
CA LEU C 233 15.90 36.45 29.12
C LEU C 233 14.88 35.33 29.29
N LEU C 234 15.07 34.21 28.58
CA LEU C 234 14.15 33.09 28.74
C LEU C 234 14.23 32.51 30.14
N LEU C 235 15.44 32.43 30.70
CA LEU C 235 15.59 31.96 32.08
C LEU C 235 14.89 32.88 33.06
N ASN C 236 15.02 34.20 32.86
CA ASN C 236 14.34 35.15 33.72
C ASN C 236 12.84 35.01 33.61
N TYR C 237 12.34 34.82 32.38
CA TYR C 237 10.90 34.63 32.18
C TYR C 237 10.42 33.36 32.87
N CYS C 238 11.22 32.29 32.80
CA CYS C 238 10.88 31.05 33.51
C CYS C 238 10.82 31.29 35.01
N GLN C 239 11.81 31.99 35.55
CA GLN C 239 11.80 32.29 36.98
C GLN C 239 10.57 33.09 37.37
N CYS C 240 10.21 34.07 36.54
CA CYS C 240 9.04 34.90 36.84
C CYS C 240 7.77 34.06 36.80
N LYS C 241 7.66 33.15 35.83
CA LYS C 241 6.49 32.27 35.78
C LYS C 241 6.44 31.34 36.98
N LEU C 242 7.60 30.87 37.43
CA LEU C 242 7.65 29.95 38.57
C LEU C 242 7.10 30.61 39.83
N VAL C 243 7.44 31.89 40.04
CA VAL C 243 6.91 32.62 41.18
C VAL C 243 5.40 32.79 41.09
N VAL C 244 4.84 32.68 39.87
CA VAL C 244 3.40 32.84 39.67
C VAL C 244 2.65 31.52 39.81
N GLU C 245 3.36 30.41 40.03
CA GLU C 245 2.73 29.10 40.18
C GLU C 245 2.16 28.59 38.86
N GLU C 246 2.94 28.75 37.79
CA GLU C 246 2.58 28.30 36.45
C GLU C 246 3.73 27.43 35.94
N TYR C 247 3.67 26.14 36.25
CA TYR C 247 4.84 25.28 36.14
C TYR C 247 4.98 24.60 34.78
N TYR C 248 3.88 24.36 34.07
CA TYR C 248 3.99 23.65 32.79
C TYR C 248 4.66 24.52 31.73
N GLU C 249 4.40 25.83 31.74
CA GLU C 249 5.14 26.73 30.85
C GLU C 249 6.62 26.71 31.16
N VAL C 250 6.97 26.72 32.45
CA VAL C 250 8.37 26.64 32.84
C VAL C 250 8.99 25.35 32.34
N LEU C 251 8.25 24.23 32.46
CA LEU C 251 8.75 22.95 31.96
C LEU C 251 9.03 23.04 30.47
N ASP C 252 8.08 23.57 29.70
CA ASP C 252 8.26 23.67 28.26
C ASP C 252 9.49 24.49 27.90
N HIS C 253 9.63 25.67 28.51
CA HIS C 253 10.74 26.55 28.15
C HIS C 253 12.08 25.98 28.59
N CYS C 254 12.14 25.40 29.79
CA CYS C 254 13.38 24.79 30.25
C CYS C 254 13.77 23.60 29.38
N SER C 255 12.79 22.79 28.97
CA SER C 255 13.08 21.70 28.05
C SER C 255 13.61 22.22 26.73
N SER C 256 13.01 23.32 26.23
N SER C 256 13.01 23.32 26.23
CA SER C 256 13.49 23.92 24.99
CA SER C 256 13.50 23.91 24.99
C SER C 256 14.94 24.35 25.12
C SER C 256 14.94 24.35 25.12
N ILE C 257 15.29 24.97 26.25
CA ILE C 257 16.68 25.38 26.48
C ILE C 257 17.60 24.16 26.53
N LEU C 258 17.17 23.12 27.25
CA LEU C 258 18.05 21.97 27.49
C LEU C 258 18.29 21.17 26.22
N ASN C 259 17.27 21.06 25.36
CA ASN C 259 17.43 20.28 24.13
CA ASN C 259 17.44 20.29 24.13
C ASN C 259 18.56 20.84 23.27
N LYS C 260 18.88 22.12 23.42
CA LYS C 260 19.90 22.78 22.61
C LYS C 260 21.21 22.99 23.34
N TYR C 261 21.18 23.20 24.66
CA TYR C 261 22.41 23.39 25.43
C TYR C 261 22.78 22.20 26.29
N ASP C 262 21.82 21.62 27.01
CA ASP C 262 22.06 20.46 27.87
C ASP C 262 23.26 20.66 28.80
N ASP C 263 23.63 21.92 29.07
CA ASP C 263 24.74 22.21 29.97
C ASP C 263 24.46 23.40 30.88
N ASN C 264 23.24 23.93 30.88
CA ASN C 264 22.90 25.09 31.70
C ASN C 264 22.43 24.61 33.06
N VAL C 265 23.20 24.93 34.10
CA VAL C 265 22.83 24.51 35.46
C VAL C 265 21.53 25.16 35.89
N LYS C 266 21.34 26.44 35.54
CA LYS C 266 20.12 27.14 35.92
C LYS C 266 18.90 26.52 35.25
N ALA C 267 19.03 26.15 33.98
CA ALA C 267 17.90 25.52 33.28
C ALA C 267 17.52 24.21 33.95
N TYR C 268 18.51 23.37 34.28
CA TYR C 268 18.22 22.11 34.93
C TYR C 268 17.59 22.33 36.30
N PHE C 269 18.11 23.31 37.05
CA PHE C 269 17.56 23.58 38.38
C PHE C 269 16.10 24.01 38.29
N LYS C 270 15.80 24.92 37.37
CA LYS C 270 14.41 25.38 37.22
C LYS C 270 13.51 24.27 36.75
N ARG C 271 13.98 23.44 35.81
CA ARG C 271 13.17 22.32 35.35
C ARG C 271 12.88 21.35 36.49
N GLY C 272 13.89 21.04 37.31
CA GLY C 272 13.66 20.15 38.44
C GLY C 272 12.71 20.74 39.45
N LYS C 273 12.83 22.04 39.72
CA LYS C 273 11.91 22.69 40.65
C LYS C 273 10.48 22.63 40.12
N ALA C 274 10.29 22.89 38.83
CA ALA C 274 8.95 22.80 38.24
C ALA C 274 8.41 21.39 38.33
N HIS C 275 9.25 20.39 38.02
CA HIS C 275 8.81 19.00 38.12
C HIS C 275 8.39 18.66 39.54
N ALA C 276 9.17 19.09 40.53
CA ALA C 276 8.81 18.81 41.92
C ALA C 276 7.52 19.52 42.30
N ALA C 277 7.25 20.69 41.73
CA ALA C 277 6.03 21.41 42.05
C ALA C 277 4.80 20.62 41.60
N VAL C 278 4.86 20.01 40.42
CA VAL C 278 3.71 19.31 39.86
C VAL C 278 3.74 17.81 40.19
N TRP C 279 4.54 17.40 41.18
CA TRP C 279 4.58 16.02 41.66
C TRP C 279 5.20 15.08 40.64
N ASN C 280 6.20 15.54 39.88
CA ASN C 280 6.96 14.70 38.97
C ASN C 280 8.25 14.28 39.69
N ALA C 281 8.11 13.30 40.57
CA ALA C 281 9.20 12.95 41.48
C ALA C 281 10.43 12.47 40.72
N GLN C 282 10.25 11.48 39.83
CA GLN C 282 11.41 10.86 39.19
C GLN C 282 12.17 11.88 38.34
N GLU C 283 11.44 12.67 37.55
CA GLU C 283 12.10 13.66 36.69
C GLU C 283 12.78 14.75 37.50
N ALA C 284 12.15 15.20 38.59
CA ALA C 284 12.80 16.18 39.45
C ALA C 284 14.09 15.64 40.04
N GLN C 285 14.05 14.38 40.51
CA GLN C 285 15.26 13.78 41.06
C GLN C 285 16.35 13.67 40.00
N ALA C 286 15.98 13.25 38.79
CA ALA C 286 16.97 13.14 37.73
C ALA C 286 17.57 14.50 37.38
N ASP C 287 16.75 15.54 37.31
CA ASP C 287 17.25 16.86 36.98
C ASP C 287 18.20 17.37 38.05
N PHE C 288 17.85 17.17 39.32
CA PHE C 288 18.73 17.59 40.41
C PHE C 288 20.04 16.79 40.40
N ALA C 289 19.95 15.50 40.07
CA ALA C 289 21.16 14.70 39.97
C ALA C 289 22.06 15.20 38.85
N LYS C 290 21.48 15.57 37.71
CA LYS C 290 22.27 16.15 36.64
C LYS C 290 22.90 17.47 37.07
N VAL C 291 22.15 18.28 37.83
CA VAL C 291 22.71 19.52 38.37
C VAL C 291 23.94 19.21 39.21
N LEU C 292 23.81 18.21 40.10
CA LEU C 292 24.93 17.85 40.97
C LEU C 292 26.13 17.39 40.16
N GLU C 293 25.91 16.47 39.21
CA GLU C 293 27.03 15.89 38.48
C GLU C 293 27.60 16.83 37.43
N LEU C 294 26.93 17.95 37.15
CA LEU C 294 27.42 18.96 36.22
C LEU C 294 28.12 20.11 36.93
N ASP C 295 27.51 20.64 38.00
CA ASP C 295 28.10 21.69 38.82
C ASP C 295 27.99 21.27 40.28
N PRO C 296 28.91 20.44 40.77
CA PRO C 296 28.81 19.93 42.14
C PRO C 296 29.02 20.98 43.22
N ALA C 297 29.30 22.23 42.85
CA ALA C 297 29.70 23.22 43.85
C ALA C 297 28.61 23.45 44.88
N LEU C 298 27.36 23.59 44.44
CA LEU C 298 26.25 23.94 45.33
C LEU C 298 25.43 22.67 45.59
N ALA C 299 25.87 21.92 46.59
CA ALA C 299 25.17 20.71 47.04
C ALA C 299 24.00 21.03 47.96
N PRO C 300 24.17 21.88 48.99
CA PRO C 300 23.14 21.95 50.03
C PRO C 300 21.78 22.39 49.52
N VAL C 301 21.72 23.28 48.53
CA VAL C 301 20.43 23.75 48.02
C VAL C 301 19.66 22.59 47.38
N VAL C 302 20.36 21.80 46.56
CA VAL C 302 19.70 20.66 45.92
C VAL C 302 19.29 19.63 46.98
N SER C 303 20.13 19.43 48.00
CA SER C 303 19.78 18.49 49.05
CA SER C 303 19.78 18.49 49.05
C SER C 303 18.52 18.94 49.80
N ARG C 304 18.42 20.23 50.10
CA ARG C 304 17.23 20.73 50.77
C ARG C 304 16.00 20.58 49.88
N GLU C 305 16.15 20.84 48.58
CA GLU C 305 15.03 20.65 47.67
C GLU C 305 14.58 19.20 47.65
N LEU C 306 15.54 18.27 47.58
CA LEU C 306 15.21 16.86 47.57
C LEU C 306 14.51 16.45 48.85
N GLN C 307 15.00 16.93 49.99
CA GLN C 307 14.39 16.54 51.26
C GLN C 307 13.00 17.12 51.41
N ALA C 308 12.77 18.35 50.92
CA ALA C 308 11.43 18.92 50.96
C ALA C 308 10.48 18.12 50.07
N LEU C 309 10.94 17.75 48.87
CA LEU C 309 10.12 16.92 47.99
C LEU C 309 9.80 15.59 48.64
N GLU C 310 10.80 14.98 49.30
CA GLU C 310 10.59 13.69 49.95
C GLU C 310 9.58 13.82 51.09
N ALA C 311 9.68 14.89 51.87
CA ALA C 311 8.72 15.10 52.95
C ALA C 311 7.31 15.28 52.42
N ARG C 312 7.16 16.06 51.35
CA ARG C 312 5.84 16.25 50.75
C ARG C 312 5.29 14.91 50.24
N ILE C 313 6.14 14.12 49.57
CA ILE C 313 5.70 12.84 49.04
C ILE C 313 5.30 11.91 50.17
N ARG C 314 6.07 11.89 51.26
CA ARG C 314 5.73 11.02 52.39
C ARG C 314 4.42 11.43 53.02
N GLN C 315 4.19 12.73 53.18
CA GLN C 315 2.92 13.20 53.74
C GLN C 315 1.75 12.78 52.86
N LYS C 316 1.90 12.96 51.54
CA LYS C 316 0.82 12.57 50.63
C LYS C 316 0.61 11.06 50.65
N ASP C 317 1.68 10.28 50.76
CA ASP C 317 1.55 8.83 50.84
C ASP C 317 0.80 8.42 52.10
N GLU C 318 1.11 9.09 53.21
CA GLU C 318 0.42 8.81 54.49
C GLU C 318 -1.07 9.12 54.30
N GLU C 319 -1.38 10.26 53.67
CA GLU C 319 -2.77 10.65 53.45
C GLU C 319 -3.50 9.64 52.58
N ASP C 320 -2.86 9.17 51.51
CA ASP C 320 -3.46 8.17 50.63
C ASP C 320 -3.71 6.86 51.39
N LYS C 321 -2.72 6.45 52.19
CA LYS C 321 -2.87 5.23 53.04
C LYS C 321 -4.21 5.34 53.75
N ALA C 322 -4.58 6.53 54.22
CA ALA C 322 -5.87 6.78 54.90
C ALA C 322 -7.01 6.55 53.92
N ARG C 323 -7.03 7.26 52.79
CA ARG C 323 -8.07 7.10 51.74
C ARG C 323 -8.24 5.61 51.47
N PHE C 324 -7.17 4.93 51.05
CA PHE C 324 -7.20 3.48 50.72
C PHE C 324 -7.05 2.67 52.00
N ARG C 325 -8.16 2.35 52.67
CA ARG C 325 -8.15 1.54 53.92
C ARG C 325 -9.46 0.76 53.99
N GLY C 326 -9.40 -0.57 54.12
CA GLY C 326 -10.60 -1.41 54.13
C GLY C 326 -11.43 -1.16 52.89
N ILE C 327 -10.82 -0.65 51.82
CA ILE C 327 -11.52 -0.34 50.54
C ILE C 327 -12.26 -1.60 50.12
N PHE C 328 -11.75 -2.78 50.48
CA PHE C 328 -12.37 -4.06 50.13
C PHE C 328 -13.23 -4.61 51.26
N SER C 329 -12.77 -4.51 52.50
CA SER C 329 -13.54 -5.01 53.63
C SER C 329 -14.24 -3.87 54.36
N LEU D 274 -8.85 -27.85 10.66
CA LEU D 274 -8.27 -26.65 11.24
C LEU D 274 -7.15 -26.10 10.34
N GLN D 275 -7.35 -24.88 9.85
CA GLN D 275 -6.38 -24.28 8.96
C GLN D 275 -5.16 -23.83 9.76
N PRO D 276 -3.95 -24.23 9.37
CA PRO D 276 -2.77 -23.76 10.09
C PRO D 276 -2.53 -22.29 9.82
N PRO D 277 -1.86 -21.60 10.74
CA PRO D 277 -1.58 -20.17 10.51
C PRO D 277 -0.87 -19.90 9.20
N SER D 278 -1.54 -19.19 8.30
CA SER D 278 -0.98 -18.75 7.03
C SER D 278 -0.96 -17.22 7.01
N ILE D 279 -0.62 -16.65 5.86
CA ILE D 279 -0.36 -15.22 5.77
C ILE D 279 -1.35 -14.54 4.83
N LEU D 280 -2.60 -14.98 4.86
CA LEU D 280 -3.66 -14.30 4.10
C LEU D 280 -3.73 -12.83 4.49
N GLU D 281 -3.69 -11.95 3.49
CA GLU D 281 -3.67 -10.51 3.72
C GLU D 281 -4.42 -9.79 2.62
N ILE D 282 -5.14 -8.73 2.99
CA ILE D 282 -5.90 -7.96 2.01
C ILE D 282 -4.97 -7.24 1.04
N ARG D 283 -3.82 -6.78 1.52
CA ARG D 283 -2.86 -6.06 0.70
C ARG D 283 -3.43 -4.74 0.18
N THR D 284 -3.75 -3.86 1.12
CA THR D 284 -4.18 -2.51 0.78
C THR D 284 -3.13 -1.82 -0.09
N LYS D 285 -3.55 -0.77 -0.79
CA LYS D 285 -2.68 -0.01 -1.67
C LYS D 285 -2.58 1.43 -1.18
N ASN D 286 -1.35 1.91 -1.02
CA ASN D 286 -1.09 3.26 -0.56
C ASN D 286 -0.67 4.14 -1.74
N PHE D 287 -0.39 5.41 -1.44
CA PHE D 287 0.06 6.35 -2.47
C PHE D 287 1.24 7.18 -2.01
N ILE D 288 1.91 6.79 -0.92
CA ILE D 288 3.06 7.52 -0.42
C ILE D 288 4.22 7.39 -1.39
N PHE D 289 4.99 8.46 -1.55
CA PHE D 289 6.13 8.45 -2.44
C PHE D 289 7.21 9.36 -1.87
N ARG D 290 8.46 9.06 -2.24
CA ARG D 290 9.62 9.82 -1.79
C ARG D 290 10.10 10.75 -2.90
N THR D 291 10.81 11.80 -2.49
CA THR D 291 11.43 12.73 -3.43
C THR D 291 12.74 13.22 -2.83
N LYS D 292 13.61 13.74 -3.71
CA LYS D 292 14.91 14.27 -3.31
C LYS D 292 14.95 15.76 -3.63
N HIS D 293 15.51 16.54 -2.71
CA HIS D 293 15.49 17.99 -2.82
C HIS D 293 16.86 18.57 -2.51
N LYS D 294 17.11 19.75 -3.05
CA LYS D 294 18.30 20.52 -2.71
C LYS D 294 18.09 21.26 -1.40
N LEU D 295 19.19 21.78 -0.84
CA LEU D 295 19.12 22.41 0.48
C LEU D 295 18.17 23.59 0.50
N ASP D 296 17.89 24.20 -0.64
CA ASP D 296 16.81 25.17 -0.75
C ASP D 296 15.49 24.54 -1.14
N PHE D 297 15.40 23.21 -1.06
CA PHE D 297 14.18 22.47 -1.40
C PHE D 297 13.92 22.50 -2.90
N THR D 298 14.97 22.36 -3.69
CA THR D 298 14.82 22.24 -5.14
C THR D 298 14.57 20.78 -5.49
N PRO D 299 13.45 20.44 -6.12
CA PRO D 299 13.16 19.03 -6.42
C PRO D 299 14.07 18.46 -7.49
N ILE D 300 14.98 17.56 -7.08
CA ILE D 300 15.91 16.89 -7.99
C ILE D 300 15.77 15.39 -7.75
N GLY D 301 14.88 14.74 -8.49
CA GLY D 301 14.62 13.33 -8.30
C GLY D 301 13.29 13.09 -7.61
N CYS D 302 12.56 12.07 -8.05
CA CYS D 302 11.24 11.79 -7.50
C CYS D 302 10.81 10.40 -7.93
N ASP D 303 9.81 9.88 -7.24
CA ASP D 303 9.22 8.59 -7.57
C ASP D 303 8.28 8.71 -8.76
N ALA D 304 8.00 7.58 -9.38
CA ALA D 304 7.03 7.56 -10.48
C ALA D 304 5.64 7.96 -9.98
N LYS D 305 5.25 7.46 -8.81
CA LYS D 305 3.98 7.87 -8.22
C LYS D 305 3.95 9.36 -7.97
N GLY D 306 5.08 9.94 -7.56
CA GLY D 306 5.14 11.38 -7.38
C GLY D 306 4.88 12.14 -8.67
N ARG D 307 5.47 11.68 -9.77
CA ARG D 307 5.21 12.30 -11.06
C ARG D 307 3.75 12.17 -11.46
N ILE D 308 3.17 10.99 -11.25
CA ILE D 308 1.76 10.78 -11.57
C ILE D 308 0.85 11.64 -10.70
N VAL D 309 1.30 12.00 -9.50
CA VAL D 309 0.53 12.89 -8.63
C VAL D 309 0.83 14.33 -9.02
N LEU D 310 2.10 14.71 -8.99
CA LEU D 310 2.54 16.04 -9.39
C LEU D 310 3.10 15.92 -10.81
N GLY D 311 2.22 16.03 -11.80
CA GLY D 311 2.63 15.91 -13.19
C GLY D 311 3.76 16.86 -13.54
N TYR D 312 4.95 16.32 -13.77
CA TYR D 312 6.12 17.14 -14.05
C TYR D 312 7.20 16.27 -14.67
N THR D 313 7.74 16.72 -15.79
CA THR D 313 8.88 16.05 -16.39
C THR D 313 10.12 16.25 -15.51
N GLU D 314 11.04 15.29 -15.58
CA GLU D 314 12.26 15.40 -14.79
C GLU D 314 13.06 16.62 -15.19
N ALA D 315 13.15 16.89 -16.49
CA ALA D 315 13.91 18.05 -16.95
C ALA D 315 13.32 19.36 -16.42
N GLU D 316 11.98 19.46 -16.44
CA GLU D 316 11.34 20.68 -15.95
C GLU D 316 11.51 20.80 -14.44
N LEU D 317 11.21 19.73 -13.70
CA LEU D 317 11.15 19.80 -12.25
C LEU D 317 12.44 20.36 -11.66
N CYS D 318 13.59 19.83 -12.08
CA CYS D 318 14.87 20.29 -11.56
C CYS D 318 15.21 21.71 -11.99
N THR D 319 14.54 22.22 -13.02
CA THR D 319 14.89 23.52 -13.58
C THR D 319 13.71 24.49 -13.51
N ARG D 320 13.05 24.54 -12.35
CA ARG D 320 11.86 25.37 -12.18
C ARG D 320 12.08 26.54 -11.23
N GLY D 321 12.54 26.27 -10.01
CA GLY D 321 12.67 27.34 -9.05
C GLY D 321 13.48 26.93 -7.84
N SER D 322 13.36 27.74 -6.79
CA SER D 322 14.13 27.56 -5.55
C SER D 322 13.35 26.81 -4.48
N GLY D 323 12.36 26.01 -4.88
CA GLY D 323 11.62 25.22 -3.92
C GLY D 323 10.37 25.89 -3.39
N TYR D 324 10.52 27.07 -2.79
CA TYR D 324 9.37 27.77 -2.23
C TYR D 324 8.45 28.34 -3.31
N GLN D 325 8.87 28.31 -4.58
CA GLN D 325 7.97 28.73 -5.66
C GLN D 325 6.82 27.74 -5.86
N PHE D 326 6.93 26.53 -5.30
CA PHE D 326 5.90 25.52 -5.44
C PHE D 326 4.84 25.60 -4.35
N ILE D 327 5.03 26.43 -3.33
CA ILE D 327 4.17 26.45 -2.16
C ILE D 327 3.08 27.49 -2.33
N HIS D 328 1.89 27.19 -1.82
CA HIS D 328 0.83 28.17 -1.78
C HIS D 328 1.21 29.31 -0.84
N ALA D 329 0.74 30.51 -1.16
CA ALA D 329 1.14 31.70 -0.41
C ALA D 329 0.72 31.60 1.05
N ALA D 330 -0.49 31.11 1.31
CA ALA D 330 -1.00 31.07 2.67
C ALA D 330 -0.16 30.18 3.58
N ASP D 331 0.44 29.13 3.02
CA ASP D 331 1.22 28.18 3.81
C ASP D 331 2.71 28.55 3.87
N MET D 332 3.09 29.68 3.28
CA MET D 332 4.51 29.97 3.11
C MET D 332 5.22 30.09 4.45
N LEU D 333 4.63 30.84 5.38
CA LEU D 333 5.23 30.97 6.72
C LEU D 333 5.20 29.64 7.47
N TYR D 334 4.12 28.88 7.31
CA TYR D 334 4.05 27.56 7.92
C TYR D 334 5.21 26.68 7.46
N CYS D 335 5.42 26.62 6.14
CA CYS D 335 6.51 25.81 5.60
C CYS D 335 7.87 26.36 5.99
N ALA D 336 8.02 27.69 6.08
CA ALA D 336 9.29 28.24 6.54
C ALA D 336 9.60 27.83 7.96
N GLU D 337 8.59 27.87 8.84
CA GLU D 337 8.80 27.42 10.22
C GLU D 337 9.16 25.95 10.28
N SER D 338 8.47 25.13 9.48
CA SER D 338 8.80 23.71 9.45
C SER D 338 10.22 23.47 8.92
N HIS D 339 10.63 24.26 7.93
CA HIS D 339 11.98 24.15 7.38
C HIS D 339 13.03 24.49 8.43
N ILE D 340 12.80 25.55 9.21
CA ILE D 340 13.72 25.90 10.29
C ILE D 340 13.74 24.79 11.32
N ARG D 341 12.57 24.23 11.65
CA ARG D 341 12.52 23.12 12.60
C ARG D 341 13.33 21.94 12.11
N MET D 342 13.24 21.62 10.82
CA MET D 342 14.02 20.51 10.27
C MET D 342 15.50 20.81 10.33
N ILE D 343 15.91 22.02 9.96
CA ILE D 343 17.34 22.36 10.00
C ILE D 343 17.87 22.22 11.41
N LYS D 344 17.08 22.63 12.41
CA LYS D 344 17.54 22.55 13.79
C LYS D 344 17.58 21.11 14.28
N THR D 345 16.43 20.42 14.25
CA THR D 345 16.32 19.06 14.76
C THR D 345 16.78 18.01 13.77
N GLY D 346 17.02 18.38 12.51
CA GLY D 346 17.37 17.43 11.49
C GLY D 346 16.21 16.80 10.76
N GLU D 347 14.97 17.12 11.14
CA GLU D 347 13.80 16.60 10.45
C GLU D 347 12.55 17.33 10.90
N SER D 348 11.74 17.80 9.95
CA SER D 348 10.48 18.46 10.25
C SER D 348 9.37 17.42 10.33
N GLY D 349 8.58 17.48 11.39
CA GLY D 349 7.50 16.52 11.58
C GLY D 349 6.44 16.60 10.50
N MET D 350 5.35 15.87 10.68
CA MET D 350 4.27 15.88 9.69
C MET D 350 3.70 17.27 9.53
N ILE D 351 3.60 17.73 8.28
CA ILE D 351 3.00 19.01 7.95
C ILE D 351 2.07 18.80 6.76
N VAL D 352 1.08 19.68 6.65
CA VAL D 352 0.11 19.64 5.57
C VAL D 352 0.05 21.02 4.91
N PHE D 353 0.11 21.04 3.59
CA PHE D 353 0.11 22.29 2.84
C PHE D 353 -0.26 21.97 1.39
N ARG D 354 -0.16 22.98 0.53
CA ARG D 354 -0.60 22.89 -0.86
C ARG D 354 0.59 23.02 -1.80
N LEU D 355 0.61 22.19 -2.83
CA LEU D 355 1.64 22.24 -3.87
C LEU D 355 1.04 22.80 -5.15
N LEU D 356 1.90 23.43 -5.96
CA LEU D 356 1.50 23.99 -7.25
C LEU D 356 1.89 22.99 -8.33
N THR D 357 0.89 22.30 -8.87
CA THR D 357 1.12 21.35 -9.94
C THR D 357 1.43 22.09 -11.24
N LYS D 358 1.80 21.32 -12.27
CA LYS D 358 2.03 21.91 -13.58
C LYS D 358 0.79 22.62 -14.11
N ASN D 359 -0.39 22.10 -13.81
CA ASN D 359 -1.66 22.68 -14.24
C ASN D 359 -2.03 23.92 -13.46
N ASN D 360 -1.12 24.50 -12.68
CA ASN D 360 -1.42 25.66 -11.85
C ASN D 360 -2.50 25.34 -10.82
N ARG D 361 -2.59 24.08 -10.43
CA ARG D 361 -3.54 23.63 -9.43
C ARG D 361 -2.87 23.60 -8.05
N TRP D 362 -3.70 23.39 -7.03
CA TRP D 362 -3.24 23.29 -5.65
C TRP D 362 -3.78 21.99 -5.04
N THR D 363 -2.88 21.06 -4.75
CA THR D 363 -3.23 19.80 -4.13
C THR D 363 -2.61 19.71 -2.74
N TRP D 364 -3.36 19.15 -1.80
CA TRP D 364 -2.90 19.02 -0.42
C TRP D 364 -1.99 17.80 -0.28
N VAL D 365 -0.88 17.99 0.43
CA VAL D 365 0.06 16.91 0.69
C VAL D 365 0.38 16.87 2.18
N GLN D 366 0.69 15.68 2.67
CA GLN D 366 1.13 15.45 4.03
C GLN D 366 2.57 14.94 3.95
N SER D 367 3.52 15.79 4.34
CA SER D 367 4.93 15.55 4.08
C SER D 367 5.74 15.55 5.37
N ASN D 368 6.81 14.76 5.36
CA ASN D 368 7.84 14.79 6.38
C ASN D 368 9.18 14.85 5.66
N ALA D 369 10.03 15.81 6.03
CA ALA D 369 11.30 16.04 5.37
C ALA D 369 12.44 15.74 6.32
N ARG D 370 13.44 15.00 5.82
CA ARG D 370 14.63 14.67 6.58
C ARG D 370 15.85 15.31 5.94
N LEU D 371 16.83 15.64 6.77
CA LEU D 371 18.08 16.25 6.32
C LEU D 371 19.20 15.23 6.45
N LEU D 372 19.98 15.08 5.39
CA LEU D 372 21.10 14.14 5.34
C LEU D 372 22.42 14.90 5.27
N TYR D 373 23.42 14.40 5.99
CA TYR D 373 24.71 15.06 6.11
C TYR D 373 25.77 14.20 5.45
N LYS D 374 26.48 14.77 4.47
CA LYS D 374 27.56 14.05 3.81
C LYS D 374 28.68 13.74 4.80
N ASN D 375 29.32 14.79 5.33
CA ASN D 375 30.38 14.64 6.34
C ASN D 375 30.26 15.82 7.29
N GLY D 376 29.43 15.66 8.32
CA GLY D 376 29.23 16.72 9.31
C GLY D 376 28.42 17.88 8.80
N ARG D 377 28.08 17.87 7.51
CA ARG D 377 27.31 18.94 6.91
C ARG D 377 26.15 18.37 6.11
N PRO D 378 25.01 19.06 6.07
CA PRO D 378 23.87 18.56 5.30
C PRO D 378 24.20 18.51 3.81
N ASP D 379 23.65 17.50 3.14
CA ASP D 379 23.88 17.30 1.72
C ASP D 379 22.61 17.43 0.90
N TYR D 380 21.54 16.74 1.27
CA TYR D 380 20.28 16.82 0.55
C TYR D 380 19.15 16.43 1.48
N ILE D 381 17.92 16.64 1.01
CA ILE D 381 16.71 16.38 1.79
C ILE D 381 15.89 15.33 1.07
N ILE D 382 15.43 14.33 1.83
CA ILE D 382 14.50 13.31 1.33
C ILE D 382 13.14 13.55 1.96
N VAL D 383 12.12 13.66 1.13
CA VAL D 383 10.77 13.99 1.57
C VAL D 383 9.85 12.83 1.26
N THR D 384 9.13 12.35 2.27
CA THR D 384 8.08 11.35 2.12
C THR D 384 6.74 12.05 2.31
N GLN D 385 5.89 11.99 1.29
CA GLN D 385 4.62 12.70 1.32
C GLN D 385 3.50 11.82 0.79
N ARG D 386 2.28 12.14 1.22
CA ARG D 386 1.08 11.43 0.82
C ARG D 386 0.07 12.43 0.30
N PRO D 387 -0.58 12.16 -0.83
CA PRO D 387 -1.61 13.09 -1.33
C PRO D 387 -2.85 13.03 -0.47
N LEU D 388 -3.50 14.19 -0.30
CA LEU D 388 -4.72 14.31 0.47
C LEU D 388 -5.85 14.86 -0.40
N THR D 389 -7.08 14.56 0.01
CA THR D 389 -8.25 15.14 -0.63
C THR D 389 -8.51 16.53 -0.08
N ASP D 390 -9.40 17.26 -0.76
CA ASP D 390 -9.67 18.65 -0.39
C ASP D 390 -10.30 18.74 1.00
N GLU D 391 -11.22 17.84 1.32
CA GLU D 391 -11.88 17.91 2.62
C GLU D 391 -10.89 17.73 3.76
N GLU D 392 -10.04 16.70 3.66
CA GLU D 392 -9.05 16.44 4.70
C GLU D 392 -8.05 17.58 4.82
N GLY D 393 -7.57 18.10 3.68
CA GLY D 393 -6.64 19.21 3.71
C GLY D 393 -7.25 20.45 4.33
N THR D 394 -8.49 20.75 3.99
CA THR D 394 -9.17 21.90 4.58
C THR D 394 -9.36 21.72 6.08
N GLU D 395 -9.72 20.51 6.51
CA GLU D 395 -9.84 20.25 7.94
C GLU D 395 -8.51 20.44 8.66
N HIS D 396 -7.42 19.94 8.07
CA HIS D 396 -6.11 20.11 8.69
C HIS D 396 -5.72 21.57 8.76
N LEU D 397 -6.01 22.33 7.69
CA LEU D 397 -5.71 23.76 7.70
C LEU D 397 -6.52 24.48 8.78
N ARG D 398 -7.78 24.07 8.96
CA ARG D 398 -8.62 24.70 9.97
C ARG D 398 -8.04 24.50 11.37
N LYS D 399 -7.46 23.32 11.63
CA LYS D 399 -6.88 23.02 12.93
C LYS D 399 -5.46 23.55 13.08
N ARG D 400 -4.91 24.18 12.05
CA ARG D 400 -3.54 24.68 12.13
C ARG D 400 -3.45 25.75 13.22
N ASN D 401 -2.36 25.69 13.99
CA ASN D 401 -2.15 26.65 15.07
C ASN D 401 -1.98 28.06 14.50
N THR D 402 -2.60 29.03 15.17
CA THR D 402 -2.58 30.41 14.72
C THR D 402 -1.80 31.35 15.63
N LYS D 403 -1.44 30.93 16.84
CA LYS D 403 -0.74 31.78 17.79
C LYS D 403 0.69 31.26 17.95
N LEU D 404 1.67 32.10 17.62
CA LEU D 404 3.06 31.75 17.83
C LEU D 404 3.39 31.75 19.32
N PRO D 405 4.37 30.95 19.73
CA PRO D 405 4.70 30.89 21.17
C PRO D 405 5.16 32.22 21.74
N PHE D 406 5.87 33.03 20.95
CA PHE D 406 6.51 34.25 21.45
C PHE D 406 6.25 35.42 20.48
N MET D 407 4.97 35.60 20.11
CA MET D 407 4.61 36.73 19.27
C MET D 407 4.72 38.02 20.07
N PHE D 408 4.30 39.14 19.49
CA PHE D 408 4.43 40.45 20.12
C PHE D 408 3.07 40.97 20.60
N THR D 409 2.25 40.08 21.13
CA THR D 409 0.95 40.44 21.69
C THR D 409 0.13 41.24 20.69
N THR D 410 -0.86 42.00 21.18
CA THR D 410 -1.78 42.74 20.32
C THR D 410 -1.15 44.08 19.96
N GLY D 411 -0.30 44.05 18.94
CA GLY D 411 0.24 45.26 18.37
C GLY D 411 -0.41 45.62 17.05
N GLU D 412 -1.48 44.91 16.70
CA GLU D 412 -2.17 45.10 15.43
C GLU D 412 -1.19 45.03 14.27
N ALA D 413 -0.23 44.10 14.38
CA ALA D 413 0.78 43.95 13.34
C ALA D 413 0.14 43.59 12.00
N VAL D 414 -0.98 42.86 12.03
CA VAL D 414 -1.67 42.53 10.79
C VAL D 414 -2.43 43.73 10.23
N LEU D 415 -2.67 44.75 11.05
CA LEU D 415 -3.38 45.95 10.62
C LEU D 415 -2.42 47.06 10.18
N TYR D 416 -1.53 47.49 11.08
CA TYR D 416 -0.68 48.64 10.80
C TYR D 416 0.23 48.37 9.60
N GLU D 417 1.13 47.40 9.73
CA GLU D 417 2.12 47.12 8.69
C GLU D 417 1.91 45.78 8.01
N ALA D 418 1.86 44.68 8.76
CA ALA D 418 1.62 43.35 8.21
C ALA D 418 2.58 43.02 7.07
N THR D 419 3.68 43.76 6.95
CA THR D 419 4.60 43.67 5.81
C THR D 419 5.99 43.35 6.36
N ASN D 420 6.28 42.08 6.48
CA ASN D 420 7.59 41.63 6.93
C ASN D 420 8.45 41.22 5.74
N PRO D 421 9.78 41.41 5.85
CA PRO D 421 10.63 41.09 4.70
C PRO D 421 10.60 39.62 4.31
N PHE D 422 10.17 38.74 5.24
CA PHE D 422 9.98 37.28 5.18
C PHE D 422 11.26 36.68 5.76
N PRO D 423 11.16 35.46 6.32
CA PRO D 423 12.41 34.94 6.90
C PRO D 423 13.54 34.75 5.90
N ALA D 424 14.78 34.76 6.42
CA ALA D 424 15.90 34.60 5.51
C ALA D 424 16.08 33.15 5.05
N ILE D 425 15.45 32.19 5.74
CA ILE D 425 15.58 30.79 5.36
C ILE D 425 15.12 30.60 3.92
N MET D 426 14.19 31.41 3.45
CA MET D 426 13.69 31.30 2.08
C MET D 426 14.59 32.00 1.07
N ASP D 427 15.57 32.77 1.51
CA ASP D 427 16.38 33.53 0.58
C ASP D 427 17.18 32.59 -0.32
N PRO D 428 17.40 32.98 -1.58
CA PRO D 428 18.13 32.08 -2.50
C PRO D 428 19.50 31.74 -1.97
N LEU D 429 19.84 30.46 -2.01
CA LEU D 429 21.13 29.98 -1.53
C LEU D 429 21.40 30.46 -0.10
#